data_4CHJ
# 
_entry.id   4CHJ 
# 
_audit_conform.dict_name       mmcif_pdbx.dic 
_audit_conform.dict_version    5.391 
_audit_conform.dict_location   http://mmcif.pdb.org/dictionaries/ascii/mmcif_pdbx.dic 
# 
loop_
_database_2.database_id 
_database_2.database_code 
_database_2.pdbx_database_accession 
_database_2.pdbx_DOI 
PDB   4CHJ         pdb_00004chj 10.2210/pdb4chj/pdb 
PDBE  EBI-59138    ?            ?                   
WWPDB D_1290059138 ?            ?                   
# 
loop_
_pdbx_audit_revision_history.ordinal 
_pdbx_audit_revision_history.data_content_type 
_pdbx_audit_revision_history.major_revision 
_pdbx_audit_revision_history.minor_revision 
_pdbx_audit_revision_history.revision_date 
1 'Structure model' 1 0 2014-04-09 
2 'Structure model' 1 1 2014-08-27 
3 'Structure model' 1 2 2024-05-01 
# 
_pdbx_audit_revision_details.ordinal             1 
_pdbx_audit_revision_details.revision_ordinal    1 
_pdbx_audit_revision_details.data_content_type   'Structure model' 
_pdbx_audit_revision_details.provider            repository 
_pdbx_audit_revision_details.type                'Initial release' 
_pdbx_audit_revision_details.description         ? 
_pdbx_audit_revision_details.details             ? 
# 
loop_
_pdbx_audit_revision_group.ordinal 
_pdbx_audit_revision_group.revision_ordinal 
_pdbx_audit_revision_group.data_content_type 
_pdbx_audit_revision_group.group 
1 2 'Structure model' 'Database references'    
2 3 'Structure model' 'Data collection'        
3 3 'Structure model' 'Database references'    
4 3 'Structure model' 'Derived calculations'   
5 3 'Structure model' Other                    
6 3 'Structure model' 'Refinement description' 
# 
loop_
_pdbx_audit_revision_category.ordinal 
_pdbx_audit_revision_category.revision_ordinal 
_pdbx_audit_revision_category.data_content_type 
_pdbx_audit_revision_category.category 
1 3 'Structure model' chem_comp_atom                
2 3 'Structure model' chem_comp_bond                
3 3 'Structure model' database_2                    
4 3 'Structure model' pdbx_database_status          
5 3 'Structure model' pdbx_initial_refinement_model 
6 3 'Structure model' struct_conn                   
# 
loop_
_pdbx_audit_revision_item.ordinal 
_pdbx_audit_revision_item.revision_ordinal 
_pdbx_audit_revision_item.data_content_type 
_pdbx_audit_revision_item.item 
1 3 'Structure model' '_database_2.pdbx_DOI'                 
2 3 'Structure model' '_database_2.pdbx_database_accession'  
3 3 'Structure model' '_pdbx_database_status.status_code_sf' 
4 3 'Structure model' '_struct_conn.pdbx_leaving_atom_flag'  
# 
_pdbx_database_status.status_code                     REL 
_pdbx_database_status.entry_id                        4CHJ 
_pdbx_database_status.deposit_site                    PDBE 
_pdbx_database_status.process_site                    PDBE 
_pdbx_database_status.SG_entry                        . 
_pdbx_database_status.recvd_initial_deposition_date   2013-12-03 
_pdbx_database_status.pdb_format_compatible           Y 
_pdbx_database_status.status_code_sf                  REL 
_pdbx_database_status.status_code_mr                  ? 
_pdbx_database_status.status_code_cs                  ? 
_pdbx_database_status.methods_development_category    ? 
_pdbx_database_status.status_code_nmr_data            ? 
# 
loop_
_audit_author.name 
_audit_author.pdbx_ordinal 
'Tonkin, M.L.'    1 
'Beck, J.R.'      2 
'Bradley, P.J.'   3 
'Boulanger, M.J.' 4 
# 
_citation.id                        primary 
_citation.title                     
;The Inner Membrane Complex Sub-Compartment Proteins Critical for Replication of the Apicomplexan Parasite Toxoplasma Gondii Adopt a Pleckstrin Homology Fold
;
_citation.journal_abbrev            J.Biol.Chem. 
_citation.journal_volume            289 
_citation.page_first                13962 
_citation.page_last                 ? 
_citation.year                      2014 
_citation.journal_id_ASTM           JBCHA3 
_citation.country                   US 
_citation.journal_id_ISSN           0021-9258 
_citation.journal_id_CSD            0071 
_citation.book_publisher            ? 
_citation.pdbx_database_id_PubMed   24675080 
_citation.pdbx_database_id_DOI      10.1074/JBC.M114.548891 
# 
loop_
_citation_author.citation_id 
_citation_author.name 
_citation_author.ordinal 
_citation_author.identifier_ORCID 
primary 'Tonkin, M.L.'    1 ? 
primary 'Beck, J.R.'      2 ? 
primary 'Bradley, P.J.'   3 ? 
primary 'Boulanger, M.J.' 4 ? 
# 
loop_
_entity.id 
_entity.type 
_entity.src_method 
_entity.pdbx_description 
_entity.formula_weight 
_entity.pdbx_number_of_molecules 
_entity.pdbx_ec 
_entity.pdbx_mutation 
_entity.pdbx_fragment 
_entity.details 
1 polymer man 'IMC SUB-COMPARTMENT PROTEIN ISP3' 18329.406 1 ? ? 'PH DOMAIN, RESIDUES 10-164' ? 
2 water   nat water                              18.015    4 ? ? ?                            ? 
# 
_entity_name_com.entity_id   1 
_entity_name_com.name        TGISP3 
# 
_entity_poly.entity_id                      1 
_entity_poly.type                           'polypeptide(L)' 
_entity_poly.nstd_linkage                   no 
_entity_poly.nstd_monomer                   yes 
_entity_poly.pdbx_seq_one_letter_code       
;GSHMASDSDSTADLEIGREGEVRSRKPIQVSKEAFDNWMNRYEAGDTMEVLFPDGHRIECNLKIDRPKNFMNLTFNQKVR
PIQLDDIAAVLYGSDPRSSECADSKMLRNP(CSX)VVGFRLASSGRAIAFSFKDITDAQCFVSFLDDEIKKNQESNKSSA
SNDRNAAA
;
_entity_poly.pdbx_seq_one_letter_code_can   
;GSHMASDSDSTADLEIGREGEVRSRKPIQVSKEAFDNWMNRYEAGDTMEVLFPDGHRIECNLKIDRPKNFMNLTFNQKVR
PIQLDDIAAVLYGSDPRSSECADSKMLRNPCVVGFRLASSGRAIAFSFKDITDAQCFVSFLDDEIKKNQESNKSSASNDR
NAAA
;
_entity_poly.pdbx_strand_id                 A 
_entity_poly.pdbx_target_identifier         ? 
# 
_pdbx_entity_nonpoly.entity_id   2 
_pdbx_entity_nonpoly.name        water 
_pdbx_entity_nonpoly.comp_id     HOH 
# 
loop_
_entity_poly_seq.entity_id 
_entity_poly_seq.num 
_entity_poly_seq.mon_id 
_entity_poly_seq.hetero 
1 1   GLY n 
1 2   SER n 
1 3   HIS n 
1 4   MET n 
1 5   ALA n 
1 6   SER n 
1 7   ASP n 
1 8   SER n 
1 9   ASP n 
1 10  SER n 
1 11  THR n 
1 12  ALA n 
1 13  ASP n 
1 14  LEU n 
1 15  GLU n 
1 16  ILE n 
1 17  GLY n 
1 18  ARG n 
1 19  GLU n 
1 20  GLY n 
1 21  GLU n 
1 22  VAL n 
1 23  ARG n 
1 24  SER n 
1 25  ARG n 
1 26  LYS n 
1 27  PRO n 
1 28  ILE n 
1 29  GLN n 
1 30  VAL n 
1 31  SER n 
1 32  LYS n 
1 33  GLU n 
1 34  ALA n 
1 35  PHE n 
1 36  ASP n 
1 37  ASN n 
1 38  TRP n 
1 39  MET n 
1 40  ASN n 
1 41  ARG n 
1 42  TYR n 
1 43  GLU n 
1 44  ALA n 
1 45  GLY n 
1 46  ASP n 
1 47  THR n 
1 48  MET n 
1 49  GLU n 
1 50  VAL n 
1 51  LEU n 
1 52  PHE n 
1 53  PRO n 
1 54  ASP n 
1 55  GLY n 
1 56  HIS n 
1 57  ARG n 
1 58  ILE n 
1 59  GLU n 
1 60  CYS n 
1 61  ASN n 
1 62  LEU n 
1 63  LYS n 
1 64  ILE n 
1 65  ASP n 
1 66  ARG n 
1 67  PRO n 
1 68  LYS n 
1 69  ASN n 
1 70  PHE n 
1 71  MET n 
1 72  ASN n 
1 73  LEU n 
1 74  THR n 
1 75  PHE n 
1 76  ASN n 
1 77  GLN n 
1 78  LYS n 
1 79  VAL n 
1 80  ARG n 
1 81  PRO n 
1 82  ILE n 
1 83  GLN n 
1 84  LEU n 
1 85  ASP n 
1 86  ASP n 
1 87  ILE n 
1 88  ALA n 
1 89  ALA n 
1 90  VAL n 
1 91  LEU n 
1 92  TYR n 
1 93  GLY n 
1 94  SER n 
1 95  ASP n 
1 96  PRO n 
1 97  ARG n 
1 98  SER n 
1 99  SER n 
1 100 GLU n 
1 101 CYS n 
1 102 ALA n 
1 103 ASP n 
1 104 SER n 
1 105 LYS n 
1 106 MET n 
1 107 LEU n 
1 108 ARG n 
1 109 ASN n 
1 110 PRO n 
1 111 CSX n 
1 112 VAL n 
1 113 VAL n 
1 114 GLY n 
1 115 PHE n 
1 116 ARG n 
1 117 LEU n 
1 118 ALA n 
1 119 SER n 
1 120 SER n 
1 121 GLY n 
1 122 ARG n 
1 123 ALA n 
1 124 ILE n 
1 125 ALA n 
1 126 PHE n 
1 127 SER n 
1 128 PHE n 
1 129 LYS n 
1 130 ASP n 
1 131 ILE n 
1 132 THR n 
1 133 ASP n 
1 134 ALA n 
1 135 GLN n 
1 136 CYS n 
1 137 PHE n 
1 138 VAL n 
1 139 SER n 
1 140 PHE n 
1 141 LEU n 
1 142 ASP n 
1 143 ASP n 
1 144 GLU n 
1 145 ILE n 
1 146 LYS n 
1 147 LYS n 
1 148 ASN n 
1 149 GLN n 
1 150 GLU n 
1 151 SER n 
1 152 ASN n 
1 153 LYS n 
1 154 SER n 
1 155 SER n 
1 156 ALA n 
1 157 SER n 
1 158 ASN n 
1 159 ASP n 
1 160 ARG n 
1 161 ASN n 
1 162 ALA n 
1 163 ALA n 
1 164 ALA n 
# 
_entity_src_gen.entity_id                          1 
_entity_src_gen.pdbx_src_id                        1 
_entity_src_gen.pdbx_alt_source_flag               sample 
_entity_src_gen.pdbx_seq_type                      ? 
_entity_src_gen.pdbx_beg_seq_num                   ? 
_entity_src_gen.pdbx_end_seq_num                   ? 
_entity_src_gen.gene_src_common_name               ? 
_entity_src_gen.gene_src_genus                     ? 
_entity_src_gen.pdbx_gene_src_gene                 ? 
_entity_src_gen.gene_src_species                   ? 
_entity_src_gen.gene_src_strain                    ME49 
_entity_src_gen.gene_src_tissue                    ? 
_entity_src_gen.gene_src_tissue_fraction           ? 
_entity_src_gen.gene_src_details                   ? 
_entity_src_gen.pdbx_gene_src_fragment             ? 
_entity_src_gen.pdbx_gene_src_scientific_name      'TOXOPLASMA GONDII' 
_entity_src_gen.pdbx_gene_src_ncbi_taxonomy_id     508771 
_entity_src_gen.pdbx_gene_src_variant              ? 
_entity_src_gen.pdbx_gene_src_cell_line            ? 
_entity_src_gen.pdbx_gene_src_atcc                 ? 
_entity_src_gen.pdbx_gene_src_organ                ? 
_entity_src_gen.pdbx_gene_src_organelle            ? 
_entity_src_gen.pdbx_gene_src_cell                 ? 
_entity_src_gen.pdbx_gene_src_cellular_location    ? 
_entity_src_gen.host_org_common_name               ? 
_entity_src_gen.pdbx_host_org_scientific_name      'ESCHERICHIA COLI' 
_entity_src_gen.pdbx_host_org_ncbi_taxonomy_id     469008 
_entity_src_gen.host_org_genus                     ? 
_entity_src_gen.pdbx_host_org_gene                 ? 
_entity_src_gen.pdbx_host_org_organ                ? 
_entity_src_gen.host_org_species                   ? 
_entity_src_gen.pdbx_host_org_tissue               ? 
_entity_src_gen.pdbx_host_org_tissue_fraction      ? 
_entity_src_gen.pdbx_host_org_strain               'BL21(DE3)' 
_entity_src_gen.pdbx_host_org_variant              'CODON PLUS' 
_entity_src_gen.pdbx_host_org_cell_line            ? 
_entity_src_gen.pdbx_host_org_atcc                 ? 
_entity_src_gen.pdbx_host_org_culture_collection   ? 
_entity_src_gen.pdbx_host_org_cell                 ? 
_entity_src_gen.pdbx_host_org_organelle            ? 
_entity_src_gen.pdbx_host_org_cellular_location    ? 
_entity_src_gen.pdbx_host_org_vector_type          PLASMID 
_entity_src_gen.pdbx_host_org_vector               PET28A 
_entity_src_gen.host_org_details                   ? 
_entity_src_gen.expression_system_id               ? 
_entity_src_gen.plasmid_name                       'MODIFIED PET28A' 
_entity_src_gen.plasmid_details                    ? 
_entity_src_gen.pdbx_description                   ? 
# 
loop_
_chem_comp.id 
_chem_comp.type 
_chem_comp.mon_nstd_flag 
_chem_comp.name 
_chem_comp.pdbx_synonyms 
_chem_comp.formula 
_chem_comp.formula_weight 
ALA 'L-peptide linking' y ALANINE          ? 'C3 H7 N O2'     89.093  
ARG 'L-peptide linking' y ARGININE         ? 'C6 H15 N4 O2 1' 175.209 
ASN 'L-peptide linking' y ASPARAGINE       ? 'C4 H8 N2 O3'    132.118 
ASP 'L-peptide linking' y 'ASPARTIC ACID'  ? 'C4 H7 N O4'     133.103 
CSX 'L-peptide linking' n 'S-OXY CYSTEINE' ? 'C3 H7 N O3 S'   137.158 
CYS 'L-peptide linking' y CYSTEINE         ? 'C3 H7 N O2 S'   121.158 
GLN 'L-peptide linking' y GLUTAMINE        ? 'C5 H10 N2 O3'   146.144 
GLU 'L-peptide linking' y 'GLUTAMIC ACID'  ? 'C5 H9 N O4'     147.129 
GLY 'peptide linking'   y GLYCINE          ? 'C2 H5 N O2'     75.067  
HIS 'L-peptide linking' y HISTIDINE        ? 'C6 H10 N3 O2 1' 156.162 
HOH non-polymer         . WATER            ? 'H2 O'           18.015  
ILE 'L-peptide linking' y ISOLEUCINE       ? 'C6 H13 N O2'    131.173 
LEU 'L-peptide linking' y LEUCINE          ? 'C6 H13 N O2'    131.173 
LYS 'L-peptide linking' y LYSINE           ? 'C6 H15 N2 O2 1' 147.195 
MET 'L-peptide linking' y METHIONINE       ? 'C5 H11 N O2 S'  149.211 
PHE 'L-peptide linking' y PHENYLALANINE    ? 'C9 H11 N O2'    165.189 
PRO 'L-peptide linking' y PROLINE          ? 'C5 H9 N O2'     115.130 
SER 'L-peptide linking' y SERINE           ? 'C3 H7 N O3'     105.093 
THR 'L-peptide linking' y THREONINE        ? 'C4 H9 N O3'     119.119 
TRP 'L-peptide linking' y TRYPTOPHAN       ? 'C11 H12 N2 O2'  204.225 
TYR 'L-peptide linking' y TYROSINE         ? 'C9 H11 N O3'    181.189 
VAL 'L-peptide linking' y VALINE           ? 'C5 H11 N O2'    117.146 
# 
loop_
_pdbx_poly_seq_scheme.asym_id 
_pdbx_poly_seq_scheme.entity_id 
_pdbx_poly_seq_scheme.seq_id 
_pdbx_poly_seq_scheme.mon_id 
_pdbx_poly_seq_scheme.ndb_seq_num 
_pdbx_poly_seq_scheme.pdb_seq_num 
_pdbx_poly_seq_scheme.auth_seq_num 
_pdbx_poly_seq_scheme.pdb_mon_id 
_pdbx_poly_seq_scheme.auth_mon_id 
_pdbx_poly_seq_scheme.pdb_strand_id 
_pdbx_poly_seq_scheme.pdb_ins_code 
_pdbx_poly_seq_scheme.hetero 
A 1 1   GLY 1   4   ?   ?   ?   A . n 
A 1 2   SER 2   5   ?   ?   ?   A . n 
A 1 3   HIS 3   6   ?   ?   ?   A . n 
A 1 4   MET 4   7   ?   ?   ?   A . n 
A 1 5   ALA 5   8   ?   ?   ?   A . n 
A 1 6   SER 6   9   ?   ?   ?   A . n 
A 1 7   ASP 7   10  ?   ?   ?   A . n 
A 1 8   SER 8   11  ?   ?   ?   A . n 
A 1 9   ASP 9   12  ?   ?   ?   A . n 
A 1 10  SER 10  13  ?   ?   ?   A . n 
A 1 11  THR 11  14  ?   ?   ?   A . n 
A 1 12  ALA 12  15  15  ALA ALA A . n 
A 1 13  ASP 13  16  16  ASP ASP A . n 
A 1 14  LEU 14  17  17  LEU LEU A . n 
A 1 15  GLU 15  18  18  GLU GLU A . n 
A 1 16  ILE 16  19  19  ILE ILE A . n 
A 1 17  GLY 17  20  20  GLY GLY A . n 
A 1 18  ARG 18  21  21  ARG ARG A . n 
A 1 19  GLU 19  22  22  GLU GLU A . n 
A 1 20  GLY 20  23  23  GLY GLY A . n 
A 1 21  GLU 21  24  24  GLU GLU A . n 
A 1 22  VAL 22  25  25  VAL VAL A . n 
A 1 23  ARG 23  26  ?   ?   ?   A . n 
A 1 24  SER 24  27  ?   ?   ?   A . n 
A 1 25  ARG 25  28  ?   ?   ?   A . n 
A 1 26  LYS 26  29  ?   ?   ?   A . n 
A 1 27  PRO 27  30  ?   ?   ?   A . n 
A 1 28  ILE 28  31  31  ILE ILE A . n 
A 1 29  GLN 29  32  32  GLN GLN A . n 
A 1 30  VAL 30  33  33  VAL VAL A . n 
A 1 31  SER 31  34  34  SER SER A . n 
A 1 32  LYS 32  35  35  LYS LYS A . n 
A 1 33  GLU 33  36  36  GLU GLU A . n 
A 1 34  ALA 34  37  37  ALA ALA A . n 
A 1 35  PHE 35  38  38  PHE PHE A . n 
A 1 36  ASP 36  39  39  ASP ASP A . n 
A 1 37  ASN 37  40  40  ASN ASN A . n 
A 1 38  TRP 38  41  41  TRP TRP A . n 
A 1 39  MET 39  42  42  MET MET A . n 
A 1 40  ASN 40  43  43  ASN ASN A . n 
A 1 41  ARG 41  44  44  ARG ARG A . n 
A 1 42  TYR 42  45  45  TYR TYR A . n 
A 1 43  GLU 43  46  46  GLU GLU A . n 
A 1 44  ALA 44  47  47  ALA ALA A . n 
A 1 45  GLY 45  48  48  GLY GLY A . n 
A 1 46  ASP 46  49  49  ASP ASP A . n 
A 1 47  THR 47  50  50  THR THR A . n 
A 1 48  MET 48  51  51  MET MET A . n 
A 1 49  GLU 49  52  52  GLU GLU A . n 
A 1 50  VAL 50  53  53  VAL VAL A . n 
A 1 51  LEU 51  54  54  LEU LEU A . n 
A 1 52  PHE 52  55  55  PHE PHE A . n 
A 1 53  PRO 53  56  56  PRO PRO A . n 
A 1 54  ASP 54  57  57  ASP ASP A . n 
A 1 55  GLY 55  58  58  GLY GLY A . n 
A 1 56  HIS 56  59  59  HIS HIS A . n 
A 1 57  ARG 57  60  60  ARG ARG A . n 
A 1 58  ILE 58  61  61  ILE ILE A . n 
A 1 59  GLU 59  62  62  GLU GLU A . n 
A 1 60  CYS 60  63  63  CYS CYS A . n 
A 1 61  ASN 61  64  64  ASN ASN A . n 
A 1 62  LEU 62  65  65  LEU LEU A . n 
A 1 63  LYS 63  66  66  LYS LYS A . n 
A 1 64  ILE 64  67  67  ILE ILE A . n 
A 1 65  ASP 65  68  68  ASP ASP A . n 
A 1 66  ARG 66  69  69  ARG ARG A . n 
A 1 67  PRO 67  70  70  PRO PRO A . n 
A 1 68  LYS 68  71  71  LYS LYS A . n 
A 1 69  ASN 69  72  72  ASN ASN A . n 
A 1 70  PHE 70  73  73  PHE PHE A . n 
A 1 71  MET 71  74  74  MET MET A . n 
A 1 72  ASN 72  75  75  ASN ASN A . n 
A 1 73  LEU 73  76  76  LEU LEU A . n 
A 1 74  THR 74  77  77  THR THR A . n 
A 1 75  PHE 75  78  78  PHE PHE A . n 
A 1 76  ASN 76  79  79  ASN ASN A . n 
A 1 77  GLN 77  80  80  GLN GLN A . n 
A 1 78  LYS 78  81  81  LYS LYS A . n 
A 1 79  VAL 79  82  82  VAL VAL A . n 
A 1 80  ARG 80  83  83  ARG ARG A . n 
A 1 81  PRO 81  84  84  PRO PRO A . n 
A 1 82  ILE 82  85  85  ILE ILE A . n 
A 1 83  GLN 83  86  86  GLN GLN A . n 
A 1 84  LEU 84  87  87  LEU LEU A . n 
A 1 85  ASP 85  88  88  ASP ASP A . n 
A 1 86  ASP 86  89  89  ASP ASP A . n 
A 1 87  ILE 87  90  90  ILE ILE A . n 
A 1 88  ALA 88  91  91  ALA ALA A . n 
A 1 89  ALA 89  92  92  ALA ALA A . n 
A 1 90  VAL 90  93  93  VAL VAL A . n 
A 1 91  LEU 91  94  94  LEU LEU A . n 
A 1 92  TYR 92  95  95  TYR TYR A . n 
A 1 93  GLY 93  96  96  GLY GLY A . n 
A 1 94  SER 94  97  97  SER SER A . n 
A 1 95  ASP 95  98  ?   ?   ?   A . n 
A 1 96  PRO 96  99  ?   ?   ?   A . n 
A 1 97  ARG 97  100 ?   ?   ?   A . n 
A 1 98  SER 98  101 ?   ?   ?   A . n 
A 1 99  SER 99  102 ?   ?   ?   A . n 
A 1 100 GLU 100 103 ?   ?   ?   A . n 
A 1 101 CYS 101 104 ?   ?   ?   A . n 
A 1 102 ALA 102 105 ?   ?   ?   A . n 
A 1 103 ASP 103 106 ?   ?   ?   A . n 
A 1 104 SER 104 107 ?   ?   ?   A . n 
A 1 105 LYS 105 108 108 LYS LYS A . n 
A 1 106 MET 106 109 109 MET MET A . n 
A 1 107 LEU 107 110 110 LEU LEU A . n 
A 1 108 ARG 108 111 111 ARG ARG A . n 
A 1 109 ASN 109 112 112 ASN ASN A . n 
A 1 110 PRO 110 113 113 PRO PRO A . n 
A 1 111 CSX 111 114 114 CSX CSX A . n 
A 1 112 VAL 112 115 115 VAL VAL A . n 
A 1 113 VAL 113 116 116 VAL VAL A . n 
A 1 114 GLY 114 117 117 GLY GLY A . n 
A 1 115 PHE 115 118 118 PHE PHE A . n 
A 1 116 ARG 116 119 119 ARG ARG A . n 
A 1 117 LEU 117 120 120 LEU LEU A . n 
A 1 118 ALA 118 121 121 ALA ALA A . n 
A 1 119 SER 119 122 122 SER SER A . n 
A 1 120 SER 120 123 123 SER SER A . n 
A 1 121 GLY 121 124 124 GLY GLY A . n 
A 1 122 ARG 122 125 125 ARG ARG A . n 
A 1 123 ALA 123 126 126 ALA ALA A . n 
A 1 124 ILE 124 127 127 ILE ILE A . n 
A 1 125 ALA 125 128 128 ALA ALA A . n 
A 1 126 PHE 126 129 129 PHE PHE A . n 
A 1 127 SER 127 130 130 SER SER A . n 
A 1 128 PHE 128 131 131 PHE PHE A . n 
A 1 129 LYS 129 132 132 LYS LYS A . n 
A 1 130 ASP 130 133 133 ASP ASP A . n 
A 1 131 ILE 131 134 134 ILE ILE A . n 
A 1 132 THR 132 135 135 THR THR A . n 
A 1 133 ASP 133 136 136 ASP ASP A . n 
A 1 134 ALA 134 137 137 ALA ALA A . n 
A 1 135 GLN 135 138 138 GLN GLN A . n 
A 1 136 CYS 136 139 139 CYS CYS A . n 
A 1 137 PHE 137 140 140 PHE PHE A . n 
A 1 138 VAL 138 141 141 VAL VAL A . n 
A 1 139 SER 139 142 142 SER SER A . n 
A 1 140 PHE 140 143 143 PHE PHE A . n 
A 1 141 LEU 141 144 144 LEU LEU A . n 
A 1 142 ASP 142 145 145 ASP ASP A . n 
A 1 143 ASP 143 146 146 ASP ASP A . n 
A 1 144 GLU 144 147 147 GLU GLU A . n 
A 1 145 ILE 145 148 148 ILE ILE A . n 
A 1 146 LYS 146 149 149 LYS LYS A . n 
A 1 147 LYS 147 150 150 LYS LYS A . n 
A 1 148 ASN 148 151 151 ASN ASN A . n 
A 1 149 GLN 149 152 152 GLN GLN A . n 
A 1 150 GLU 150 153 153 GLU GLU A . n 
A 1 151 SER 151 154 ?   ?   ?   A . n 
A 1 152 ASN 152 155 ?   ?   ?   A . n 
A 1 153 LYS 153 156 ?   ?   ?   A . n 
A 1 154 SER 154 157 ?   ?   ?   A . n 
A 1 155 SER 155 158 ?   ?   ?   A . n 
A 1 156 ALA 156 159 ?   ?   ?   A . n 
A 1 157 SER 157 160 ?   ?   ?   A . n 
A 1 158 ASN 158 161 ?   ?   ?   A . n 
A 1 159 ASP 159 162 ?   ?   ?   A . n 
A 1 160 ARG 160 163 ?   ?   ?   A . n 
A 1 161 ASN 161 164 ?   ?   ?   A . n 
A 1 162 ALA 162 165 ?   ?   ?   A . n 
A 1 163 ALA 163 166 ?   ?   ?   A . n 
A 1 164 ALA 164 167 ?   ?   ?   A . n 
# 
loop_
_pdbx_nonpoly_scheme.asym_id 
_pdbx_nonpoly_scheme.entity_id 
_pdbx_nonpoly_scheme.mon_id 
_pdbx_nonpoly_scheme.ndb_seq_num 
_pdbx_nonpoly_scheme.pdb_seq_num 
_pdbx_nonpoly_scheme.auth_seq_num 
_pdbx_nonpoly_scheme.pdb_mon_id 
_pdbx_nonpoly_scheme.auth_mon_id 
_pdbx_nonpoly_scheme.pdb_strand_id 
_pdbx_nonpoly_scheme.pdb_ins_code 
B 2 HOH 1 2001 2001 HOH HOH A . 
B 2 HOH 2 2002 2002 HOH HOH A . 
B 2 HOH 3 2003 2003 HOH HOH A . 
B 2 HOH 4 2004 2004 HOH HOH A . 
# 
loop_
_software.name 
_software.classification 
_software.version 
_software.citation_id 
_software.pdbx_ordinal 
REFMAC  refinement       5.7.0029 ? 1 
iMOSFLM 'data reduction' .        ? 2 
SCALA   'data scaling'   .        ? 3 
PHASER  phasing          .        ? 4 
# 
_cell.entry_id           4CHJ 
_cell.length_a           99.480 
_cell.length_b           99.480 
_cell.length_c           60.870 
_cell.angle_alpha        90.00 
_cell.angle_beta         90.00 
_cell.angle_gamma        90.00 
_cell.Z_PDB              16 
_cell.pdbx_unique_axis   ? 
# 
_symmetry.entry_id                         4CHJ 
_symmetry.space_group_name_H-M             'I 41 2 2' 
_symmetry.pdbx_full_space_group_name_H-M   ? 
_symmetry.cell_setting                     ? 
_symmetry.Int_Tables_number                98 
# 
_exptl.entry_id          4CHJ 
_exptl.method            'X-RAY DIFFRACTION' 
_exptl.crystals_number   ? 
# 
_exptl_crystal.id                    1 
_exptl_crystal.density_meas          ? 
_exptl_crystal.density_Matthews      2.07 
_exptl_crystal.density_percent_sol   40.75 
_exptl_crystal.description           NONE 
# 
_exptl_crystal_grow.crystal_id      1 
_exptl_crystal_grow.method          ? 
_exptl_crystal_grow.temp            ? 
_exptl_crystal_grow.temp_details    ? 
_exptl_crystal_grow.pH              7 
_exptl_crystal_grow.pdbx_pH_range   ? 
_exptl_crystal_grow.pdbx_details    '2.0 M SODIUM MALONATE PH 7.0, 10 MM BETAINE HYDROCHLORIDE' 
# 
_diffrn.id                     1 
_diffrn.ambient_temp           100 
_diffrn.ambient_temp_details   ? 
_diffrn.crystal_id             1 
# 
_diffrn_radiation.diffrn_id                        1 
_diffrn_radiation.wavelength_id                    1 
_diffrn_radiation.pdbx_monochromatic_or_laue_m_l   M 
_diffrn_radiation.monochromator                    ? 
_diffrn_radiation.pdbx_diffrn_protocol             'SINGLE WAVELENGTH' 
_diffrn_radiation.pdbx_scattering_type             x-ray 
# 
_diffrn_radiation_wavelength.id           1 
_diffrn_radiation_wavelength.wavelength   0.9795 
_diffrn_radiation_wavelength.wt           1.0 
# 
_diffrn_source.diffrn_id                   1 
_diffrn_source.source                      SYNCHROTRON 
_diffrn_source.type                        'SSRL BEAMLINE BL11-1' 
_diffrn_source.pdbx_synchrotron_site       SSRL 
_diffrn_source.pdbx_synchrotron_beamline   BL11-1 
_diffrn_source.pdbx_wavelength             0.9795 
_diffrn_source.pdbx_wavelength_list        ? 
# 
_reflns.pdbx_diffrn_id               1 
_reflns.pdbx_ordinal                 1 
_reflns.entry_id                     4CHJ 
_reflns.observed_criterion_sigma_I   2.0 
_reflns.observed_criterion_sigma_F   ? 
_reflns.d_resolution_low             35.94 
_reflns.d_resolution_high            2.32 
_reflns.number_obs                   6813 
_reflns.number_all                   ? 
_reflns.percent_possible_obs         99.3 
_reflns.pdbx_Rmerge_I_obs            0.04 
_reflns.pdbx_Rsym_value              ? 
_reflns.pdbx_netI_over_sigmaI        18.60 
_reflns.B_iso_Wilson_estimate        ? 
_reflns.pdbx_redundancy              5.2 
# 
_reflns_shell.pdbx_diffrn_id         1 
_reflns_shell.pdbx_ordinal           1 
_reflns_shell.d_res_high             2.32 
_reflns_shell.d_res_low              2.41 
_reflns_shell.percent_possible_all   98.9 
_reflns_shell.Rmerge_I_obs           0.54 
_reflns_shell.pdbx_Rsym_value        ? 
_reflns_shell.meanI_over_sigI_obs    2.30 
_reflns_shell.pdbx_redundancy        4.3 
# 
_refine.pdbx_refine_id                           'X-RAY DIFFRACTION' 
_refine.entry_id                                 4CHJ 
_refine.pdbx_diffrn_id                           1 
_refine.pdbx_TLS_residual_ADP_flag               ? 
_refine.ls_number_reflns_obs                     6481 
_refine.ls_number_reflns_all                     ? 
_refine.pdbx_ls_sigma_I                          ? 
_refine.pdbx_ls_sigma_F                          . 
_refine.pdbx_data_cutoff_high_absF               ? 
_refine.pdbx_data_cutoff_low_absF                ? 
_refine.pdbx_data_cutoff_high_rms_absF           ? 
_refine.ls_d_res_low                             35.94 
_refine.ls_d_res_high                            2.32 
_refine.ls_percent_reflns_obs                    98.92 
_refine.ls_R_factor_obs                          0.22052 
_refine.ls_R_factor_all                          ? 
_refine.ls_R_factor_R_work                       0.21817 
_refine.ls_R_factor_R_free                       0.26797 
_refine.ls_R_factor_R_free_error                 ? 
_refine.ls_R_factor_R_free_error_details         ? 
_refine.ls_percent_reflns_R_free                 4.8 
_refine.ls_number_reflns_R_free                  324 
_refine.ls_number_parameters                     ? 
_refine.ls_number_restraints                     ? 
_refine.occupancy_min                            ? 
_refine.occupancy_max                            ? 
_refine.correlation_coeff_Fo_to_Fc               0.949 
_refine.correlation_coeff_Fo_to_Fc_free          0.934 
_refine.B_iso_mean                               64.489 
_refine.aniso_B[1][1]                            0.44 
_refine.aniso_B[2][2]                            0.44 
_refine.aniso_B[3][3]                            -0.87 
_refine.aniso_B[1][2]                            0.00 
_refine.aniso_B[1][3]                            0.00 
_refine.aniso_B[2][3]                            0.00 
_refine.solvent_model_details                    MASK 
_refine.solvent_model_param_ksol                 ? 
_refine.solvent_model_param_bsol                 ? 
_refine.pdbx_solvent_vdw_probe_radii             1.20 
_refine.pdbx_solvent_ion_probe_radii             0.80 
_refine.pdbx_solvent_shrinkage_radii             0.80 
_refine.pdbx_ls_cross_valid_method               THROUGHOUT 
_refine.details                                  'HYDROGENS HAVE BEEN ADDED IN THE RIDING POSITIONS.' 
_refine.pdbx_starting_model                      TGISP1 
_refine.pdbx_method_to_determine_struct          'MOLECULAR REPLACEMENT' 
_refine.pdbx_isotropic_thermal_model             ? 
_refine.pdbx_stereochemistry_target_values       'MAXIMUM LIKELIHOOD' 
_refine.pdbx_stereochem_target_val_spec_case     ? 
_refine.pdbx_R_Free_selection_details            RANDOM 
_refine.pdbx_overall_ESU_R                       0.327 
_refine.pdbx_overall_ESU_R_Free                  0.249 
_refine.overall_SU_ML                            0.210 
_refine.pdbx_overall_phase_error                 ? 
_refine.overall_SU_B                             9.278 
_refine.overall_SU_R_Cruickshank_DPI             ? 
_refine.pdbx_overall_SU_R_free_Cruickshank_DPI   ? 
_refine.pdbx_overall_SU_R_Blow_DPI               ? 
_refine.pdbx_overall_SU_R_free_Blow_DPI          ? 
# 
_refine_hist.pdbx_refine_id                   'X-RAY DIFFRACTION' 
_refine_hist.cycle_id                         LAST 
_refine_hist.pdbx_number_atoms_protein        994 
_refine_hist.pdbx_number_atoms_nucleic_acid   0 
_refine_hist.pdbx_number_atoms_ligand         0 
_refine_hist.number_atoms_solvent             4 
_refine_hist.number_atoms_total               998 
_refine_hist.d_res_high                       2.32 
_refine_hist.d_res_low                        35.94 
# 
loop_
_refine_ls_restr.type 
_refine_ls_restr.dev_ideal 
_refine_ls_restr.dev_ideal_target 
_refine_ls_restr.weight 
_refine_ls_restr.number 
_refine_ls_restr.pdbx_refine_id 
_refine_ls_restr.pdbx_restraint_function 
r_bond_refined_d             0.011  0.019  ? 1009 'X-RAY DIFFRACTION' ? 
r_bond_other_d               0.004  0.020  ? 966  'X-RAY DIFFRACTION' ? 
r_angle_refined_deg          1.171  1.957  ? 1353 'X-RAY DIFFRACTION' ? 
r_angle_other_deg            0.612  3.000  ? 2217 'X-RAY DIFFRACTION' ? 
r_dihedral_angle_1_deg       8.318  5.000  ? 121  'X-RAY DIFFRACTION' ? 
r_dihedral_angle_2_deg       36.469 24.630 ? 54   'X-RAY DIFFRACTION' ? 
r_dihedral_angle_3_deg       21.723 15.000 ? 183  'X-RAY DIFFRACTION' ? 
r_dihedral_angle_4_deg       28.177 15.000 ? 8    'X-RAY DIFFRACTION' ? 
r_chiral_restr               0.072  0.200  ? 146  'X-RAY DIFFRACTION' ? 
r_gen_planes_refined         0.009  0.020  ? 1144 'X-RAY DIFFRACTION' ? 
r_gen_planes_other           0.001  0.020  ? 238  'X-RAY DIFFRACTION' ? 
r_nbd_refined                ?      ?      ? ?    'X-RAY DIFFRACTION' ? 
r_nbd_other                  ?      ?      ? ?    'X-RAY DIFFRACTION' ? 
r_nbtor_refined              ?      ?      ? ?    'X-RAY DIFFRACTION' ? 
r_nbtor_other                ?      ?      ? ?    'X-RAY DIFFRACTION' ? 
r_xyhbond_nbd_refined        ?      ?      ? ?    'X-RAY DIFFRACTION' ? 
r_xyhbond_nbd_other          ?      ?      ? ?    'X-RAY DIFFRACTION' ? 
r_metal_ion_refined          ?      ?      ? ?    'X-RAY DIFFRACTION' ? 
r_metal_ion_other            ?      ?      ? ?    'X-RAY DIFFRACTION' ? 
r_symmetry_vdw_refined       ?      ?      ? ?    'X-RAY DIFFRACTION' ? 
r_symmetry_vdw_other         ?      ?      ? ?    'X-RAY DIFFRACTION' ? 
r_symmetry_hbond_refined     ?      ?      ? ?    'X-RAY DIFFRACTION' ? 
r_symmetry_hbond_other       ?      ?      ? ?    'X-RAY DIFFRACTION' ? 
r_symmetry_metal_ion_refined ?      ?      ? ?    'X-RAY DIFFRACTION' ? 
r_symmetry_metal_ion_other   ?      ?      ? ?    'X-RAY DIFFRACTION' ? 
r_mcbond_it                  ?      ?      ? ?    'X-RAY DIFFRACTION' ? 
r_mcbond_other               ?      ?      ? ?    'X-RAY DIFFRACTION' ? 
r_mcangle_it                 ?      ?      ? ?    'X-RAY DIFFRACTION' ? 
r_mcangle_other              ?      ?      ? ?    'X-RAY DIFFRACTION' ? 
r_scbond_it                  ?      ?      ? ?    'X-RAY DIFFRACTION' ? 
r_scbond_other               ?      ?      ? ?    'X-RAY DIFFRACTION' ? 
r_scangle_it                 ?      ?      ? ?    'X-RAY DIFFRACTION' ? 
r_scangle_other              ?      ?      ? ?    'X-RAY DIFFRACTION' ? 
r_long_range_B_refined       ?      ?      ? ?    'X-RAY DIFFRACTION' ? 
r_long_range_B_other         ?      ?      ? ?    'X-RAY DIFFRACTION' ? 
r_rigid_bond_restr           ?      ?      ? ?    'X-RAY DIFFRACTION' ? 
r_sphericity_free            ?      ?      ? ?    'X-RAY DIFFRACTION' ? 
r_sphericity_bonded          ?      ?      ? ?    'X-RAY DIFFRACTION' ? 
# 
_refine_ls_shell.pdbx_refine_id                   'X-RAY DIFFRACTION' 
_refine_ls_shell.pdbx_total_number_of_bins_used   20 
_refine_ls_shell.d_res_high                       2.320 
_refine_ls_shell.d_res_low                        2.380 
_refine_ls_shell.number_reflns_R_work             454 
_refine_ls_shell.R_factor_R_work                  0.302 
_refine_ls_shell.percent_reflns_obs               97.34 
_refine_ls_shell.R_factor_R_free                  0.314 
_refine_ls_shell.R_factor_R_free_error            ? 
_refine_ls_shell.percent_reflns_R_free            ? 
_refine_ls_shell.number_reflns_R_free             22 
_refine_ls_shell.number_reflns_all                ? 
_refine_ls_shell.R_factor_all                     ? 
# 
_struct.entry_id                  4CHJ 
_struct.title                     
'Structure of Inner Membrane Complex (IMC) Sub-compartment Protein 3 (ISP3) from Toxoplasma gondii' 
_struct.pdbx_model_details        ? 
_struct.pdbx_CASP_flag            ? 
_struct.pdbx_model_type_details   ? 
# 
_struct_keywords.entry_id        4CHJ 
_struct_keywords.pdbx_keywords   'CELL CYCLE' 
_struct_keywords.text            'CELL CYCLE, PARASITE, CELL DIVISION, ENDODYOGENY, PLECKSTRIN HOMOLOGY (PH) FOLD' 
# 
loop_
_struct_asym.id 
_struct_asym.pdbx_blank_PDB_chainid_flag 
_struct_asym.pdbx_modified 
_struct_asym.entity_id 
_struct_asym.details 
A N N 1 ? 
B N N 2 ? 
# 
_struct_ref.id                         1 
_struct_ref.db_name                    UNP 
_struct_ref.db_code                    S8EX33_TOXGO 
_struct_ref.entity_id                  1 
_struct_ref.pdbx_seq_one_letter_code   ? 
_struct_ref.pdbx_align_begin           ? 
_struct_ref.pdbx_db_accession          S8EX33 
_struct_ref.pdbx_db_isoform            ? 
# 
_struct_ref_seq.align_id                      1 
_struct_ref_seq.ref_id                        1 
_struct_ref_seq.pdbx_PDB_id_code              4CHJ 
_struct_ref_seq.pdbx_strand_id                A 
_struct_ref_seq.seq_align_beg                 7 
_struct_ref_seq.pdbx_seq_align_beg_ins_code   ? 
_struct_ref_seq.seq_align_end                 161 
_struct_ref_seq.pdbx_seq_align_end_ins_code   ? 
_struct_ref_seq.pdbx_db_accession             S8EX33 
_struct_ref_seq.db_align_beg                  10 
_struct_ref_seq.pdbx_db_align_beg_ins_code    ? 
_struct_ref_seq.db_align_end                  164 
_struct_ref_seq.pdbx_db_align_end_ins_code    ? 
_struct_ref_seq.pdbx_auth_seq_align_beg       10 
_struct_ref_seq.pdbx_auth_seq_align_end       164 
# 
loop_
_struct_ref_seq_dif.align_id 
_struct_ref_seq_dif.pdbx_pdb_id_code 
_struct_ref_seq_dif.mon_id 
_struct_ref_seq_dif.pdbx_pdb_strand_id 
_struct_ref_seq_dif.seq_num 
_struct_ref_seq_dif.pdbx_pdb_ins_code 
_struct_ref_seq_dif.pdbx_seq_db_name 
_struct_ref_seq_dif.pdbx_seq_db_accession_code 
_struct_ref_seq_dif.db_mon_id 
_struct_ref_seq_dif.pdbx_seq_db_seq_num 
_struct_ref_seq_dif.details 
_struct_ref_seq_dif.pdbx_auth_seq_num 
_struct_ref_seq_dif.pdbx_ordinal 
1 4CHJ GLY A 1   ? UNP S8EX33 ? ? 'expression tag' 4   1 
1 4CHJ SER A 2   ? UNP S8EX33 ? ? 'expression tag' 5   2 
1 4CHJ HIS A 3   ? UNP S8EX33 ? ? 'expression tag' 6   3 
1 4CHJ MET A 4   ? UNP S8EX33 ? ? 'expression tag' 7   4 
1 4CHJ ALA A 5   ? UNP S8EX33 ? ? 'expression tag' 8   5 
1 4CHJ SER A 6   ? UNP S8EX33 ? ? 'expression tag' 9   6 
1 4CHJ ALA A 162 ? UNP S8EX33 ? ? 'expression tag' 165 7 
1 4CHJ ALA A 163 ? UNP S8EX33 ? ? 'expression tag' 166 8 
1 4CHJ ALA A 164 ? UNP S8EX33 ? ? 'expression tag' 167 9 
# 
_pdbx_struct_assembly.id                   1 
_pdbx_struct_assembly.details              author_and_software_defined_assembly 
_pdbx_struct_assembly.method_details       PISA 
_pdbx_struct_assembly.oligomeric_details   monomeric 
_pdbx_struct_assembly.oligomeric_count     1 
# 
_pdbx_struct_assembly_gen.assembly_id       1 
_pdbx_struct_assembly_gen.oper_expression   1 
_pdbx_struct_assembly_gen.asym_id_list      A,B 
# 
_pdbx_struct_oper_list.id                   1 
_pdbx_struct_oper_list.type                 'identity operation' 
_pdbx_struct_oper_list.name                 1_555 
_pdbx_struct_oper_list.symmetry_operation   x,y,z 
_pdbx_struct_oper_list.matrix[1][1]         1.0000000000 
_pdbx_struct_oper_list.matrix[1][2]         0.0000000000 
_pdbx_struct_oper_list.matrix[1][3]         0.0000000000 
_pdbx_struct_oper_list.vector[1]            0.0000000000 
_pdbx_struct_oper_list.matrix[2][1]         0.0000000000 
_pdbx_struct_oper_list.matrix[2][2]         1.0000000000 
_pdbx_struct_oper_list.matrix[2][3]         0.0000000000 
_pdbx_struct_oper_list.vector[2]            0.0000000000 
_pdbx_struct_oper_list.matrix[3][1]         0.0000000000 
_pdbx_struct_oper_list.matrix[3][2]         0.0000000000 
_pdbx_struct_oper_list.matrix[3][3]         1.0000000000 
_pdbx_struct_oper_list.vector[3]            0.0000000000 
# 
_struct_biol.id   1 
# 
loop_
_struct_conf.conf_type_id 
_struct_conf.id 
_struct_conf.pdbx_PDB_helix_id 
_struct_conf.beg_label_comp_id 
_struct_conf.beg_label_asym_id 
_struct_conf.beg_label_seq_id 
_struct_conf.pdbx_beg_PDB_ins_code 
_struct_conf.end_label_comp_id 
_struct_conf.end_label_asym_id 
_struct_conf.end_label_seq_id 
_struct_conf.pdbx_end_PDB_ins_code 
_struct_conf.beg_auth_comp_id 
_struct_conf.beg_auth_asym_id 
_struct_conf.beg_auth_seq_id 
_struct_conf.end_auth_comp_id 
_struct_conf.end_auth_asym_id 
_struct_conf.end_auth_seq_id 
_struct_conf.pdbx_PDB_helix_class 
_struct_conf.details 
_struct_conf.pdbx_PDB_helix_length 
HELX_P HELX_P1 1 SER A 31  ? GLY A 45  ? SER A 34  GLY A 48  1 ? 15 
HELX_P HELX_P2 2 ASP A 130 ? GLU A 150 ? ASP A 133 GLU A 153 1 ? 21 
# 
_struct_conf_type.id          HELX_P 
_struct_conf_type.criteria    ? 
_struct_conf_type.reference   ? 
# 
loop_
_struct_conn.id 
_struct_conn.conn_type_id 
_struct_conn.pdbx_leaving_atom_flag 
_struct_conn.pdbx_PDB_id 
_struct_conn.ptnr1_label_asym_id 
_struct_conn.ptnr1_label_comp_id 
_struct_conn.ptnr1_label_seq_id 
_struct_conn.ptnr1_label_atom_id 
_struct_conn.pdbx_ptnr1_label_alt_id 
_struct_conn.pdbx_ptnr1_PDB_ins_code 
_struct_conn.pdbx_ptnr1_standard_comp_id 
_struct_conn.ptnr1_symmetry 
_struct_conn.ptnr2_label_asym_id 
_struct_conn.ptnr2_label_comp_id 
_struct_conn.ptnr2_label_seq_id 
_struct_conn.ptnr2_label_atom_id 
_struct_conn.pdbx_ptnr2_label_alt_id 
_struct_conn.pdbx_ptnr2_PDB_ins_code 
_struct_conn.ptnr1_auth_asym_id 
_struct_conn.ptnr1_auth_comp_id 
_struct_conn.ptnr1_auth_seq_id 
_struct_conn.ptnr2_auth_asym_id 
_struct_conn.ptnr2_auth_comp_id 
_struct_conn.ptnr2_auth_seq_id 
_struct_conn.ptnr2_symmetry 
_struct_conn.pdbx_ptnr3_label_atom_id 
_struct_conn.pdbx_ptnr3_label_seq_id 
_struct_conn.pdbx_ptnr3_label_comp_id 
_struct_conn.pdbx_ptnr3_label_asym_id 
_struct_conn.pdbx_ptnr3_label_alt_id 
_struct_conn.pdbx_ptnr3_PDB_ins_code 
_struct_conn.details 
_struct_conn.pdbx_dist_value 
_struct_conn.pdbx_value_order 
_struct_conn.pdbx_role 
covale1 covale both ? A PRO 110 C ? ? ? 1_555 A CSX 111 N ? ? A PRO 113 A CSX 114 1_555 ? ? ? ? ? ? ? 1.322 ? ? 
covale2 covale both ? A CSX 111 C ? ? ? 1_555 A VAL 112 N ? ? A CSX 114 A VAL 115 1_555 ? ? ? ? ? ? ? 1.328 ? ? 
# 
_struct_conn_type.id          covale 
_struct_conn_type.criteria    ? 
_struct_conn_type.reference   ? 
# 
loop_
_struct_sheet.id 
_struct_sheet.type 
_struct_sheet.number_strands 
_struct_sheet.details 
AA ? 2 ? 
AB ? 7 ? 
# 
loop_
_struct_sheet_order.sheet_id 
_struct_sheet_order.range_id_1 
_struct_sheet_order.range_id_2 
_struct_sheet_order.offset 
_struct_sheet_order.sense 
AA 1 2 ? anti-parallel 
AB 1 2 ? anti-parallel 
AB 2 3 ? anti-parallel 
AB 3 4 ? anti-parallel 
AB 4 5 ? anti-parallel 
AB 5 6 ? anti-parallel 
AB 6 7 ? anti-parallel 
# 
loop_
_struct_sheet_range.sheet_id 
_struct_sheet_range.id 
_struct_sheet_range.beg_label_comp_id 
_struct_sheet_range.beg_label_asym_id 
_struct_sheet_range.beg_label_seq_id 
_struct_sheet_range.pdbx_beg_PDB_ins_code 
_struct_sheet_range.end_label_comp_id 
_struct_sheet_range.end_label_asym_id 
_struct_sheet_range.end_label_seq_id 
_struct_sheet_range.pdbx_end_PDB_ins_code 
_struct_sheet_range.beg_auth_comp_id 
_struct_sheet_range.beg_auth_asym_id 
_struct_sheet_range.beg_auth_seq_id 
_struct_sheet_range.end_auth_comp_id 
_struct_sheet_range.end_auth_asym_id 
_struct_sheet_range.end_auth_seq_id 
AA 1 LEU A 14  ? ILE A 16  ? LEU A 17  ILE A 19  
AA 2 MET A 106 ? ARG A 108 ? MET A 109 ARG A 111 
AB 1 LYS A 78  ? GLN A 83  ? LYS A 81  GLN A 86  
AB 2 PHE A 70  ? PHE A 75  ? PHE A 73  PHE A 78  
AB 3 ARG A 57  ? ASP A 65  ? ARG A 60  ASP A 68  
AB 4 ASP A 46  ? LEU A 51  ? ASP A 49  LEU A 54  
AB 5 ALA A 123 ? SER A 127 ? ALA A 126 SER A 130 
AB 6 VAL A 112 ? LEU A 117 ? VAL A 115 LEU A 120 
AB 7 ILE A 87  ? LEU A 91  ? ILE A 90  LEU A 94  
# 
loop_
_pdbx_struct_sheet_hbond.sheet_id 
_pdbx_struct_sheet_hbond.range_id_1 
_pdbx_struct_sheet_hbond.range_id_2 
_pdbx_struct_sheet_hbond.range_1_label_atom_id 
_pdbx_struct_sheet_hbond.range_1_label_comp_id 
_pdbx_struct_sheet_hbond.range_1_label_asym_id 
_pdbx_struct_sheet_hbond.range_1_label_seq_id 
_pdbx_struct_sheet_hbond.range_1_PDB_ins_code 
_pdbx_struct_sheet_hbond.range_1_auth_atom_id 
_pdbx_struct_sheet_hbond.range_1_auth_comp_id 
_pdbx_struct_sheet_hbond.range_1_auth_asym_id 
_pdbx_struct_sheet_hbond.range_1_auth_seq_id 
_pdbx_struct_sheet_hbond.range_2_label_atom_id 
_pdbx_struct_sheet_hbond.range_2_label_comp_id 
_pdbx_struct_sheet_hbond.range_2_label_asym_id 
_pdbx_struct_sheet_hbond.range_2_label_seq_id 
_pdbx_struct_sheet_hbond.range_2_PDB_ins_code 
_pdbx_struct_sheet_hbond.range_2_auth_atom_id 
_pdbx_struct_sheet_hbond.range_2_auth_comp_id 
_pdbx_struct_sheet_hbond.range_2_auth_asym_id 
_pdbx_struct_sheet_hbond.range_2_auth_seq_id 
AA 1 2 N ILE A 16  ? N ILE A 19  O MET A 106 ? O MET A 109 
AB 1 2 N ILE A 82  ? N ILE A 85  O MET A 71  ? O MET A 74  
AB 2 3 N THR A 74  ? N THR A 77  O ASN A 61  ? O ASN A 64  
AB 3 4 N LEU A 62  ? N LEU A 65  O ASP A 46  ? O ASP A 49  
AB 4 5 N LEU A 51  ? N LEU A 54  O ALA A 125 ? O ALA A 128 
AB 5 6 N PHE A 126 ? N PHE A 129 O VAL A 113 ? O VAL A 116 
AB 6 7 O ARG A 116 ? O ARG A 119 N ALA A 88  ? N ALA A 91  
# 
_pdbx_validate_torsion.id              1 
_pdbx_validate_torsion.PDB_model_num   1 
_pdbx_validate_torsion.auth_comp_id    TYR 
_pdbx_validate_torsion.auth_asym_id    A 
_pdbx_validate_torsion.auth_seq_id     95 
_pdbx_validate_torsion.PDB_ins_code    ? 
_pdbx_validate_torsion.label_alt_id    ? 
_pdbx_validate_torsion.phi             -154.90 
_pdbx_validate_torsion.psi             71.51 
# 
_pdbx_struct_mod_residue.id               1 
_pdbx_struct_mod_residue.label_asym_id    A 
_pdbx_struct_mod_residue.label_comp_id    CSX 
_pdbx_struct_mod_residue.label_seq_id     111 
_pdbx_struct_mod_residue.auth_asym_id     A 
_pdbx_struct_mod_residue.auth_comp_id     CSX 
_pdbx_struct_mod_residue.auth_seq_id      114 
_pdbx_struct_mod_residue.PDB_ins_code     ? 
_pdbx_struct_mod_residue.parent_comp_id   CYS 
_pdbx_struct_mod_residue.details          'S-OXY CYSTEINE' 
# 
loop_
_pdbx_unobs_or_zero_occ_residues.id 
_pdbx_unobs_or_zero_occ_residues.PDB_model_num 
_pdbx_unobs_or_zero_occ_residues.polymer_flag 
_pdbx_unobs_or_zero_occ_residues.occupancy_flag 
_pdbx_unobs_or_zero_occ_residues.auth_asym_id 
_pdbx_unobs_or_zero_occ_residues.auth_comp_id 
_pdbx_unobs_or_zero_occ_residues.auth_seq_id 
_pdbx_unobs_or_zero_occ_residues.PDB_ins_code 
_pdbx_unobs_or_zero_occ_residues.label_asym_id 
_pdbx_unobs_or_zero_occ_residues.label_comp_id 
_pdbx_unobs_or_zero_occ_residues.label_seq_id 
1  1 Y 1 A GLY 4   ? A GLY 1   
2  1 Y 1 A SER 5   ? A SER 2   
3  1 Y 1 A HIS 6   ? A HIS 3   
4  1 Y 1 A MET 7   ? A MET 4   
5  1 Y 1 A ALA 8   ? A ALA 5   
6  1 Y 1 A SER 9   ? A SER 6   
7  1 Y 1 A ASP 10  ? A ASP 7   
8  1 Y 1 A SER 11  ? A SER 8   
9  1 Y 1 A ASP 12  ? A ASP 9   
10 1 Y 1 A SER 13  ? A SER 10  
11 1 Y 1 A THR 14  ? A THR 11  
12 1 Y 1 A ARG 26  ? A ARG 23  
13 1 Y 1 A SER 27  ? A SER 24  
14 1 Y 1 A ARG 28  ? A ARG 25  
15 1 Y 1 A LYS 29  ? A LYS 26  
16 1 Y 1 A PRO 30  ? A PRO 27  
17 1 Y 1 A ASP 98  ? A ASP 95  
18 1 Y 1 A PRO 99  ? A PRO 96  
19 1 Y 1 A ARG 100 ? A ARG 97  
20 1 Y 1 A SER 101 ? A SER 98  
21 1 Y 1 A SER 102 ? A SER 99  
22 1 Y 1 A GLU 103 ? A GLU 100 
23 1 Y 1 A CYS 104 ? A CYS 101 
24 1 Y 1 A ALA 105 ? A ALA 102 
25 1 Y 1 A ASP 106 ? A ASP 103 
26 1 Y 1 A SER 107 ? A SER 104 
27 1 Y 1 A SER 154 ? A SER 151 
28 1 Y 1 A ASN 155 ? A ASN 152 
29 1 Y 1 A LYS 156 ? A LYS 153 
30 1 Y 1 A SER 157 ? A SER 154 
31 1 Y 1 A SER 158 ? A SER 155 
32 1 Y 1 A ALA 159 ? A ALA 156 
33 1 Y 1 A SER 160 ? A SER 157 
34 1 Y 1 A ASN 161 ? A ASN 158 
35 1 Y 1 A ASP 162 ? A ASP 159 
36 1 Y 1 A ARG 163 ? A ARG 160 
37 1 Y 1 A ASN 164 ? A ASN 161 
38 1 Y 1 A ALA 165 ? A ALA 162 
39 1 Y 1 A ALA 166 ? A ALA 163 
40 1 Y 1 A ALA 167 ? A ALA 164 
# 
loop_
_chem_comp_atom.comp_id 
_chem_comp_atom.atom_id 
_chem_comp_atom.type_symbol 
_chem_comp_atom.pdbx_aromatic_flag 
_chem_comp_atom.pdbx_stereo_config 
_chem_comp_atom.pdbx_ordinal 
ALA N    N N N 1   
ALA CA   C N S 2   
ALA C    C N N 3   
ALA O    O N N 4   
ALA CB   C N N 5   
ALA OXT  O N N 6   
ALA H    H N N 7   
ALA H2   H N N 8   
ALA HA   H N N 9   
ALA HB1  H N N 10  
ALA HB2  H N N 11  
ALA HB3  H N N 12  
ALA HXT  H N N 13  
ARG N    N N N 14  
ARG CA   C N S 15  
ARG C    C N N 16  
ARG O    O N N 17  
ARG CB   C N N 18  
ARG CG   C N N 19  
ARG CD   C N N 20  
ARG NE   N N N 21  
ARG CZ   C N N 22  
ARG NH1  N N N 23  
ARG NH2  N N N 24  
ARG OXT  O N N 25  
ARG H    H N N 26  
ARG H2   H N N 27  
ARG HA   H N N 28  
ARG HB2  H N N 29  
ARG HB3  H N N 30  
ARG HG2  H N N 31  
ARG HG3  H N N 32  
ARG HD2  H N N 33  
ARG HD3  H N N 34  
ARG HE   H N N 35  
ARG HH11 H N N 36  
ARG HH12 H N N 37  
ARG HH21 H N N 38  
ARG HH22 H N N 39  
ARG HXT  H N N 40  
ASN N    N N N 41  
ASN CA   C N S 42  
ASN C    C N N 43  
ASN O    O N N 44  
ASN CB   C N N 45  
ASN CG   C N N 46  
ASN OD1  O N N 47  
ASN ND2  N N N 48  
ASN OXT  O N N 49  
ASN H    H N N 50  
ASN H2   H N N 51  
ASN HA   H N N 52  
ASN HB2  H N N 53  
ASN HB3  H N N 54  
ASN HD21 H N N 55  
ASN HD22 H N N 56  
ASN HXT  H N N 57  
ASP N    N N N 58  
ASP CA   C N S 59  
ASP C    C N N 60  
ASP O    O N N 61  
ASP CB   C N N 62  
ASP CG   C N N 63  
ASP OD1  O N N 64  
ASP OD2  O N N 65  
ASP OXT  O N N 66  
ASP H    H N N 67  
ASP H2   H N N 68  
ASP HA   H N N 69  
ASP HB2  H N N 70  
ASP HB3  H N N 71  
ASP HD2  H N N 72  
ASP HXT  H N N 73  
CSX N    N N N 74  
CSX CA   C N R 75  
CSX CB   C N N 76  
CSX SG   S N S 77  
CSX C    C N N 78  
CSX O    O N N 79  
CSX OXT  O N N 80  
CSX OD   O N N 81  
CSX H    H N N 82  
CSX H2   H N N 83  
CSX HA   H N N 84  
CSX HB2  H N N 85  
CSX HB3  H N N 86  
CSX HG   H N N 87  
CSX HXT  H N N 88  
CYS N    N N N 89  
CYS CA   C N R 90  
CYS C    C N N 91  
CYS O    O N N 92  
CYS CB   C N N 93  
CYS SG   S N N 94  
CYS OXT  O N N 95  
CYS H    H N N 96  
CYS H2   H N N 97  
CYS HA   H N N 98  
CYS HB2  H N N 99  
CYS HB3  H N N 100 
CYS HG   H N N 101 
CYS HXT  H N N 102 
GLN N    N N N 103 
GLN CA   C N S 104 
GLN C    C N N 105 
GLN O    O N N 106 
GLN CB   C N N 107 
GLN CG   C N N 108 
GLN CD   C N N 109 
GLN OE1  O N N 110 
GLN NE2  N N N 111 
GLN OXT  O N N 112 
GLN H    H N N 113 
GLN H2   H N N 114 
GLN HA   H N N 115 
GLN HB2  H N N 116 
GLN HB3  H N N 117 
GLN HG2  H N N 118 
GLN HG3  H N N 119 
GLN HE21 H N N 120 
GLN HE22 H N N 121 
GLN HXT  H N N 122 
GLU N    N N N 123 
GLU CA   C N S 124 
GLU C    C N N 125 
GLU O    O N N 126 
GLU CB   C N N 127 
GLU CG   C N N 128 
GLU CD   C N N 129 
GLU OE1  O N N 130 
GLU OE2  O N N 131 
GLU OXT  O N N 132 
GLU H    H N N 133 
GLU H2   H N N 134 
GLU HA   H N N 135 
GLU HB2  H N N 136 
GLU HB3  H N N 137 
GLU HG2  H N N 138 
GLU HG3  H N N 139 
GLU HE2  H N N 140 
GLU HXT  H N N 141 
GLY N    N N N 142 
GLY CA   C N N 143 
GLY C    C N N 144 
GLY O    O N N 145 
GLY OXT  O N N 146 
GLY H    H N N 147 
GLY H2   H N N 148 
GLY HA2  H N N 149 
GLY HA3  H N N 150 
GLY HXT  H N N 151 
HIS N    N N N 152 
HIS CA   C N S 153 
HIS C    C N N 154 
HIS O    O N N 155 
HIS CB   C N N 156 
HIS CG   C Y N 157 
HIS ND1  N Y N 158 
HIS CD2  C Y N 159 
HIS CE1  C Y N 160 
HIS NE2  N Y N 161 
HIS OXT  O N N 162 
HIS H    H N N 163 
HIS H2   H N N 164 
HIS HA   H N N 165 
HIS HB2  H N N 166 
HIS HB3  H N N 167 
HIS HD1  H N N 168 
HIS HD2  H N N 169 
HIS HE1  H N N 170 
HIS HE2  H N N 171 
HIS HXT  H N N 172 
HOH O    O N N 173 
HOH H1   H N N 174 
HOH H2   H N N 175 
ILE N    N N N 176 
ILE CA   C N S 177 
ILE C    C N N 178 
ILE O    O N N 179 
ILE CB   C N S 180 
ILE CG1  C N N 181 
ILE CG2  C N N 182 
ILE CD1  C N N 183 
ILE OXT  O N N 184 
ILE H    H N N 185 
ILE H2   H N N 186 
ILE HA   H N N 187 
ILE HB   H N N 188 
ILE HG12 H N N 189 
ILE HG13 H N N 190 
ILE HG21 H N N 191 
ILE HG22 H N N 192 
ILE HG23 H N N 193 
ILE HD11 H N N 194 
ILE HD12 H N N 195 
ILE HD13 H N N 196 
ILE HXT  H N N 197 
LEU N    N N N 198 
LEU CA   C N S 199 
LEU C    C N N 200 
LEU O    O N N 201 
LEU CB   C N N 202 
LEU CG   C N N 203 
LEU CD1  C N N 204 
LEU CD2  C N N 205 
LEU OXT  O N N 206 
LEU H    H N N 207 
LEU H2   H N N 208 
LEU HA   H N N 209 
LEU HB2  H N N 210 
LEU HB3  H N N 211 
LEU HG   H N N 212 
LEU HD11 H N N 213 
LEU HD12 H N N 214 
LEU HD13 H N N 215 
LEU HD21 H N N 216 
LEU HD22 H N N 217 
LEU HD23 H N N 218 
LEU HXT  H N N 219 
LYS N    N N N 220 
LYS CA   C N S 221 
LYS C    C N N 222 
LYS O    O N N 223 
LYS CB   C N N 224 
LYS CG   C N N 225 
LYS CD   C N N 226 
LYS CE   C N N 227 
LYS NZ   N N N 228 
LYS OXT  O N N 229 
LYS H    H N N 230 
LYS H2   H N N 231 
LYS HA   H N N 232 
LYS HB2  H N N 233 
LYS HB3  H N N 234 
LYS HG2  H N N 235 
LYS HG3  H N N 236 
LYS HD2  H N N 237 
LYS HD3  H N N 238 
LYS HE2  H N N 239 
LYS HE3  H N N 240 
LYS HZ1  H N N 241 
LYS HZ2  H N N 242 
LYS HZ3  H N N 243 
LYS HXT  H N N 244 
MET N    N N N 245 
MET CA   C N S 246 
MET C    C N N 247 
MET O    O N N 248 
MET CB   C N N 249 
MET CG   C N N 250 
MET SD   S N N 251 
MET CE   C N N 252 
MET OXT  O N N 253 
MET H    H N N 254 
MET H2   H N N 255 
MET HA   H N N 256 
MET HB2  H N N 257 
MET HB3  H N N 258 
MET HG2  H N N 259 
MET HG3  H N N 260 
MET HE1  H N N 261 
MET HE2  H N N 262 
MET HE3  H N N 263 
MET HXT  H N N 264 
PHE N    N N N 265 
PHE CA   C N S 266 
PHE C    C N N 267 
PHE O    O N N 268 
PHE CB   C N N 269 
PHE CG   C Y N 270 
PHE CD1  C Y N 271 
PHE CD2  C Y N 272 
PHE CE1  C Y N 273 
PHE CE2  C Y N 274 
PHE CZ   C Y N 275 
PHE OXT  O N N 276 
PHE H    H N N 277 
PHE H2   H N N 278 
PHE HA   H N N 279 
PHE HB2  H N N 280 
PHE HB3  H N N 281 
PHE HD1  H N N 282 
PHE HD2  H N N 283 
PHE HE1  H N N 284 
PHE HE2  H N N 285 
PHE HZ   H N N 286 
PHE HXT  H N N 287 
PRO N    N N N 288 
PRO CA   C N S 289 
PRO C    C N N 290 
PRO O    O N N 291 
PRO CB   C N N 292 
PRO CG   C N N 293 
PRO CD   C N N 294 
PRO OXT  O N N 295 
PRO H    H N N 296 
PRO HA   H N N 297 
PRO HB2  H N N 298 
PRO HB3  H N N 299 
PRO HG2  H N N 300 
PRO HG3  H N N 301 
PRO HD2  H N N 302 
PRO HD3  H N N 303 
PRO HXT  H N N 304 
SER N    N N N 305 
SER CA   C N S 306 
SER C    C N N 307 
SER O    O N N 308 
SER CB   C N N 309 
SER OG   O N N 310 
SER OXT  O N N 311 
SER H    H N N 312 
SER H2   H N N 313 
SER HA   H N N 314 
SER HB2  H N N 315 
SER HB3  H N N 316 
SER HG   H N N 317 
SER HXT  H N N 318 
THR N    N N N 319 
THR CA   C N S 320 
THR C    C N N 321 
THR O    O N N 322 
THR CB   C N R 323 
THR OG1  O N N 324 
THR CG2  C N N 325 
THR OXT  O N N 326 
THR H    H N N 327 
THR H2   H N N 328 
THR HA   H N N 329 
THR HB   H N N 330 
THR HG1  H N N 331 
THR HG21 H N N 332 
THR HG22 H N N 333 
THR HG23 H N N 334 
THR HXT  H N N 335 
TRP N    N N N 336 
TRP CA   C N S 337 
TRP C    C N N 338 
TRP O    O N N 339 
TRP CB   C N N 340 
TRP CG   C Y N 341 
TRP CD1  C Y N 342 
TRP CD2  C Y N 343 
TRP NE1  N Y N 344 
TRP CE2  C Y N 345 
TRP CE3  C Y N 346 
TRP CZ2  C Y N 347 
TRP CZ3  C Y N 348 
TRP CH2  C Y N 349 
TRP OXT  O N N 350 
TRP H    H N N 351 
TRP H2   H N N 352 
TRP HA   H N N 353 
TRP HB2  H N N 354 
TRP HB3  H N N 355 
TRP HD1  H N N 356 
TRP HE1  H N N 357 
TRP HE3  H N N 358 
TRP HZ2  H N N 359 
TRP HZ3  H N N 360 
TRP HH2  H N N 361 
TRP HXT  H N N 362 
TYR N    N N N 363 
TYR CA   C N S 364 
TYR C    C N N 365 
TYR O    O N N 366 
TYR CB   C N N 367 
TYR CG   C Y N 368 
TYR CD1  C Y N 369 
TYR CD2  C Y N 370 
TYR CE1  C Y N 371 
TYR CE2  C Y N 372 
TYR CZ   C Y N 373 
TYR OH   O N N 374 
TYR OXT  O N N 375 
TYR H    H N N 376 
TYR H2   H N N 377 
TYR HA   H N N 378 
TYR HB2  H N N 379 
TYR HB3  H N N 380 
TYR HD1  H N N 381 
TYR HD2  H N N 382 
TYR HE1  H N N 383 
TYR HE2  H N N 384 
TYR HH   H N N 385 
TYR HXT  H N N 386 
VAL N    N N N 387 
VAL CA   C N S 388 
VAL C    C N N 389 
VAL O    O N N 390 
VAL CB   C N N 391 
VAL CG1  C N N 392 
VAL CG2  C N N 393 
VAL OXT  O N N 394 
VAL H    H N N 395 
VAL H2   H N N 396 
VAL HA   H N N 397 
VAL HB   H N N 398 
VAL HG11 H N N 399 
VAL HG12 H N N 400 
VAL HG13 H N N 401 
VAL HG21 H N N 402 
VAL HG22 H N N 403 
VAL HG23 H N N 404 
VAL HXT  H N N 405 
# 
loop_
_chem_comp_bond.comp_id 
_chem_comp_bond.atom_id_1 
_chem_comp_bond.atom_id_2 
_chem_comp_bond.value_order 
_chem_comp_bond.pdbx_aromatic_flag 
_chem_comp_bond.pdbx_stereo_config 
_chem_comp_bond.pdbx_ordinal 
ALA N   CA   sing N N 1   
ALA N   H    sing N N 2   
ALA N   H2   sing N N 3   
ALA CA  C    sing N N 4   
ALA CA  CB   sing N N 5   
ALA CA  HA   sing N N 6   
ALA C   O    doub N N 7   
ALA C   OXT  sing N N 8   
ALA CB  HB1  sing N N 9   
ALA CB  HB2  sing N N 10  
ALA CB  HB3  sing N N 11  
ALA OXT HXT  sing N N 12  
ARG N   CA   sing N N 13  
ARG N   H    sing N N 14  
ARG N   H2   sing N N 15  
ARG CA  C    sing N N 16  
ARG CA  CB   sing N N 17  
ARG CA  HA   sing N N 18  
ARG C   O    doub N N 19  
ARG C   OXT  sing N N 20  
ARG CB  CG   sing N N 21  
ARG CB  HB2  sing N N 22  
ARG CB  HB3  sing N N 23  
ARG CG  CD   sing N N 24  
ARG CG  HG2  sing N N 25  
ARG CG  HG3  sing N N 26  
ARG CD  NE   sing N N 27  
ARG CD  HD2  sing N N 28  
ARG CD  HD3  sing N N 29  
ARG NE  CZ   sing N N 30  
ARG NE  HE   sing N N 31  
ARG CZ  NH1  sing N N 32  
ARG CZ  NH2  doub N N 33  
ARG NH1 HH11 sing N N 34  
ARG NH1 HH12 sing N N 35  
ARG NH2 HH21 sing N N 36  
ARG NH2 HH22 sing N N 37  
ARG OXT HXT  sing N N 38  
ASN N   CA   sing N N 39  
ASN N   H    sing N N 40  
ASN N   H2   sing N N 41  
ASN CA  C    sing N N 42  
ASN CA  CB   sing N N 43  
ASN CA  HA   sing N N 44  
ASN C   O    doub N N 45  
ASN C   OXT  sing N N 46  
ASN CB  CG   sing N N 47  
ASN CB  HB2  sing N N 48  
ASN CB  HB3  sing N N 49  
ASN CG  OD1  doub N N 50  
ASN CG  ND2  sing N N 51  
ASN ND2 HD21 sing N N 52  
ASN ND2 HD22 sing N N 53  
ASN OXT HXT  sing N N 54  
ASP N   CA   sing N N 55  
ASP N   H    sing N N 56  
ASP N   H2   sing N N 57  
ASP CA  C    sing N N 58  
ASP CA  CB   sing N N 59  
ASP CA  HA   sing N N 60  
ASP C   O    doub N N 61  
ASP C   OXT  sing N N 62  
ASP CB  CG   sing N N 63  
ASP CB  HB2  sing N N 64  
ASP CB  HB3  sing N N 65  
ASP CG  OD1  doub N N 66  
ASP CG  OD2  sing N N 67  
ASP OD2 HD2  sing N N 68  
ASP OXT HXT  sing N N 69  
CSX N   CA   sing N N 70  
CSX N   H    sing N N 71  
CSX N   H2   sing N N 72  
CSX CA  CB   sing N N 73  
CSX CA  C    sing N N 74  
CSX CA  HA   sing N N 75  
CSX CB  SG   sing N N 76  
CSX CB  HB2  sing N N 77  
CSX CB  HB3  sing N N 78  
CSX SG  OD   doub N N 79  
CSX SG  HG   sing N N 80  
CSX C   O    doub N N 81  
CSX C   OXT  sing N N 82  
CSX OXT HXT  sing N N 83  
CYS N   CA   sing N N 84  
CYS N   H    sing N N 85  
CYS N   H2   sing N N 86  
CYS CA  C    sing N N 87  
CYS CA  CB   sing N N 88  
CYS CA  HA   sing N N 89  
CYS C   O    doub N N 90  
CYS C   OXT  sing N N 91  
CYS CB  SG   sing N N 92  
CYS CB  HB2  sing N N 93  
CYS CB  HB3  sing N N 94  
CYS SG  HG   sing N N 95  
CYS OXT HXT  sing N N 96  
GLN N   CA   sing N N 97  
GLN N   H    sing N N 98  
GLN N   H2   sing N N 99  
GLN CA  C    sing N N 100 
GLN CA  CB   sing N N 101 
GLN CA  HA   sing N N 102 
GLN C   O    doub N N 103 
GLN C   OXT  sing N N 104 
GLN CB  CG   sing N N 105 
GLN CB  HB2  sing N N 106 
GLN CB  HB3  sing N N 107 
GLN CG  CD   sing N N 108 
GLN CG  HG2  sing N N 109 
GLN CG  HG3  sing N N 110 
GLN CD  OE1  doub N N 111 
GLN CD  NE2  sing N N 112 
GLN NE2 HE21 sing N N 113 
GLN NE2 HE22 sing N N 114 
GLN OXT HXT  sing N N 115 
GLU N   CA   sing N N 116 
GLU N   H    sing N N 117 
GLU N   H2   sing N N 118 
GLU CA  C    sing N N 119 
GLU CA  CB   sing N N 120 
GLU CA  HA   sing N N 121 
GLU C   O    doub N N 122 
GLU C   OXT  sing N N 123 
GLU CB  CG   sing N N 124 
GLU CB  HB2  sing N N 125 
GLU CB  HB3  sing N N 126 
GLU CG  CD   sing N N 127 
GLU CG  HG2  sing N N 128 
GLU CG  HG3  sing N N 129 
GLU CD  OE1  doub N N 130 
GLU CD  OE2  sing N N 131 
GLU OE2 HE2  sing N N 132 
GLU OXT HXT  sing N N 133 
GLY N   CA   sing N N 134 
GLY N   H    sing N N 135 
GLY N   H2   sing N N 136 
GLY CA  C    sing N N 137 
GLY CA  HA2  sing N N 138 
GLY CA  HA3  sing N N 139 
GLY C   O    doub N N 140 
GLY C   OXT  sing N N 141 
GLY OXT HXT  sing N N 142 
HIS N   CA   sing N N 143 
HIS N   H    sing N N 144 
HIS N   H2   sing N N 145 
HIS CA  C    sing N N 146 
HIS CA  CB   sing N N 147 
HIS CA  HA   sing N N 148 
HIS C   O    doub N N 149 
HIS C   OXT  sing N N 150 
HIS CB  CG   sing N N 151 
HIS CB  HB2  sing N N 152 
HIS CB  HB3  sing N N 153 
HIS CG  ND1  sing Y N 154 
HIS CG  CD2  doub Y N 155 
HIS ND1 CE1  doub Y N 156 
HIS ND1 HD1  sing N N 157 
HIS CD2 NE2  sing Y N 158 
HIS CD2 HD2  sing N N 159 
HIS CE1 NE2  sing Y N 160 
HIS CE1 HE1  sing N N 161 
HIS NE2 HE2  sing N N 162 
HIS OXT HXT  sing N N 163 
HOH O   H1   sing N N 164 
HOH O   H2   sing N N 165 
ILE N   CA   sing N N 166 
ILE N   H    sing N N 167 
ILE N   H2   sing N N 168 
ILE CA  C    sing N N 169 
ILE CA  CB   sing N N 170 
ILE CA  HA   sing N N 171 
ILE C   O    doub N N 172 
ILE C   OXT  sing N N 173 
ILE CB  CG1  sing N N 174 
ILE CB  CG2  sing N N 175 
ILE CB  HB   sing N N 176 
ILE CG1 CD1  sing N N 177 
ILE CG1 HG12 sing N N 178 
ILE CG1 HG13 sing N N 179 
ILE CG2 HG21 sing N N 180 
ILE CG2 HG22 sing N N 181 
ILE CG2 HG23 sing N N 182 
ILE CD1 HD11 sing N N 183 
ILE CD1 HD12 sing N N 184 
ILE CD1 HD13 sing N N 185 
ILE OXT HXT  sing N N 186 
LEU N   CA   sing N N 187 
LEU N   H    sing N N 188 
LEU N   H2   sing N N 189 
LEU CA  C    sing N N 190 
LEU CA  CB   sing N N 191 
LEU CA  HA   sing N N 192 
LEU C   O    doub N N 193 
LEU C   OXT  sing N N 194 
LEU CB  CG   sing N N 195 
LEU CB  HB2  sing N N 196 
LEU CB  HB3  sing N N 197 
LEU CG  CD1  sing N N 198 
LEU CG  CD2  sing N N 199 
LEU CG  HG   sing N N 200 
LEU CD1 HD11 sing N N 201 
LEU CD1 HD12 sing N N 202 
LEU CD1 HD13 sing N N 203 
LEU CD2 HD21 sing N N 204 
LEU CD2 HD22 sing N N 205 
LEU CD2 HD23 sing N N 206 
LEU OXT HXT  sing N N 207 
LYS N   CA   sing N N 208 
LYS N   H    sing N N 209 
LYS N   H2   sing N N 210 
LYS CA  C    sing N N 211 
LYS CA  CB   sing N N 212 
LYS CA  HA   sing N N 213 
LYS C   O    doub N N 214 
LYS C   OXT  sing N N 215 
LYS CB  CG   sing N N 216 
LYS CB  HB2  sing N N 217 
LYS CB  HB3  sing N N 218 
LYS CG  CD   sing N N 219 
LYS CG  HG2  sing N N 220 
LYS CG  HG3  sing N N 221 
LYS CD  CE   sing N N 222 
LYS CD  HD2  sing N N 223 
LYS CD  HD3  sing N N 224 
LYS CE  NZ   sing N N 225 
LYS CE  HE2  sing N N 226 
LYS CE  HE3  sing N N 227 
LYS NZ  HZ1  sing N N 228 
LYS NZ  HZ2  sing N N 229 
LYS NZ  HZ3  sing N N 230 
LYS OXT HXT  sing N N 231 
MET N   CA   sing N N 232 
MET N   H    sing N N 233 
MET N   H2   sing N N 234 
MET CA  C    sing N N 235 
MET CA  CB   sing N N 236 
MET CA  HA   sing N N 237 
MET C   O    doub N N 238 
MET C   OXT  sing N N 239 
MET CB  CG   sing N N 240 
MET CB  HB2  sing N N 241 
MET CB  HB3  sing N N 242 
MET CG  SD   sing N N 243 
MET CG  HG2  sing N N 244 
MET CG  HG3  sing N N 245 
MET SD  CE   sing N N 246 
MET CE  HE1  sing N N 247 
MET CE  HE2  sing N N 248 
MET CE  HE3  sing N N 249 
MET OXT HXT  sing N N 250 
PHE N   CA   sing N N 251 
PHE N   H    sing N N 252 
PHE N   H2   sing N N 253 
PHE CA  C    sing N N 254 
PHE CA  CB   sing N N 255 
PHE CA  HA   sing N N 256 
PHE C   O    doub N N 257 
PHE C   OXT  sing N N 258 
PHE CB  CG   sing N N 259 
PHE CB  HB2  sing N N 260 
PHE CB  HB3  sing N N 261 
PHE CG  CD1  doub Y N 262 
PHE CG  CD2  sing Y N 263 
PHE CD1 CE1  sing Y N 264 
PHE CD1 HD1  sing N N 265 
PHE CD2 CE2  doub Y N 266 
PHE CD2 HD2  sing N N 267 
PHE CE1 CZ   doub Y N 268 
PHE CE1 HE1  sing N N 269 
PHE CE2 CZ   sing Y N 270 
PHE CE2 HE2  sing N N 271 
PHE CZ  HZ   sing N N 272 
PHE OXT HXT  sing N N 273 
PRO N   CA   sing N N 274 
PRO N   CD   sing N N 275 
PRO N   H    sing N N 276 
PRO CA  C    sing N N 277 
PRO CA  CB   sing N N 278 
PRO CA  HA   sing N N 279 
PRO C   O    doub N N 280 
PRO C   OXT  sing N N 281 
PRO CB  CG   sing N N 282 
PRO CB  HB2  sing N N 283 
PRO CB  HB3  sing N N 284 
PRO CG  CD   sing N N 285 
PRO CG  HG2  sing N N 286 
PRO CG  HG3  sing N N 287 
PRO CD  HD2  sing N N 288 
PRO CD  HD3  sing N N 289 
PRO OXT HXT  sing N N 290 
SER N   CA   sing N N 291 
SER N   H    sing N N 292 
SER N   H2   sing N N 293 
SER CA  C    sing N N 294 
SER CA  CB   sing N N 295 
SER CA  HA   sing N N 296 
SER C   O    doub N N 297 
SER C   OXT  sing N N 298 
SER CB  OG   sing N N 299 
SER CB  HB2  sing N N 300 
SER CB  HB3  sing N N 301 
SER OG  HG   sing N N 302 
SER OXT HXT  sing N N 303 
THR N   CA   sing N N 304 
THR N   H    sing N N 305 
THR N   H2   sing N N 306 
THR CA  C    sing N N 307 
THR CA  CB   sing N N 308 
THR CA  HA   sing N N 309 
THR C   O    doub N N 310 
THR C   OXT  sing N N 311 
THR CB  OG1  sing N N 312 
THR CB  CG2  sing N N 313 
THR CB  HB   sing N N 314 
THR OG1 HG1  sing N N 315 
THR CG2 HG21 sing N N 316 
THR CG2 HG22 sing N N 317 
THR CG2 HG23 sing N N 318 
THR OXT HXT  sing N N 319 
TRP N   CA   sing N N 320 
TRP N   H    sing N N 321 
TRP N   H2   sing N N 322 
TRP CA  C    sing N N 323 
TRP CA  CB   sing N N 324 
TRP CA  HA   sing N N 325 
TRP C   O    doub N N 326 
TRP C   OXT  sing N N 327 
TRP CB  CG   sing N N 328 
TRP CB  HB2  sing N N 329 
TRP CB  HB3  sing N N 330 
TRP CG  CD1  doub Y N 331 
TRP CG  CD2  sing Y N 332 
TRP CD1 NE1  sing Y N 333 
TRP CD1 HD1  sing N N 334 
TRP CD2 CE2  doub Y N 335 
TRP CD2 CE3  sing Y N 336 
TRP NE1 CE2  sing Y N 337 
TRP NE1 HE1  sing N N 338 
TRP CE2 CZ2  sing Y N 339 
TRP CE3 CZ3  doub Y N 340 
TRP CE3 HE3  sing N N 341 
TRP CZ2 CH2  doub Y N 342 
TRP CZ2 HZ2  sing N N 343 
TRP CZ3 CH2  sing Y N 344 
TRP CZ3 HZ3  sing N N 345 
TRP CH2 HH2  sing N N 346 
TRP OXT HXT  sing N N 347 
TYR N   CA   sing N N 348 
TYR N   H    sing N N 349 
TYR N   H2   sing N N 350 
TYR CA  C    sing N N 351 
TYR CA  CB   sing N N 352 
TYR CA  HA   sing N N 353 
TYR C   O    doub N N 354 
TYR C   OXT  sing N N 355 
TYR CB  CG   sing N N 356 
TYR CB  HB2  sing N N 357 
TYR CB  HB3  sing N N 358 
TYR CG  CD1  doub Y N 359 
TYR CG  CD2  sing Y N 360 
TYR CD1 CE1  sing Y N 361 
TYR CD1 HD1  sing N N 362 
TYR CD2 CE2  doub Y N 363 
TYR CD2 HD2  sing N N 364 
TYR CE1 CZ   doub Y N 365 
TYR CE1 HE1  sing N N 366 
TYR CE2 CZ   sing Y N 367 
TYR CE2 HE2  sing N N 368 
TYR CZ  OH   sing N N 369 
TYR OH  HH   sing N N 370 
TYR OXT HXT  sing N N 371 
VAL N   CA   sing N N 372 
VAL N   H    sing N N 373 
VAL N   H2   sing N N 374 
VAL CA  C    sing N N 375 
VAL CA  CB   sing N N 376 
VAL CA  HA   sing N N 377 
VAL C   O    doub N N 378 
VAL C   OXT  sing N N 379 
VAL CB  CG1  sing N N 380 
VAL CB  CG2  sing N N 381 
VAL CB  HB   sing N N 382 
VAL CG1 HG11 sing N N 383 
VAL CG1 HG12 sing N N 384 
VAL CG1 HG13 sing N N 385 
VAL CG2 HG21 sing N N 386 
VAL CG2 HG22 sing N N 387 
VAL CG2 HG23 sing N N 388 
VAL OXT HXT  sing N N 389 
# 
_pdbx_initial_refinement_model.accession_code   ? 
_pdbx_initial_refinement_model.id               1 
_pdbx_initial_refinement_model.entity_id_list   ? 
_pdbx_initial_refinement_model.type             other 
_pdbx_initial_refinement_model.source_name      ? 
_pdbx_initial_refinement_model.details          TGISP1 
# 
_atom_sites.entry_id                    4CHJ 
_atom_sites.fract_transf_matrix[1][1]   0.00317011 
_atom_sites.fract_transf_matrix[1][2]   0.00738190 
_atom_sites.fract_transf_matrix[1][3]   0.00604157 
_atom_sites.fract_transf_matrix[2][1]   -0.00196562 
_atom_sites.fract_transf_matrix[2][2]   -0.00572432 
_atom_sites.fract_transf_matrix[2][3]   0.00802566 
_atom_sites.fract_transf_matrix[3][1]   0.01525509 
_atom_sites.fract_transf_matrix[3][2]   -0.00606728 
_atom_sites.fract_transf_matrix[3][3]   -0.00059128 
_atom_sites.fract_transf_vector[1]      -0.146722 
_atom_sites.fract_transf_vector[2]      0.008474 
_atom_sites.fract_transf_vector[3]      -0.340512 
# 
loop_
_atom_type.symbol 
C 
N 
O 
S 
# 
loop_
_atom_site.group_PDB 
_atom_site.id 
_atom_site.type_symbol 
_atom_site.label_atom_id 
_atom_site.label_alt_id 
_atom_site.label_comp_id 
_atom_site.label_asym_id 
_atom_site.label_entity_id 
_atom_site.label_seq_id 
_atom_site.pdbx_PDB_ins_code 
_atom_site.Cartn_x 
_atom_site.Cartn_y 
_atom_site.Cartn_z 
_atom_site.occupancy 
_atom_site.B_iso_or_equiv 
_atom_site.pdbx_formal_charge 
_atom_site.auth_seq_id 
_atom_site.auth_comp_id 
_atom_site.auth_asym_id 
_atom_site.auth_atom_id 
_atom_site.pdbx_PDB_model_num 
ATOM   1   N N   . ALA A 1 12  ? -5.354  -11.140 13.467  1.00 71.05  ? 15   ALA A N   1 
ATOM   2   C CA  . ALA A 1 12  ? -4.849  -10.627 14.734  1.00 77.48  ? 15   ALA A CA  1 
ATOM   3   C C   . ALA A 1 12  ? -3.890  -9.464  14.526  1.00 74.44  ? 15   ALA A C   1 
ATOM   4   O O   . ALA A 1 12  ? -3.064  -9.476  13.625  1.00 71.58  ? 15   ALA A O   1 
ATOM   5   C CB  . ALA A 1 12  ? -4.175  -11.731 15.530  1.00 75.32  ? 15   ALA A CB  1 
ATOM   6   N N   . ASP A 1 13  ? -3.995  -8.468  15.390  1.00 68.34  ? 16   ASP A N   1 
ATOM   7   C CA  . ASP A 1 13  ? -3.250  -7.240  15.227  1.00 66.38  ? 16   ASP A CA  1 
ATOM   8   C C   . ASP A 1 13  ? -1.759  -7.441  15.314  1.00 65.18  ? 16   ASP A C   1 
ATOM   9   O O   . ASP A 1 13  ? -1.271  -8.231  16.105  1.00 64.88  ? 16   ASP A O   1 
ATOM   10  C CB  . ASP A 1 13  ? -3.664  -6.233  16.294  1.00 71.86  ? 16   ASP A CB  1 
ATOM   11  C CG  . ASP A 1 13  ? -4.976  -5.575  15.990  1.00 71.54  ? 16   ASP A CG  1 
ATOM   12  O OD1 . ASP A 1 13  ? -5.335  -5.480  14.803  1.00 76.31  ? 16   ASP A OD1 1 
ATOM   13  O OD2 . ASP A 1 13  ? -5.650  -5.150  16.941  1.00 73.33  ? 16   ASP A OD2 1 
ATOM   14  N N   . LEU A 1 14  ? -1.041  -6.706  14.479  1.00 67.70  ? 17   LEU A N   1 
ATOM   15  C CA  . LEU A 1 14  ? 0.377   -6.510  14.640  1.00 63.06  ? 17   LEU A CA  1 
ATOM   16  C C   . LEU A 1 14  ? 0.559   -5.625  15.855  1.00 70.07  ? 17   LEU A C   1 
ATOM   17  O O   . LEU A 1 14  ? -0.236  -4.724  16.088  1.00 63.03  ? 17   LEU A O   1 
ATOM   18  C CB  . LEU A 1 14  ? 0.949   -5.800  13.420  1.00 60.81  ? 17   LEU A CB  1 
ATOM   19  C CG  . LEU A 1 14  ? 1.350   -6.636  12.213  1.00 59.76  ? 17   LEU A CG  1 
ATOM   20  C CD1 . LEU A 1 14  ? 0.602   -7.955  12.188  1.00 62.78  ? 17   LEU A CD1 1 
ATOM   21  C CD2 . LEU A 1 14  ? 1.098   -5.856  10.940  1.00 64.10  ? 17   LEU A CD2 1 
ATOM   22  N N   . GLU A 1 15  ? 1.610   -5.865  16.623  1.00 77.23  ? 18   GLU A N   1 
ATOM   23  C CA  . GLU A 1 15  ? 1.917   -5.002  17.749  1.00 84.60  ? 18   GLU A CA  1 
ATOM   24  C C   . GLU A 1 15  ? 3.188   -4.226  17.452  1.00 76.85  ? 18   GLU A C   1 
ATOM   25  O O   . GLU A 1 15  ? 4.199   -4.789  17.054  1.00 71.93  ? 18   GLU A O   1 
ATOM   26  C CB  . GLU A 1 15  ? 2.034   -5.803  19.041  1.00 85.94  ? 18   GLU A CB  1 
ATOM   27  C CG  . GLU A 1 15  ? 0.738   -6.489  19.433  1.00 89.27  ? 18   GLU A CG  1 
ATOM   28  C CD  . GLU A 1 15  ? 0.849   -7.259  20.730  1.00 99.69  ? 18   GLU A CD  1 
ATOM   29  O OE1 . GLU A 1 15  ? 1.879   -7.930  20.943  1.00 94.82  ? 18   GLU A OE1 1 
ATOM   30  O OE2 . GLU A 1 15  ? -0.098  -7.193  21.536  1.00 105.99 ? 18   GLU A OE2 1 
ATOM   31  N N   . ILE A 1 16  ? 3.113   -2.916  17.621  1.00 74.74  ? 19   ILE A N   1 
ATOM   32  C CA  . ILE A 1 16  ? 4.158   -2.046  17.168  1.00 78.86  ? 19   ILE A CA  1 
ATOM   33  C C   . ILE A 1 16  ? 5.044   -1.741  18.360  1.00 72.70  ? 19   ILE A C   1 
ATOM   34  O O   . ILE A 1 16  ? 4.560   -1.592  19.495  1.00 54.98  ? 19   ILE A O   1 
ATOM   35  C CB  . ILE A 1 16  ? 3.576   -0.754  16.544  1.00 81.53  ? 19   ILE A CB  1 
ATOM   36  C CG1 . ILE A 1 16  ? 2.789   -1.106  15.265  1.00 87.24  ? 19   ILE A CG1 1 
ATOM   37  C CG2 . ILE A 1 16  ? 4.686   0.249   16.247  1.00 74.72  ? 19   ILE A CG2 1 
ATOM   38  C CD1 . ILE A 1 16  ? 1.429   -0.439  15.167  1.00 89.51  ? 19   ILE A CD1 1 
ATOM   39  N N   . GLY A 1 17  ? 6.332   -1.630  18.092  1.00 75.21  ? 20   GLY A N   1 
ATOM   40  C CA  . GLY A 1 17  ? 7.318   -1.377  19.110  1.00 77.66  ? 20   GLY A CA  1 
ATOM   41  C C   . GLY A 1 17  ? 7.212   0.043   19.593  1.00 82.04  ? 20   GLY A C   1 
ATOM   42  O O   . GLY A 1 17  ? 6.574   0.877   18.971  1.00 88.52  ? 20   GLY A O   1 
ATOM   43  N N   . ARG A 1 18  ? 7.838   0.313   20.724  1.00 95.82  ? 21   ARG A N   1 
ATOM   44  C CA  . ARG A 1 18  ? 7.807   1.629   21.329  1.00 96.94  ? 21   ARG A CA  1 
ATOM   45  C C   . ARG A 1 18  ? 8.403   2.613   20.336  1.00 93.61  ? 21   ARG A C   1 
ATOM   46  O O   . ARG A 1 18  ? 7.949   3.743   20.218  1.00 108.88 ? 21   ARG A O   1 
ATOM   47  C CB  . ARG A 1 18  ? 8.596   1.627   22.643  1.00 103.05 ? 21   ARG A CB  1 
ATOM   48  C CG  . ARG A 1 18  ? 8.602   2.967   23.371  1.00 108.53 ? 21   ARG A CG  1 
ATOM   49  C CD  . ARG A 1 18  ? 9.333   2.905   24.700  1.00 109.78 ? 21   ARG A CD  1 
ATOM   50  N NE  . ARG A 1 18  ? 10.753  2.628   24.521  1.00 105.67 ? 21   ARG A NE  1 
ATOM   51  C CZ  . ARG A 1 18  ? 11.662  3.551   24.238  1.00 107.94 ? 21   ARG A CZ  1 
ATOM   52  N NH1 . ARG A 1 18  ? 11.306  4.819   24.106  1.00 110.14 ? 21   ARG A NH1 1 
ATOM   53  N NH2 . ARG A 1 18  ? 12.930  3.203   24.088  1.00 107.50 ? 21   ARG A NH2 1 
ATOM   54  N N   . GLU A 1 19  ? 9.409   2.163   19.602  1.00 80.85  ? 22   GLU A N   1 
ATOM   55  C CA  . GLU A 1 19  ? 10.105  2.993   18.631  1.00 84.85  ? 22   GLU A CA  1 
ATOM   56  C C   . GLU A 1 19  ? 9.163   3.509   17.541  1.00 80.27  ? 22   GLU A C   1 
ATOM   57  O O   . GLU A 1 19  ? 9.362   4.592   17.003  1.00 60.53  ? 22   GLU A O   1 
ATOM   58  C CB  . GLU A 1 19  ? 11.257  2.215   18.004  1.00 89.29  ? 22   GLU A CB  1 
ATOM   59  C CG  . GLU A 1 19  ? 10.819  0.995   17.214  1.00 93.25  ? 22   GLU A CG  1 
ATOM   60  C CD  . GLU A 1 19  ? 11.990  0.179   16.707  1.00 102.60 ? 22   GLU A CD  1 
ATOM   61  O OE1 . GLU A 1 19  ? 13.116  0.720   16.667  1.00 95.16  ? 22   GLU A OE1 1 
ATOM   62  O OE2 . GLU A 1 19  ? 11.793  -1.003  16.353  1.00 104.49 ? 22   GLU A OE2 1 
ATOM   63  N N   . GLY A 1 20  ? 8.163   2.714   17.183  1.00 73.44  ? 23   GLY A N   1 
ATOM   64  C CA  . GLY A 1 20  ? 7.260   3.108   16.125  1.00 66.34  ? 23   GLY A CA  1 
ATOM   65  C C   . GLY A 1 20  ? 7.443   2.271   14.883  1.00 70.36  ? 23   GLY A C   1 
ATOM   66  O O   . GLY A 1 20  ? 8.071   1.225   14.920  1.00 75.95  ? 23   GLY A O   1 
ATOM   67  N N   . GLU A 1 21  ? 6.854   2.712   13.785  1.00 62.79  ? 24   GLU A N   1 
ATOM   68  C CA  . GLU A 1 21  ? 6.875   1.928   12.527  1.00 59.52  ? 24   GLU A CA  1 
ATOM   69  C C   . GLU A 1 21  ? 7.854   2.505   11.537  1.00 58.11  ? 24   GLU A C   1 
ATOM   70  O O   . GLU A 1 21  ? 8.140   1.889   10.517  1.00 57.73  ? 24   GLU A O   1 
ATOM   71  C CB  . GLU A 1 21  ? 5.491   1.931   11.855  1.00 53.75  ? 24   GLU A CB  1 
ATOM   72  C CG  . GLU A 1 21  ? 4.369   1.396   12.717  1.00 50.39  ? 24   GLU A CG  1 
ATOM   73  C CD  . GLU A 1 21  ? 3.071   1.225   11.949  1.00 50.55  ? 24   GLU A CD  1 
ATOM   74  O OE1 . GLU A 1 21  ? 2.328   2.227   11.743  1.00 46.79  ? 24   GLU A OE1 1 
ATOM   75  O OE2 . GLU A 1 21  ? 2.761   0.075   11.597  1.00 42.83  ? 24   GLU A OE2 1 
ATOM   76  N N   . VAL A 1 22  ? 8.210   3.762   11.755  1.00 72.37  ? 25   VAL A N   1 
ATOM   77  C CA  . VAL A 1 22  ? 9.425   4.335   11.208  1.00 83.72  ? 25   VAL A CA  1 
ATOM   78  C C   . VAL A 1 22  ? 10.587  4.047   12.166  1.00 83.13  ? 25   VAL A C   1 
ATOM   79  O O   . VAL A 1 22  ? 11.150  2.948   12.167  1.00 97.40  ? 25   VAL A O   1 
ATOM   80  C CB  . VAL A 1 22  ? 9.282   5.875   10.996  1.00 87.31  ? 25   VAL A CB  1 
ATOM   81  C CG1 . VAL A 1 22  ? 8.030   6.195   10.179  1.00 77.02  ? 25   VAL A CG1 1 
ATOM   82  C CG2 . VAL A 1 22  ? 9.273   6.624   12.335  1.00 82.66  ? 25   VAL A CG2 1 
ATOM   83  N N   . ILE A 1 28  ? 7.980   -9.801  6.775   1.00 87.26  ? 31   ILE A N   1 
ATOM   84  C CA  . ILE A 1 28  ? 7.286   -10.186 5.542   1.00 87.08  ? 31   ILE A CA  1 
ATOM   85  C C   . ILE A 1 28  ? 7.952   -11.407 4.917   1.00 87.83  ? 31   ILE A C   1 
ATOM   86  O O   . ILE A 1 28  ? 9.093   -11.352 4.444   1.00 83.43  ? 31   ILE A O   1 
ATOM   87  C CB  . ILE A 1 28  ? 7.248   -9.023  4.505   1.00 86.45  ? 31   ILE A CB  1 
ATOM   88  C CG1 . ILE A 1 28  ? 6.632   -7.768  5.125   1.00 86.62  ? 31   ILE A CG1 1 
ATOM   89  C CG2 . ILE A 1 28  ? 6.450   -9.418  3.264   1.00 80.91  ? 31   ILE A CG2 1 
ATOM   90  C CD1 . ILE A 1 28  ? 5.272   -7.998  5.753   1.00 79.31  ? 31   ILE A CD1 1 
ATOM   91  N N   . GLN A 1 29  ? 7.247   -12.525 4.966   1.00 92.80  ? 32   GLN A N   1 
ATOM   92  C CA  . GLN A 1 29  ? 7.598   -13.680 4.173   1.00 88.97  ? 32   GLN A CA  1 
ATOM   93  C C   . GLN A 1 29  ? 6.379   -14.053 3.357   1.00 89.01  ? 32   GLN A C   1 
ATOM   94  O O   . GLN A 1 29  ? 5.461   -14.730 3.839   1.00 96.36  ? 32   GLN A O   1 
ATOM   95  C CB  . GLN A 1 29  ? 8.021   -14.838 5.072   1.00 92.76  ? 32   GLN A CB  1 
ATOM   96  C CG  . GLN A 1 29  ? 9.361   -15.448 4.707   1.00 92.80  ? 32   GLN A CG  1 
ATOM   97  C CD  . GLN A 1 29  ? 9.870   -16.390 5.780   1.00 101.33 ? 32   GLN A CD  1 
ATOM   98  O OE1 . GLN A 1 29  ? 9.383   -16.379 6.914   1.00 91.34  ? 32   GLN A OE1 1 
ATOM   99  N NE2 . GLN A 1 29  ? 10.852  -17.219 5.429   1.00 110.05 ? 32   GLN A NE2 1 
ATOM   100 N N   . VAL A 1 30  ? 6.328   -13.536 2.144   1.00 77.26  ? 33   VAL A N   1 
ATOM   101 C CA  . VAL A 1 30  ? 5.276   -13.892 1.240   1.00 65.75  ? 33   VAL A CA  1 
ATOM   102 C C   . VAL A 1 30  ? 5.884   -14.627 0.055   1.00 60.45  ? 33   VAL A C   1 
ATOM   103 O O   . VAL A 1 30  ? 6.997   -14.304 -0.385  1.00 54.46  ? 33   VAL A O   1 
ATOM   104 C CB  . VAL A 1 30  ? 4.474   -12.657 0.783   1.00 66.56  ? 33   VAL A CB  1 
ATOM   105 C CG1 . VAL A 1 30  ? 5.252   -11.842 -0.247  1.00 66.04  ? 33   VAL A CG1 1 
ATOM   106 C CG2 . VAL A 1 30  ? 3.126   -13.088 0.228   1.00 63.64  ? 33   VAL A CG2 1 
ATOM   107 N N   . SER A 1 31  ? 5.156   -15.628 -0.439  1.00 52.63  ? 34   SER A N   1 
ATOM   108 C CA  . SER A 1 31  ? 5.631   -16.446 -1.532  1.00 53.57  ? 34   SER A CA  1 
ATOM   109 C C   . SER A 1 31  ? 5.729   -15.591 -2.781  1.00 53.96  ? 34   SER A C   1 
ATOM   110 O O   . SER A 1 31  ? 4.977   -14.609 -2.948  1.00 55.25  ? 34   SER A O   1 
ATOM   111 C CB  . SER A 1 31  ? 4.677   -17.591 -1.790  1.00 50.38  ? 34   SER A CB  1 
ATOM   112 O OG  . SER A 1 31  ? 3.703   -17.184 -2.729  1.00 57.36  ? 34   SER A OG  1 
ATOM   113 N N   . LYS A 1 32  ? 6.651   -15.977 -3.656  1.00 52.58  ? 35   LYS A N   1 
ATOM   114 C CA  . LYS A 1 32  ? 6.817   -15.371 -4.964  1.00 51.73  ? 35   LYS A CA  1 
ATOM   115 C C   . LYS A 1 32  ? 5.582   -15.590 -5.821  1.00 52.62  ? 35   LYS A C   1 
ATOM   116 O O   . LYS A 1 32  ? 5.187   -14.723 -6.581  1.00 51.84  ? 35   LYS A O   1 
ATOM   117 C CB  . LYS A 1 32  ? 8.049   -15.935 -5.660  1.00 58.86  ? 35   LYS A CB  1 
ATOM   118 C CG  . LYS A 1 32  ? 8.515   -15.134 -6.863  1.00 63.61  ? 35   LYS A CG  1 
ATOM   119 C CD  . LYS A 1 32  ? 8.076   -15.791 -8.158  1.00 65.92  ? 35   LYS A CD  1 
ATOM   120 C CE  . LYS A 1 32  ? 9.071   -15.549 -9.276  1.00 70.19  ? 35   LYS A CE  1 
ATOM   121 N NZ  . LYS A 1 32  ? 8.703   -16.287 -10.513 1.00 70.56  ? 35   LYS A NZ  1 
ATOM   122 N N   . GLU A 1 33  ? 4.989   -16.769 -5.719  1.00 53.71  ? 36   GLU A N   1 
ATOM   123 C CA  . GLU A 1 33  ? 3.780   -17.059 -6.473  1.00 59.91  ? 36   GLU A CA  1 
ATOM   124 C C   . GLU A 1 33  ? 2.654   -16.143 -6.046  1.00 61.66  ? 36   GLU A C   1 
ATOM   125 O O   . GLU A 1 33  ? 1.891   -15.661 -6.874  1.00 53.12  ? 36   GLU A O   1 
ATOM   126 C CB  . GLU A 1 33  ? 3.352   -18.510 -6.282  1.00 70.41  ? 36   GLU A CB  1 
ATOM   127 C CG  . GLU A 1 33  ? 4.216   -19.515 -7.018  1.00 80.35  ? 36   GLU A CG  1 
ATOM   128 C CD  . GLU A 1 33  ? 4.042   -19.458 -8.521  1.00 91.10  ? 36   GLU A CD  1 
ATOM   129 O OE1 . GLU A 1 33  ? 4.771   -18.691 -9.177  1.00 98.85  ? 36   GLU A OE1 1 
ATOM   130 O OE2 . GLU A 1 33  ? 3.182   -20.190 -9.047  1.00 80.14  ? 36   GLU A OE2 1 
ATOM   131 N N   . ALA A 1 34  ? 2.545   -15.923 -4.743  1.00 56.06  ? 37   ALA A N   1 
ATOM   132 C CA  . ALA A 1 34  ? 1.527   -15.031 -4.226  1.00 56.41  ? 37   ALA A CA  1 
ATOM   133 C C   . ALA A 1 34  ? 1.747   -13.611 -4.702  1.00 50.79  ? 37   ALA A C   1 
ATOM   134 O O   . ALA A 1 34  ? 0.819   -12.967 -5.163  1.00 55.54  ? 37   ALA A O   1 
ATOM   135 C CB  . ALA A 1 34  ? 1.507   -15.083 -2.713  1.00 60.49  ? 37   ALA A CB  1 
ATOM   136 N N   . PHE A 1 35  ? 2.987   -13.142 -4.643  1.00 51.68  ? 38   PHE A N   1 
ATOM   137 C CA  . PHE A 1 35  ? 3.319   -11.804 -5.166  1.00 53.61  ? 38   PHE A CA  1 
ATOM   138 C C   . PHE A 1 35  ? 2.991   -11.664 -6.647  1.00 54.83  ? 38   PHE A C   1 
ATOM   139 O O   . PHE A 1 35  ? 2.458   -10.625 -7.084  1.00 54.52  ? 38   PHE A O   1 
ATOM   140 C CB  . PHE A 1 35  ? 4.797   -11.427 -4.916  1.00 55.21  ? 38   PHE A CB  1 
ATOM   141 C CG  . PHE A 1 35  ? 5.126   -10.024 -5.343  1.00 53.34  ? 38   PHE A CG  1 
ATOM   142 C CD1 . PHE A 1 35  ? 4.826   -8.952  -4.524  1.00 60.40  ? 38   PHE A CD1 1 
ATOM   143 C CD2 . PHE A 1 35  ? 5.604   -9.771  -6.608  1.00 53.50  ? 38   PHE A CD2 1 
ATOM   144 C CE1 . PHE A 1 35  ? 5.046   -7.655  -4.942  1.00 55.93  ? 38   PHE A CE1 1 
ATOM   145 C CE2 . PHE A 1 35  ? 5.844   -8.477  -7.024  1.00 51.44  ? 38   PHE A CE2 1 
ATOM   146 C CZ  . PHE A 1 35  ? 5.558   -7.418  -6.193  1.00 54.83  ? 38   PHE A CZ  1 
ATOM   147 N N   . ASP A 1 36  ? 3.335   -12.694 -7.427  1.00 61.21  ? 39   ASP A N   1 
ATOM   148 C CA  . ASP A 1 36  ? 3.151   -12.658 -8.884  1.00 56.06  ? 39   ASP A CA  1 
ATOM   149 C C   . ASP A 1 36  ? 1.675   -12.568 -9.247  1.00 55.46  ? 39   ASP A C   1 
ATOM   150 O O   . ASP A 1 36  ? 1.289   -11.843 -10.183 1.00 56.19  ? 39   ASP A O   1 
ATOM   151 C CB  . ASP A 1 36  ? 3.744   -13.920 -9.529  1.00 67.83  ? 39   ASP A CB  1 
ATOM   152 C CG  . ASP A 1 36  ? 5.250   -13.904 -9.580  1.00 63.50  ? 39   ASP A CG  1 
ATOM   153 O OD1 . ASP A 1 36  ? 5.859   -12.834 -9.370  1.00 61.81  ? 39   ASP A OD1 1 
ATOM   154 O OD2 . ASP A 1 36  ? 5.829   -14.980 -9.841  1.00 78.26  ? 39   ASP A OD2 1 
ATOM   155 N N   . ASN A 1 37  ? 0.856   -13.345 -8.534  1.00 54.52  ? 40   ASN A N   1 
ATOM   156 C CA  . ASN A 1 37  ? -0.607  -13.227 -8.637  1.00 62.67  ? 40   ASN A CA  1 
ATOM   157 C C   . ASN A 1 37  ? -1.126  -11.818 -8.224  1.00 58.03  ? 40   ASN A C   1 
ATOM   158 O O   . ASN A 1 37  ? -1.798  -11.136 -8.997  1.00 58.22  ? 40   ASN A O   1 
ATOM   159 C CB  . ASN A 1 37  ? -1.282  -14.289 -7.774  1.00 65.24  ? 40   ASN A CB  1 
ATOM   160 C CG  . ASN A 1 37  ? -2.801  -14.219 -7.857  1.00 79.75  ? 40   ASN A CG  1 
ATOM   161 O OD1 . ASN A 1 37  ? -3.379  -14.355 -8.938  1.00 92.64  ? 40   ASN A OD1 1 
ATOM   162 N ND2 . ASN A 1 37  ? -3.453  -13.978 -6.718  1.00 80.22  ? 40   ASN A ND2 1 
ATOM   163 N N   . TRP A 1 38  ? -0.811  -11.405 -7.001  1.00 49.68  ? 41   TRP A N   1 
ATOM   164 C CA  . TRP A 1 38  ? -1.076  -10.052 -6.579  1.00 48.46  ? 41   TRP A CA  1 
ATOM   165 C C   . TRP A 1 38  ? -0.714  -9.071  -7.715  1.00 49.55  ? 41   TRP A C   1 
ATOM   166 O O   . TRP A 1 38  ? -1.576  -8.319  -8.211  1.00 47.94  ? 41   TRP A O   1 
ATOM   167 C CB  . TRP A 1 38  ? -0.308  -9.737  -5.289  1.00 53.15  ? 41   TRP A CB  1 
ATOM   168 C CG  . TRP A 1 38  ? -0.688  -8.427  -4.717  1.00 53.74  ? 41   TRP A CG  1 
ATOM   169 C CD1 . TRP A 1 38  ? -1.768  -8.158  -3.931  1.00 55.49  ? 41   TRP A CD1 1 
ATOM   170 C CD2 . TRP A 1 38  ? -0.055  -7.193  -4.968  1.00 51.71  ? 41   TRP A CD2 1 
ATOM   171 N NE1 . TRP A 1 38  ? -1.834  -6.826  -3.661  1.00 56.36  ? 41   TRP A NE1 1 
ATOM   172 C CE2 . TRP A 1 38  ? -0.793  -6.203  -4.294  1.00 58.93  ? 41   TRP A CE2 1 
ATOM   173 C CE3 . TRP A 1 38  ? 1.084   -6.820  -5.684  1.00 56.57  ? 41   TRP A CE3 1 
ATOM   174 C CZ2 . TRP A 1 38  ? -0.420  -4.864  -4.303  1.00 56.35  ? 41   TRP A CZ2 1 
ATOM   175 C CZ3 . TRP A 1 38  ? 1.444   -5.496  -5.703  1.00 57.52  ? 41   TRP A CZ3 1 
ATOM   176 C CH2 . TRP A 1 38  ? 0.692   -4.527  -5.017  1.00 60.15  ? 41   TRP A CH2 1 
ATOM   177 N N   . MET A 1 39  ? 0.516   -9.140  -8.199  1.00 49.45  ? 42   MET A N   1 
ATOM   178 C CA  . MET A 1 39  ? 0.996   -8.161  -9.164  1.00 49.93  ? 42   MET A CA  1 
ATOM   179 C C   . MET A 1 39  ? 0.173   -8.150  -10.447 1.00 49.68  ? 42   MET A C   1 
ATOM   180 O O   . MET A 1 39  ? -0.082  -7.095  -11.014 1.00 61.85  ? 42   MET A O   1 
ATOM   181 C CB  . MET A 1 39  ? 2.463   -8.415  -9.491  1.00 51.77  ? 42   MET A CB  1 
ATOM   182 C CG  . MET A 1 39  ? 3.107   -7.311  -10.307 1.00 59.99  ? 42   MET A CG  1 
ATOM   183 S SD  . MET A 1 39  ? 3.359   -5.807  -9.351  1.00 66.96  ? 42   MET A SD  1 
ATOM   184 C CE  . MET A 1 39  ? 3.685   -4.643  -10.667 1.00 70.38  ? 42   MET A CE  1 
ATOM   185 N N   . ASN A 1 40  ? -0.231  -9.324  -10.908 1.00 59.01  ? 43   ASN A N   1 
ATOM   186 C CA  . ASN A 1 40  ? -1.024  -9.443  -12.134 1.00 61.43  ? 43   ASN A CA  1 
ATOM   187 C C   . ASN A 1 40  ? -2.391  -8.840  -11.999 1.00 53.61  ? 43   ASN A C   1 
ATOM   188 O O   . ASN A 1 40  ? -2.825  -8.087  -12.864 1.00 57.46  ? 43   ASN A O   1 
ATOM   189 C CB  . ASN A 1 40  ? -1.177  -10.911 -12.540 1.00 69.82  ? 43   ASN A CB  1 
ATOM   190 C CG  . ASN A 1 40  ? -0.003  -11.403 -13.362 1.00 84.93  ? 43   ASN A CG  1 
ATOM   191 O OD1 . ASN A 1 40  ? 0.469   -10.706 -14.280 1.00 87.02  ? 43   ASN A OD1 1 
ATOM   192 N ND2 . ASN A 1 40  ? 0.507   -12.587 -13.021 1.00 84.36  ? 43   ASN A ND2 1 
ATOM   193 N N   . ARG A 1 41  ? -3.082  -9.204  -10.923 1.00 48.79  ? 44   ARG A N   1 
ATOM   194 C CA  . ARG A 1 41  ? -4.371  -8.594  -10.580 1.00 52.86  ? 44   ARG A CA  1 
ATOM   195 C C   . ARG A 1 41  ? -4.400  -7.072  -10.554 1.00 52.49  ? 44   ARG A C   1 
ATOM   196 O O   . ARG A 1 41  ? -5.295  -6.446  -11.150 1.00 54.57  ? 44   ARG A O   1 
ATOM   197 C CB  . ARG A 1 41  ? -4.844  -9.116  -9.245  1.00 51.32  ? 44   ARG A CB  1 
ATOM   198 C CG  . ARG A 1 41  ? -5.414  -10.495 -9.378  1.00 55.62  ? 44   ARG A CG  1 
ATOM   199 C CD  . ARG A 1 41  ? -6.202  -10.883 -8.167  1.00 59.72  ? 44   ARG A CD  1 
ATOM   200 N NE  . ARG A 1 41  ? -5.319  -11.279 -7.080  1.00 66.15  ? 44   ARG A NE  1 
ATOM   201 C CZ  . ARG A 1 41  ? -5.318  -10.727 -5.874  1.00 60.72  ? 44   ARG A CZ  1 
ATOM   202 N NH1 . ARG A 1 41  ? -6.151  -9.730  -5.581  1.00 62.74  ? 44   ARG A NH1 1 
ATOM   203 N NH2 . ARG A 1 41  ? -4.503  -11.202 -4.945  1.00 59.31  ? 44   ARG A NH2 1 
ATOM   204 N N   . TYR A 1 42  ? -3.436  -6.468  -9.870  1.00 56.60  ? 45   TYR A N   1 
ATOM   205 C CA  . TYR A 1 42  ? -3.473  -5.011  -9.653  1.00 53.12  ? 45   TYR A CA  1 
ATOM   206 C C   . TYR A 1 42  ? -2.898  -4.225  -10.823 1.00 56.86  ? 45   TYR A C   1 
ATOM   207 O O   . TYR A 1 42  ? -3.271  -3.067  -11.047 1.00 59.52  ? 45   TYR A O   1 
ATOM   208 C CB  . TYR A 1 42  ? -2.803  -4.647  -8.319  1.00 52.42  ? 45   TYR A CB  1 
ATOM   209 C CG  . TYR A 1 42  ? -3.745  -4.929  -7.154  1.00 58.17  ? 45   TYR A CG  1 
ATOM   210 C CD1 . TYR A 1 42  ? -4.803  -4.059  -6.867  1.00 58.54  ? 45   TYR A CD1 1 
ATOM   211 C CD2 . TYR A 1 42  ? -3.667  -6.122  -6.436  1.00 54.51  ? 45   TYR A CD2 1 
ATOM   212 C CE1 . TYR A 1 42  ? -5.713  -4.342  -5.859  1.00 53.45  ? 45   TYR A CE1 1 
ATOM   213 C CE2 . TYR A 1 42  ? -4.574  -6.410  -5.418  1.00 58.58  ? 45   TYR A CE2 1 
ATOM   214 C CZ  . TYR A 1 42  ? -5.597  -5.516  -5.140  1.00 52.86  ? 45   TYR A CZ  1 
ATOM   215 O OH  . TYR A 1 42  ? -6.490  -5.791  -4.135  1.00 52.57  ? 45   TYR A OH  1 
ATOM   216 N N   . GLU A 1 43  ? -2.031  -4.866  -11.605 1.00 59.45  ? 46   GLU A N   1 
ATOM   217 C CA  . GLU A 1 43  ? -1.657  -4.328  -12.915 1.00 60.98  ? 46   GLU A CA  1 
ATOM   218 C C   . GLU A 1 43  ? -2.884  -4.281  -13.826 1.00 58.32  ? 46   GLU A C   1 
ATOM   219 O O   . GLU A 1 43  ? -3.062  -3.331  -14.603 1.00 54.18  ? 46   GLU A O   1 
ATOM   220 C CB  . GLU A 1 43  ? -0.552  -5.177  -13.553 1.00 65.75  ? 46   GLU A CB  1 
ATOM   221 C CG  . GLU A 1 43  ? 0.846   -4.829  -13.053 1.00 71.95  ? 46   GLU A CG  1 
ATOM   222 C CD  . GLU A 1 43  ? 1.950   -5.698  -13.658 1.00 73.48  ? 46   GLU A CD  1 
ATOM   223 O OE1 . GLU A 1 43  ? 1.669   -6.859  -14.050 1.00 73.18  ? 46   GLU A OE1 1 
ATOM   224 O OE2 . GLU A 1 43  ? 3.111   -5.220  -13.715 1.00 66.62  ? 46   GLU A OE2 1 
ATOM   225 N N   . ALA A 1 44  ? -3.747  -5.290  -13.695 1.00 56.00  ? 47   ALA A N   1 
ATOM   226 C CA  . ALA A 1 44  ? -5.044  -5.292  -14.376 1.00 58.64  ? 47   ALA A CA  1 
ATOM   227 C C   . ALA A 1 44  ? -5.994  -4.261  -13.768 1.00 60.12  ? 47   ALA A C   1 
ATOM   228 O O   . ALA A 1 44  ? -6.867  -3.729  -14.448 1.00 61.98  ? 47   ALA A O   1 
ATOM   229 C CB  . ALA A 1 44  ? -5.674  -6.683  -14.310 1.00 58.35  ? 47   ALA A CB  1 
ATOM   230 N N   . GLY A 1 45  ? -5.825  -3.985  -12.485 1.00 61.45  ? 48   GLY A N   1 
ATOM   231 C CA  . GLY A 1 45  ? -6.793  -3.186  -11.766 1.00 58.84  ? 48   GLY A CA  1 
ATOM   232 C C   . GLY A 1 45  ? -7.618  -4.075  -10.878 1.00 59.82  ? 48   GLY A C   1 
ATOM   233 O O   . GLY A 1 45  ? -8.301  -4.978  -11.347 1.00 67.02  ? 48   GLY A O   1 
ATOM   234 N N   . ASP A 1 46  ? -7.529  -3.858  -9.578  1.00 62.74  ? 49   ASP A N   1 
ATOM   235 C CA  . ASP A 1 46  ? -8.308  -4.664  -8.646  1.00 62.26  ? 49   ASP A CA  1 
ATOM   236 C C   . ASP A 1 46  ? -8.668  -3.833  -7.408  1.00 62.43  ? 49   ASP A C   1 
ATOM   237 O O   . ASP A 1 46  ? -8.150  -2.730  -7.211  1.00 57.58  ? 49   ASP A O   1 
ATOM   238 C CB  . ASP A 1 46  ? -7.545  -5.952  -8.283  1.00 55.73  ? 49   ASP A CB  1 
ATOM   239 C CG  . ASP A 1 46  ? -8.422  -6.991  -7.601  1.00 61.39  ? 49   ASP A CG  1 
ATOM   240 O OD1 . ASP A 1 46  ? -9.654  -6.975  -7.812  1.00 61.64  ? 49   ASP A OD1 1 
ATOM   241 O OD2 . ASP A 1 46  ? -7.880  -7.817  -6.835  1.00 59.74  ? 49   ASP A OD2 1 
ATOM   242 N N   . THR A 1 47  ? -9.599  -4.364  -6.622  1.00 66.87  ? 50   THR A N   1 
ATOM   243 C CA  . THR A 1 47  ? -10.345 -3.614  -5.636  1.00 63.58  ? 50   THR A CA  1 
ATOM   244 C C   . THR A 1 47  ? -9.592  -3.611  -4.299  1.00 67.36  ? 50   THR A C   1 
ATOM   245 O O   . THR A 1 47  ? -8.978  -4.625  -3.925  1.00 63.08  ? 50   THR A O   1 
ATOM   246 C CB  . THR A 1 47  ? -11.760 -4.230  -5.461  1.00 66.06  ? 50   THR A CB  1 
ATOM   247 O OG1 . THR A 1 47  ? -12.644 -3.704  -6.465  1.00 65.95  ? 50   THR A OG1 1 
ATOM   248 C CG2 . THR A 1 47  ? -12.334 -3.933  -4.091  1.00 73.22  ? 50   THR A CG2 1 
ATOM   249 N N   . MET A 1 48  ? -9.574  -2.445  -3.637  1.00 53.99  ? 51   MET A N   1 
ATOM   250 C CA  . MET A 1 48  ? -9.136  -2.314  -2.243  1.00 53.55  ? 51   MET A CA  1 
ATOM   251 C C   . MET A 1 48  ? -9.892  -1.150  -1.578  1.00 54.65  ? 51   MET A C   1 
ATOM   252 O O   . MET A 1 48  ? -10.847 -0.613  -2.156  1.00 53.86  ? 51   MET A O   1 
ATOM   253 C CB  . MET A 1 48  ? -7.631  -2.086  -2.183  1.00 53.66  ? 51   MET A CB  1 
ATOM   254 C CG  . MET A 1 48  ? -7.099  -1.287  -3.362  1.00 55.69  ? 51   MET A CG  1 
ATOM   255 S SD  . MET A 1 48  ? -7.652  0.432   -3.332  1.00 54.51  ? 51   MET A SD  1 
ATOM   256 C CE  . MET A 1 48  ? -6.779  0.993   -1.864  1.00 53.67  ? 51   MET A CE  1 
ATOM   257 N N   . GLU A 1 49  ? -9.502  -0.800  -0.355  1.00 52.56  ? 52   GLU A N   1 
ATOM   258 C CA  . GLU A 1 49  ? -10.121 0.325   0.368   1.00 48.19  ? 52   GLU A CA  1 
ATOM   259 C C   . GLU A 1 49  ? -9.089  1.336   0.808   1.00 50.44  ? 52   GLU A C   1 
ATOM   260 O O   . GLU A 1 49  ? -8.041  0.974   1.336   1.00 49.73  ? 52   GLU A O   1 
ATOM   261 C CB  . GLU A 1 49  ? -10.827 -0.171  1.623   1.00 48.88  ? 52   GLU A CB  1 
ATOM   262 C CG  . GLU A 1 49  ? -12.116 -0.901  1.379   1.00 52.33  ? 52   GLU A CG  1 
ATOM   263 C CD  . GLU A 1 49  ? -12.632 -1.547  2.640   1.00 56.66  ? 52   GLU A CD  1 
ATOM   264 O OE1 . GLU A 1 49  ? -11.896 -1.550  3.657   1.00 62.95  ? 52   GLU A OE1 1 
ATOM   265 O OE2 . GLU A 1 49  ? -13.783 -2.029  2.624   1.00 64.48  ? 52   GLU A OE2 1 
ATOM   266 N N   . VAL A 1 50  ? -9.444  2.609   0.701   1.00 53.83  ? 53   VAL A N   1 
ATOM   267 C CA  . VAL A 1 50  ? -8.625  3.673   1.250   1.00 48.28  ? 53   VAL A CA  1 
ATOM   268 C C   . VAL A 1 50  ? -9.207  4.126   2.583   1.00 53.46  ? 53   VAL A C   1 
ATOM   269 O O   . VAL A 1 50  ? -10.360 4.534   2.658   1.00 50.98  ? 53   VAL A O   1 
ATOM   270 C CB  . VAL A 1 50  ? -8.579  4.878   0.302   1.00 50.52  ? 53   VAL A CB  1 
ATOM   271 C CG1 . VAL A 1 50  ? -7.856  6.044   0.954   1.00 57.57  ? 53   VAL A CG1 1 
ATOM   272 C CG2 . VAL A 1 50  ? -7.919  4.494   -1.009  1.00 51.39  ? 53   VAL A CG2 1 
ATOM   273 N N   . LEU A 1 51  ? -8.401  4.032   3.635   1.00 50.32  ? 54   LEU A N   1 
ATOM   274 C CA  . LEU A 1 51  ? -8.782  4.499   4.962   1.00 52.27  ? 54   LEU A CA  1 
ATOM   275 C C   . LEU A 1 51  ? -8.681  6.010   5.094   1.00 45.39  ? 54   LEU A C   1 
ATOM   276 O O   . LEU A 1 51  ? -7.837  6.638   4.464   1.00 45.90  ? 54   LEU A O   1 
ATOM   277 C CB  . LEU A 1 51  ? -7.922  3.833   6.033   1.00 61.04  ? 54   LEU A CB  1 
ATOM   278 C CG  . LEU A 1 51  ? -7.947  2.309   6.069   1.00 69.50  ? 54   LEU A CG  1 
ATOM   279 C CD1 . LEU A 1 51  ? -7.538  1.808   7.443   1.00 68.81  ? 54   LEU A CD1 1 
ATOM   280 C CD2 . LEU A 1 51  ? -9.324  1.792   5.690   1.00 75.01  ? 54   LEU A CD2 1 
ATOM   281 N N   . PHE A 1 52  ? -9.526  6.585   5.938   1.00 43.89  ? 55   PHE A N   1 
ATOM   282 C CA  . PHE A 1 52  ? -9.489  8.017   6.190   1.00 36.74  ? 55   PHE A CA  1 
ATOM   283 C C   . PHE A 1 52  ? -9.418  8.298   7.680   1.00 33.24  ? 55   PHE A C   1 
ATOM   284 O O   . PHE A 1 52  ? -9.898  7.518   8.490   1.00 35.87  ? 55   PHE A O   1 
ATOM   285 C CB  . PHE A 1 52  ? -10.693 8.711   5.557   1.00 40.43  ? 55   PHE A CB  1 
ATOM   286 C CG  . PHE A 1 52  ? -10.701 8.642   4.064   1.00 37.63  ? 55   PHE A CG  1 
ATOM   287 C CD1 . PHE A 1 52  ? -9.883  9.464   3.319   1.00 42.81  ? 55   PHE A CD1 1 
ATOM   288 C CD2 . PHE A 1 52  ? -11.510 7.739   3.407   1.00 44.03  ? 55   PHE A CD2 1 
ATOM   289 C CE1 . PHE A 1 52  ? -9.880  9.398   1.944   1.00 44.73  ? 55   PHE A CE1 1 
ATOM   290 C CE2 . PHE A 1 52  ? -11.514 7.667   2.032   1.00 47.75  ? 55   PHE A CE2 1 
ATOM   291 C CZ  . PHE A 1 52  ? -10.695 8.497   1.298   1.00 45.07  ? 55   PHE A CZ  1 
ATOM   292 N N   . PRO A 1 53  ? -8.909  9.470   8.028   1.00 36.07  ? 56   PRO A N   1 
ATOM   293 C CA  . PRO A 1 53  ? -8.674  9.838   9.427   1.00 37.06  ? 56   PRO A CA  1 
ATOM   294 C C   . PRO A 1 53  ? -9.950  9.837   10.264  1.00 37.05  ? 56   PRO A C   1 
ATOM   295 O O   . PRO A 1 53  ? -9.895  9.451   11.426  1.00 45.47  ? 56   PRO A O   1 
ATOM   296 C CB  . PRO A 1 53  ? -8.105  11.253  9.319   1.00 36.85  ? 56   PRO A CB  1 
ATOM   297 C CG  . PRO A 1 53  ? -7.468  11.293  7.976   1.00 33.35  ? 56   PRO A CG  1 
ATOM   298 C CD  . PRO A 1 53  ? -8.346  10.458  7.095   1.00 35.95  ? 56   PRO A CD  1 
ATOM   299 N N   . ASP A 1 54  ? -11.072 10.260  9.694   1.00 38.78  ? 57   ASP A N   1 
ATOM   300 C CA  . ASP A 1 54  ? -12.346 10.249  10.412  1.00 39.34  ? 57   ASP A CA  1 
ATOM   301 C C   . ASP A 1 54  ? -12.845 8.818   10.608  1.00 42.19  ? 57   ASP A C   1 
ATOM   302 O O   . ASP A 1 54  ? -13.810 8.573   11.321  1.00 36.52  ? 57   ASP A O   1 
ATOM   303 C CB  . ASP A 1 54  ? -13.398 11.168  9.775   1.00 39.24  ? 57   ASP A CB  1 
ATOM   304 C CG  . ASP A 1 54  ? -13.899 10.669  8.439   1.00 42.80  ? 57   ASP A CG  1 
ATOM   305 O OD1 . ASP A 1 54  ? -13.824 9.455   8.171   1.00 44.04  ? 57   ASP A OD1 1 
ATOM   306 O OD2 . ASP A 1 54  ? -14.378 11.505  7.653   1.00 38.95  ? 57   ASP A OD2 1 
ATOM   307 N N   . GLY A 1 55  ? -12.171 7.883   9.951   1.00 44.88  ? 58   GLY A N   1 
ATOM   308 C CA  . GLY A 1 55  ? -12.417 6.466   10.128  1.00 40.48  ? 58   GLY A CA  1 
ATOM   309 C C   . GLY A 1 55  ? -13.353 5.795   9.152   1.00 41.00  ? 58   GLY A C   1 
ATOM   310 O O   . GLY A 1 55  ? -13.566 4.594   9.230   1.00 40.99  ? 58   GLY A O   1 
ATOM   311 N N   . HIS A 1 56  ? -13.911 6.561   8.229   1.00 39.73  ? 59   HIS A N   1 
ATOM   312 C CA  . HIS A 1 56  ? -14.626 5.978   7.106   1.00 42.92  ? 59   HIS A CA  1 
ATOM   313 C C   . HIS A 1 56  ? -13.664 5.547   5.994   1.00 43.82  ? 59   HIS A C   1 
ATOM   314 O O   . HIS A 1 56  ? -12.520 5.983   5.948   1.00 41.34  ? 59   HIS A O   1 
ATOM   315 C CB  . HIS A 1 56  ? -15.738 6.900   6.601   1.00 38.04  ? 59   HIS A CB  1 
ATOM   316 C CG  . HIS A 1 56  ? -15.319 7.820   5.499   1.00 40.82  ? 59   HIS A CG  1 
ATOM   317 N ND1 . HIS A 1 56  ? -14.727 9.040   5.734   1.00 43.82  ? 59   HIS A ND1 1 
ATOM   318 C CD2 . HIS A 1 56  ? -15.424 7.706   4.156   1.00 40.44  ? 59   HIS A CD2 1 
ATOM   319 C CE1 . HIS A 1 56  ? -14.476 9.634   4.583   1.00 44.94  ? 59   HIS A CE1 1 
ATOM   320 N NE2 . HIS A 1 56  ? -14.891 8.845   3.610   1.00 42.23  ? 59   HIS A NE2 1 
ATOM   321 N N   . ARG A 1 57  ? -14.141 4.674   5.118   1.00 46.64  ? 60   ARG A N   1 
ATOM   322 C CA  . ARG A 1 57  ? -13.384 4.170   4.006   1.00 52.91  ? 60   ARG A CA  1 
ATOM   323 C C   . ARG A 1 57  ? -14.150 4.352   2.731   1.00 51.27  ? 60   ARG A C   1 
ATOM   324 O O   . ARG A 1 57  ? -15.356 4.586   2.750   1.00 45.37  ? 60   ARG A O   1 
ATOM   325 C CB  . ARG A 1 57  ? -13.128 2.700   4.197   1.00 56.56  ? 60   ARG A CB  1 
ATOM   326 C CG  . ARG A 1 57  ? -12.264 2.412   5.390   1.00 58.45  ? 60   ARG A CG  1 
ATOM   327 C CD  . ARG A 1 57  ? -12.397 0.966   5.796   1.00 59.87  ? 60   ARG A CD  1 
ATOM   328 N NE  . ARG A 1 57  ? -13.607 0.756   6.574   1.00 71.85  ? 60   ARG A NE  1 
ATOM   329 C CZ  . ARG A 1 57  ? -14.539 -0.156  6.310   1.00 60.14  ? 60   ARG A CZ  1 
ATOM   330 N NH1 . ARG A 1 57  ? -14.417 -0.997  5.287   1.00 57.06  ? 60   ARG A NH1 1 
ATOM   331 N NH2 . ARG A 1 57  ? -15.580 -0.233  7.101   1.00 50.11  ? 60   ARG A NH2 1 
ATOM   332 N N   . ILE A 1 58  ? -13.436 4.237   1.621   1.00 47.55  ? 61   ILE A N   1 
ATOM   333 C CA  . ILE A 1 58  ? -14.045 4.138   0.321   1.00 55.32  ? 61   ILE A CA  1 
ATOM   334 C C   . ILE A 1 58  ? -13.435 2.962   -0.418  1.00 59.51  ? 61   ILE A C   1 
ATOM   335 O O   . ILE A 1 58  ? -12.197 2.837   -0.472  1.00 57.24  ? 61   ILE A O   1 
ATOM   336 C CB  . ILE A 1 58  ? -13.778 5.402   -0.501  1.00 57.89  ? 61   ILE A CB  1 
ATOM   337 C CG1 . ILE A 1 58  ? -14.420 6.610   0.162   1.00 64.79  ? 61   ILE A CG1 1 
ATOM   338 C CG2 . ILE A 1 58  ? -14.320 5.239   -1.910  1.00 63.45  ? 61   ILE A CG2 1 
ATOM   339 C CD1 . ILE A 1 58  ? -13.825 7.937   -0.277  1.00 72.44  ? 61   ILE A CD1 1 
ATOM   340 N N   . GLU A 1 59  ? -14.295 2.130   -1.014  1.00 58.70  ? 62   GLU A N   1 
ATOM   341 C CA  . GLU A 1 59  ? -13.867 1.095   -1.953  1.00 54.79  ? 62   GLU A CA  1 
ATOM   342 C C   . GLU A 1 59  ? -13.379 1.718   -3.246  1.00 55.39  ? 62   GLU A C   1 
ATOM   343 O O   . GLU A 1 59  ? -14.124 2.439   -3.905  1.00 52.66  ? 62   GLU A O   1 
ATOM   344 C CB  . GLU A 1 59  ? -15.021 0.150   -2.259  1.00 64.65  ? 62   GLU A CB  1 
ATOM   345 C CG  . GLU A 1 59  ? -14.579 -1.283  -2.515  1.00 74.28  ? 62   GLU A CG  1 
ATOM   346 C CD  . GLU A 1 59  ? -15.706 -2.290  -2.322  1.00 90.80  ? 62   GLU A CD  1 
ATOM   347 O OE1 . GLU A 1 59  ? -16.503 -2.135  -1.360  1.00 90.20  ? 62   GLU A OE1 1 
ATOM   348 O OE2 . GLU A 1 59  ? -15.781 -3.253  -3.124  1.00 94.72  ? 62   GLU A OE2 1 
ATOM   349 N N   . CYS A 1 60  ? -12.116 1.458   -3.585  1.00 53.09  ? 63   CYS A N   1 
ATOM   350 C CA  . CYS A 1 60  ? -11.504 1.950   -4.828  1.00 54.25  ? 63   CYS A CA  1 
ATOM   351 C C   . CYS A 1 60  ? -11.017 0.811   -5.717  1.00 52.02  ? 63   CYS A C   1 
ATOM   352 O O   . CYS A 1 60  ? -10.956 -0.356  -5.299  1.00 50.95  ? 63   CYS A O   1 
ATOM   353 C CB  . CYS A 1 60  ? -10.293 2.825   -4.521  1.00 52.86  ? 63   CYS A CB  1 
ATOM   354 S SG  . CYS A 1 60  ? -10.675 4.326   -3.639  1.00 60.81  ? 63   CYS A SG  1 
ATOM   355 N N   . ASN A 1 61  ? -10.614 1.186   -6.925  1.00 50.92  ? 64   ASN A N   1 
ATOM   356 C CA  . ASN A 1 61  ? -9.880  0.308   -7.810  1.00 56.27  ? 64   ASN A CA  1 
ATOM   357 C C   . ASN A 1 61  ? -8.493  0.841   -7.876  1.00 57.73  ? 64   ASN A C   1 
ATOM   358 O O   . ASN A 1 61  ? -8.291  2.043   -8.036  1.00 53.75  ? 64   ASN A O   1 
ATOM   359 C CB  . ASN A 1 61  ? -10.477 0.294   -9.219  1.00 59.25  ? 64   ASN A CB  1 
ATOM   360 C CG  . ASN A 1 61  ? -10.258 -1.034  -9.928  1.00 71.20  ? 64   ASN A CG  1 
ATOM   361 O OD1 . ASN A 1 61  ? -10.902 -2.037  -9.604  1.00 78.35  ? 64   ASN A OD1 1 
ATOM   362 N ND2 . ASN A 1 61  ? -9.353  -1.047  -10.912 1.00 73.59  ? 64   ASN A ND2 1 
ATOM   363 N N   . LEU A 1 62  ? -7.535  -0.057  -7.734  1.00 52.08  ? 65   LEU A N   1 
ATOM   364 C CA  . LEU A 1 62  ? -6.145  0.308   -7.715  1.00 51.75  ? 65   LEU A CA  1 
ATOM   365 C C   . LEU A 1 62  ? -5.518  -0.369  -8.900  1.00 48.87  ? 65   LEU A C   1 
ATOM   366 O O   . LEU A 1 62  ? -5.570  -1.582  -9.014  1.00 47.12  ? 65   LEU A O   1 
ATOM   367 C CB  . LEU A 1 62  ? -5.494  -0.177  -6.421  1.00 48.26  ? 65   LEU A CB  1 
ATOM   368 C CG  . LEU A 1 62  ? -3.986  -0.008  -6.314  1.00 48.07  ? 65   LEU A CG  1 
ATOM   369 C CD1 . LEU A 1 62  ? -3.635  1.471   -6.403  1.00 52.34  ? 65   LEU A CD1 1 
ATOM   370 C CD2 . LEU A 1 62  ? -3.446  -0.629  -5.019  1.00 44.36  ? 65   LEU A CD2 1 
ATOM   371 N N   . LYS A 1 63  ? -4.915  0.427   -9.767  1.00 52.85  ? 66   LYS A N   1 
ATOM   372 C CA  . LYS A 1 63  ? -4.313  -0.059  -10.962 1.00 54.15  ? 66   LYS A CA  1 
ATOM   373 C C   . LYS A 1 63  ? -2.866  0.382   -11.000 1.00 54.60  ? 66   LYS A C   1 
ATOM   374 O O   . LYS A 1 63  ? -2.562  1.578   -10.962 1.00 52.15  ? 66   LYS A O   1 
ATOM   375 C CB  . LYS A 1 63  ? -5.053  0.489   -12.159 1.00 61.96  ? 66   LYS A CB  1 
ATOM   376 C CG  . LYS A 1 63  ? -4.764  -0.264  -13.429 1.00 77.21  ? 66   LYS A CG  1 
ATOM   377 C CD  . LYS A 1 63  ? -5.964  -0.224  -14.359 1.00 91.62  ? 66   LYS A CD  1 
ATOM   378 C CE  . LYS A 1 63  ? -5.634  -0.807  -15.724 1.00 102.42 ? 66   LYS A CE  1 
ATOM   379 N NZ  . LYS A 1 63  ? -4.422  -0.172  -16.322 1.00 113.28 ? 66   LYS A NZ  1 
ATOM   380 N N   . ILE A 1 64  ? -1.967  -0.586  -11.081 1.00 57.30  ? 67   ILE A N   1 
ATOM   381 C CA  . ILE A 1 64  ? -0.549  -0.289  -11.077 1.00 57.50  ? 67   ILE A CA  1 
ATOM   382 C C   . ILE A 1 64  ? -0.036  -0.313  -12.511 1.00 64.39  ? 67   ILE A C   1 
ATOM   383 O O   . ILE A 1 64  ? -0.232  -1.294  -13.232 1.00 75.66  ? 67   ILE A O   1 
ATOM   384 C CB  . ILE A 1 64  ? 0.241   -1.288  -10.189 1.00 60.35  ? 67   ILE A CB  1 
ATOM   385 C CG1 . ILE A 1 64  ? -0.417  -1.403  -8.799  1.00 61.58  ? 67   ILE A CG1 1 
ATOM   386 C CG2 . ILE A 1 64  ? 1.691   -0.841  -10.052 1.00 64.06  ? 67   ILE A CG2 1 
ATOM   387 C CD1 . ILE A 1 64  ? 0.337   -2.264  -7.795  1.00 59.84  ? 67   ILE A CD1 1 
ATOM   388 N N   . ASP A 1 65  ? 0.616   0.766   -12.927 1.00 66.30  ? 68   ASP A N   1 
ATOM   389 C CA  . ASP A 1 65  ? 1.363   0.749   -14.172 1.00 67.89  ? 68   ASP A CA  1 
ATOM   390 C C   . ASP A 1 65  ? 2.838   0.902   -13.830 1.00 71.36  ? 68   ASP A C   1 
ATOM   391 O O   . ASP A 1 65  ? 3.306   2.003   -13.549 1.00 72.59  ? 68   ASP A O   1 
ATOM   392 C CB  . ASP A 1 65  ? 0.906   1.890   -15.080 1.00 72.59  ? 68   ASP A CB  1 
ATOM   393 C CG  . ASP A 1 65  ? 1.588   1.868   -16.431 1.00 83.11  ? 68   ASP A CG  1 
ATOM   394 O OD1 . ASP A 1 65  ? 2.836   1.864   -16.468 1.00 77.20  ? 68   ASP A OD1 1 
ATOM   395 O OD2 . ASP A 1 65  ? 0.879   1.859   -17.457 1.00 86.34  ? 68   ASP A OD2 1 
ATOM   396 N N   . ARG A 1 66  ? 3.537   -0.223  -13.855 1.00 74.25  ? 69   ARG A N   1 
ATOM   397 C CA  . ARG A 1 66  ? 4.955   -0.246  -13.585 1.00 78.78  ? 69   ARG A CA  1 
ATOM   398 C C   . ARG A 1 66  ? 5.748   0.537   -14.618 1.00 80.33  ? 69   ARG A C   1 
ATOM   399 O O   . ARG A 1 66  ? 6.677   1.254   -14.251 1.00 71.13  ? 69   ARG A O   1 
ATOM   400 C CB  . ARG A 1 66  ? 5.460   -1.684  -13.481 1.00 83.71  ? 69   ARG A CB  1 
ATOM   401 C CG  . ARG A 1 66  ? 5.224   -2.311  -12.117 1.00 89.19  ? 69   ARG A CG  1 
ATOM   402 C CD  . ARG A 1 66  ? 6.111   -3.524  -11.900 1.00 95.34  ? 69   ARG A CD  1 
ATOM   403 N NE  . ARG A 1 66  ? 7.049   -3.323  -10.799 1.00 107.91 ? 69   ARG A NE  1 
ATOM   404 C CZ  . ARG A 1 66  ? 7.748   -4.298  -10.229 1.00 103.72 ? 69   ARG A CZ  1 
ATOM   405 N NH1 . ARG A 1 66  ? 7.617   -5.545  -10.654 1.00 97.98  ? 69   ARG A NH1 1 
ATOM   406 N NH2 . ARG A 1 66  ? 8.579   -4.026  -9.234  1.00 111.98 ? 69   ARG A NH2 1 
ATOM   407 N N   . PRO A 1 67  ? 5.410   0.432   -15.903 1.00 77.03  ? 70   PRO A N   1 
ATOM   408 C CA  . PRO A 1 67  ? 6.252   1.185   -16.850 1.00 80.69  ? 70   PRO A CA  1 
ATOM   409 C C   . PRO A 1 67  ? 6.161   2.687   -16.631 1.00 78.27  ? 70   PRO A C   1 
ATOM   410 O O   . PRO A 1 67  ? 7.168   3.384   -16.739 1.00 78.94  ? 70   PRO A O   1 
ATOM   411 C CB  . PRO A 1 67  ? 5.674   0.827   -18.226 1.00 82.83  ? 70   PRO A CB  1 
ATOM   412 C CG  . PRO A 1 67  ? 5.076   -0.514  -18.052 1.00 83.14  ? 70   PRO A CG  1 
ATOM   413 C CD  . PRO A 1 67  ? 4.375   -0.342  -16.751 1.00 83.93  ? 70   PRO A CD  1 
ATOM   414 N N   . LYS A 1 68  ? 4.962   3.177   -16.342 1.00 76.13  ? 71   LYS A N   1 
ATOM   415 C CA  . LYS A 1 68  ? 4.738   4.610   -16.209 1.00 81.13  ? 71   LYS A CA  1 
ATOM   416 C C   . LYS A 1 68  ? 5.070   5.147   -14.816 1.00 73.96  ? 71   LYS A C   1 
ATOM   417 O O   . LYS A 1 68  ? 4.879   6.324   -14.545 1.00 65.31  ? 71   LYS A O   1 
ATOM   418 C CB  . LYS A 1 68  ? 3.291   4.944   -16.565 1.00 84.80  ? 71   LYS A CB  1 
ATOM   419 C CG  . LYS A 1 68  ? 2.876   4.508   -17.958 1.00 88.07  ? 71   LYS A CG  1 
ATOM   420 C CD  . LYS A 1 68  ? 2.765   5.697   -18.891 1.00 93.17  ? 71   LYS A CD  1 
ATOM   421 C CE  . LYS A 1 68  ? 1.371   5.813   -19.482 1.00 100.68 ? 71   LYS A CE  1 
ATOM   422 N NZ  . LYS A 1 68  ? 1.121   7.151   -20.092 1.00 111.15 ? 71   LYS A NZ  1 
ATOM   423 N N   . ASN A 1 69  ? 5.540   4.271   -13.935 1.00 71.09  ? 72   ASN A N   1 
ATOM   424 C CA  . ASN A 1 69  ? 5.774   4.615   -12.537 1.00 73.87  ? 72   ASN A CA  1 
ATOM   425 C C   . ASN A 1 69  ? 4.630   5.408   -11.896 1.00 71.62  ? 72   ASN A C   1 
ATOM   426 O O   . ASN A 1 69  ? 4.856   6.386   -11.164 1.00 70.45  ? 72   ASN A O   1 
ATOM   427 C CB  . ASN A 1 69  ? 7.121   5.340   -12.379 1.00 85.95  ? 72   ASN A CB  1 
ATOM   428 C CG  . ASN A 1 69  ? 8.039   4.661   -11.356 1.00 98.14  ? 72   ASN A CG  1 
ATOM   429 O OD1 . ASN A 1 69  ? 8.176   3.423   -11.331 1.00 89.18  ? 72   ASN A OD1 1 
ATOM   430 N ND2 . ASN A 1 69  ? 8.684   5.471   -10.512 1.00 92.79  ? 72   ASN A ND2 1 
ATOM   431 N N   . PHE A 1 70  ? 3.400   4.958   -12.139 1.00 66.39  ? 73   PHE A N   1 
ATOM   432 C CA  . PHE A 1 70  ? 2.254   5.469   -11.397 1.00 68.50  ? 73   PHE A CA  1 
ATOM   433 C C   . PHE A 1 70  ? 1.300   4.370   -10.973 1.00 63.18  ? 73   PHE A C   1 
ATOM   434 O O   . PHE A 1 70  ? 1.283   3.272   -11.521 1.00 63.84  ? 73   PHE A O   1 
ATOM   435 C CB  . PHE A 1 70  ? 1.502   6.551   -12.186 1.00 75.51  ? 73   PHE A CB  1 
ATOM   436 C CG  . PHE A 1 70  ? 0.666   6.016   -13.321 1.00 95.13  ? 73   PHE A CG  1 
ATOM   437 C CD1 . PHE A 1 70  ? -0.574  5.421   -13.081 1.00 103.25 ? 73   PHE A CD1 1 
ATOM   438 C CD2 . PHE A 1 70  ? 1.096   6.145   -14.638 1.00 98.55  ? 73   PHE A CD2 1 
ATOM   439 C CE1 . PHE A 1 70  ? -1.349  4.944   -14.134 1.00 104.23 ? 73   PHE A CE1 1 
ATOM   440 C CE2 . PHE A 1 70  ? 0.320   5.675   -15.690 1.00 99.88  ? 73   PHE A CE2 1 
ATOM   441 C CZ  . PHE A 1 70  ? -0.897  5.068   -15.437 1.00 97.09  ? 73   PHE A CZ  1 
ATOM   442 N N   . MET A 1 71  ? 0.560   4.628   -9.912  1.00 63.99  ? 74   MET A N   1 
ATOM   443 C CA  . MET A 1 71  ? -0.537  3.764   -9.545  1.00 54.58  ? 74   MET A CA  1 
ATOM   444 C C   . MET A 1 71  ? -1.755  4.631   -9.369  1.00 60.85  ? 74   MET A C   1 
ATOM   445 O O   . MET A 1 71  ? -1.692  5.679   -8.752  1.00 58.41  ? 74   MET A O   1 
ATOM   446 C CB  . MET A 1 71  ? -0.228  2.914   -8.318  1.00 60.11  ? 74   MET A CB  1 
ATOM   447 C CG  . MET A 1 71  ? -0.299  3.610   -6.982  1.00 57.13  ? 74   MET A CG  1 
ATOM   448 S SD  . MET A 1 71  ? 0.220   2.463   -5.701  1.00 58.58  ? 74   MET A SD  1 
ATOM   449 C CE  . MET A 1 71  ? 0.476   3.568   -4.328  1.00 59.15  ? 74   MET A CE  1 
ATOM   450 N N   . ASN A 1 72  ? -2.861  4.200   -9.947  1.00 67.13  ? 75   ASN A N   1 
ATOM   451 C CA  . ASN A 1 72  ? -4.036  5.033   -10.015 1.00 66.09  ? 75   ASN A CA  1 
ATOM   452 C C   . ASN A 1 72  ? -5.146  4.523   -9.150  1.00 65.87  ? 75   ASN A C   1 
ATOM   453 O O   . ASN A 1 72  ? -5.516  3.364   -9.224  1.00 64.60  ? 75   ASN A O   1 
ATOM   454 C CB  . ASN A 1 72  ? -4.534  5.111   -11.448 1.00 73.12  ? 75   ASN A CB  1 
ATOM   455 C CG  . ASN A 1 72  ? -4.034  6.334   -12.161 1.00 79.72  ? 75   ASN A CG  1 
ATOM   456 O OD1 . ASN A 1 72  ? -2.835  6.497   -12.365 1.00 73.37  ? 75   ASN A OD1 1 
ATOM   457 N ND2 . ASN A 1 72  ? -4.952  7.209   -12.541 1.00 85.39  ? 75   ASN A ND2 1 
ATOM   458 N N   . LEU A 1 73  ? -5.695  5.411   -8.342  1.00 67.39  ? 76   LEU A N   1 
ATOM   459 C CA  . LEU A 1 73  ? -6.844  5.076   -7.545  1.00 71.92  ? 76   LEU A CA  1 
ATOM   460 C C   . LEU A 1 73  ? -8.041  5.557   -8.319  1.00 74.72  ? 76   LEU A C   1 
ATOM   461 O O   . LEU A 1 73  ? -8.115  6.718   -8.701  1.00 68.60  ? 76   LEU A O   1 
ATOM   462 C CB  . LEU A 1 73  ? -6.794  5.794   -6.205  1.00 74.65  ? 76   LEU A CB  1 
ATOM   463 C CG  . LEU A 1 73  ? -6.128  5.028   -5.074  1.00 74.96  ? 76   LEU A CG  1 
ATOM   464 C CD1 . LEU A 1 73  ? -6.839  3.706   -4.861  1.00 72.87  ? 76   LEU A CD1 1 
ATOM   465 C CD2 . LEU A 1 73  ? -4.669  4.799   -5.420  1.00 84.12  ? 76   LEU A CD2 1 
ATOM   466 N N   . THR A 1 74  ? -8.978  4.658   -8.558  1.00 74.54  ? 77   THR A N   1 
ATOM   467 C CA  . THR A 1 74  ? -10.216 5.049   -9.197  1.00 72.73  ? 77   THR A CA  1 
ATOM   468 C C   . THR A 1 74  ? -11.351 4.895   -8.228  1.00 77.49  ? 77   THR A C   1 
ATOM   469 O O   . THR A 1 74  ? -11.559 3.818   -7.664  1.00 63.61  ? 77   THR A O   1 
ATOM   470 C CB  . THR A 1 74  ? -10.501 4.221   -10.450 1.00 75.41  ? 77   THR A CB  1 
ATOM   471 O OG1 . THR A 1 74  ? -9.463  4.457   -11.409 1.00 83.48  ? 77   THR A OG1 1 
ATOM   472 C CG2 . THR A 1 74  ? -11.848 4.616   -11.051 1.00 77.51  ? 77   THR A CG2 1 
ATOM   473 N N   . PHE A 1 75  ? -12.006 6.019   -7.959  1.00 82.83  ? 78   PHE A N   1 
ATOM   474 C CA  . PHE A 1 75  ? -13.231 6.075   -7.186  1.00 86.61  ? 78   PHE A CA  1 
ATOM   475 C C   . PHE A 1 75  ? -14.235 6.981   -7.903  1.00 99.58  ? 78   PHE A C   1 
ATOM   476 O O   . PHE A 1 75  ? -13.956 8.148   -8.153  1.00 97.76  ? 78   PHE A O   1 
ATOM   477 C CB  . PHE A 1 75  ? -12.912 6.601   -5.789  1.00 85.89  ? 78   PHE A CB  1 
ATOM   478 C CG  . PHE A 1 75  ? -14.093 7.150   -5.059  1.00 95.34  ? 78   PHE A CG  1 
ATOM   479 C CD1 . PHE A 1 75  ? -15.277 6.446   -5.007  1.00 104.47 ? 78   PHE A CD1 1 
ATOM   480 C CD2 . PHE A 1 75  ? -14.019 8.377   -4.429  1.00 103.64 ? 78   PHE A CD2 1 
ATOM   481 C CE1 . PHE A 1 75  ? -16.368 6.953   -4.335  1.00 112.96 ? 78   PHE A CE1 1 
ATOM   482 C CE2 . PHE A 1 75  ? -15.106 8.891   -3.757  1.00 102.98 ? 78   PHE A CE2 1 
ATOM   483 C CZ  . PHE A 1 75  ? -16.284 8.179   -3.710  1.00 108.13 ? 78   PHE A CZ  1 
ATOM   484 N N   . ASN A 1 76  ? -15.402 6.449   -8.235  1.00 105.09 ? 79   ASN A N   1 
ATOM   485 C CA  . ASN A 1 76  ? -16.443 7.255   -8.860  1.00 107.18 ? 79   ASN A CA  1 
ATOM   486 C C   . ASN A 1 76  ? -15.941 7.985   -10.092 1.00 110.48 ? 79   ASN A C   1 
ATOM   487 O O   . ASN A 1 76  ? -16.275 9.143   -10.314 1.00 103.03 ? 79   ASN A O   1 
ATOM   488 C CB  . ASN A 1 76  ? -17.053 8.252   -7.882  1.00 108.01 ? 79   ASN A CB  1 
ATOM   489 C CG  . ASN A 1 76  ? -18.271 8.950   -8.458  1.00 112.32 ? 79   ASN A CG  1 
ATOM   490 O OD1 . ASN A 1 76  ? -18.677 8.678   -9.587  1.00 102.62 ? 79   ASN A OD1 1 
ATOM   491 N ND2 . ASN A 1 76  ? -18.862 9.849   -7.684  1.00 117.28 ? 79   ASN A ND2 1 
ATOM   492 N N   . GLN A 1 77  ? -15.110 7.318   -10.878 1.00 120.49 ? 80   GLN A N   1 
ATOM   493 C CA  . GLN A 1 77  ? -14.633 7.888   -12.126 1.00 122.04 ? 80   GLN A CA  1 
ATOM   494 C C   . GLN A 1 77  ? -13.600 8.962   -11.840 1.00 113.89 ? 80   GLN A C   1 
ATOM   495 O O   . GLN A 1 77  ? -13.150 9.660   -12.743 1.00 114.68 ? 80   GLN A O   1 
ATOM   496 C CB  . GLN A 1 77  ? -15.795 8.474   -12.922 1.00 128.45 ? 80   GLN A CB  1 
ATOM   497 C CG  . GLN A 1 77  ? -16.783 7.438   -13.434 1.00 127.91 ? 80   GLN A CG  1 
ATOM   498 C CD  . GLN A 1 77  ? -17.967 8.050   -14.162 1.00 134.38 ? 80   GLN A CD  1 
ATOM   499 O OE1 . GLN A 1 77  ? -18.323 9.203   -13.922 1.00 122.71 ? 80   GLN A OE1 1 
ATOM   500 N NE2 . GLN A 1 77  ? -18.582 7.284   -15.055 1.00 136.15 ? 80   GLN A NE2 1 
ATOM   501 N N   . LYS A 1 78  ? -13.209 9.072   -10.579 1.00 104.03 ? 81   LYS A N   1 
ATOM   502 C CA  . LYS A 1 78  ? -12.225 10.052  -10.168 1.00 101.22 ? 81   LYS A CA  1 
ATOM   503 C C   . LYS A 1 78  ? -10.964 9.273   -9.895  1.00 93.16  ? 81   LYS A C   1 
ATOM   504 O O   . LYS A 1 78  ? -10.999 8.251   -9.220  1.00 85.95  ? 81   LYS A O   1 
ATOM   505 C CB  . LYS A 1 78  ? -12.687 10.795  -8.905  1.00 99.92  ? 81   LYS A CB  1 
ATOM   506 C CG  . LYS A 1 78  ? -11.567 11.338  -8.023  1.00 93.73  ? 81   LYS A CG  1 
ATOM   507 C CD  . LYS A 1 78  ? -12.097 12.191  -6.885  1.00 99.67  ? 81   LYS A CD  1 
ATOM   508 C CE  . LYS A 1 78  ? -12.976 11.385  -5.945  1.00 101.16 ? 81   LYS A CE  1 
ATOM   509 N NZ  . LYS A 1 78  ? -14.407 11.791  -6.019  1.00 97.21  ? 81   LYS A NZ  1 
ATOM   510 N N   . VAL A 1 79  ? -9.851  9.735   -10.441 1.00 79.84  ? 82   VAL A N   1 
ATOM   511 C CA  . VAL A 1 79  ? -8.614  9.026   -10.232 1.00 76.23  ? 82   VAL A CA  1 
ATOM   512 C C   . VAL A 1 79  ? -7.554  9.849   -9.514  1.00 82.40  ? 82   VAL A C   1 
ATOM   513 O O   . VAL A 1 79  ? -6.984  10.770  -10.083 1.00 83.41  ? 82   VAL A O   1 
ATOM   514 C CB  . VAL A 1 79  ? -8.064  8.562   -11.583 1.00 77.91  ? 82   VAL A CB  1 
ATOM   515 C CG1 . VAL A 1 79  ? -9.080  7.664   -12.270 1.00 73.29  ? 82   VAL A CG1 1 
ATOM   516 C CG2 . VAL A 1 79  ? -7.776  9.760   -12.462 1.00 81.95  ? 82   VAL A CG2 1 
ATOM   517 N N   . ARG A 1 80  ? -7.241  9.468   -8.283  1.00 69.93  ? 83   ARG A N   1 
ATOM   518 C CA  . ARG A 1 80  ? -6.051  9.977   -7.627  1.00 72.54  ? 83   ARG A CA  1 
ATOM   519 C C   . ARG A 1 80  ? -4.832  9.148   -8.085  1.00 71.01  ? 83   ARG A C   1 
ATOM   520 O O   . ARG A 1 80  ? -4.740  7.961   -7.807  1.00 66.38  ? 83   ARG A O   1 
ATOM   521 C CB  . ARG A 1 80  ? -6.212  9.988   -6.093  1.00 82.19  ? 83   ARG A CB  1 
ATOM   522 C CG  . ARG A 1 80  ? -4.994  10.558  -5.335  1.00 96.32  ? 83   ARG A CG  1 
ATOM   523 C CD  . ARG A 1 80  ? -5.347  11.241  -3.993  1.00 99.66  ? 83   ARG A CD  1 
ATOM   524 N NE  . ARG A 1 80  ? -5.166  10.346  -2.830  1.00 106.06 ? 83   ARG A NE  1 
ATOM   525 C CZ  . ARG A 1 80  ? -5.928  10.344  -1.724  1.00 104.40 ? 83   ARG A CZ  1 
ATOM   526 N NH1 . ARG A 1 80  ? -6.928  11.207  -1.576  1.00 98.81  ? 83   ARG A NH1 1 
ATOM   527 N NH2 . ARG A 1 80  ? -5.693  9.464   -0.755  1.00 96.80  ? 83   ARG A NH2 1 
ATOM   528 N N   . PRO A 1 81  ? -3.935  9.766   -8.870  1.00 71.90  ? 84   PRO A N   1 
ATOM   529 C CA  . PRO A 1 81  ? -2.732  9.102   -9.320  1.00 70.44  ? 84   PRO A CA  1 
ATOM   530 C C   . PRO A 1 81  ? -1.582  9.340   -8.376  1.00 66.23  ? 84   PRO A C   1 
ATOM   531 O O   . PRO A 1 81  ? -1.349  10.471  -7.948  1.00 71.96  ? 84   PRO A O   1 
ATOM   532 C CB  . PRO A 1 81  ? -2.431  9.776   -10.676 1.00 74.70  ? 84   PRO A CB  1 
ATOM   533 C CG  . PRO A 1 81  ? -3.515  10.794  -10.893 1.00 76.89  ? 84   PRO A CG  1 
ATOM   534 C CD  . PRO A 1 81  ? -4.105  11.059  -9.550  1.00 78.21  ? 84   PRO A CD  1 
ATOM   535 N N   . ILE A 1 82  ? -0.842  8.286   -8.103  1.00 57.94  ? 85   ILE A N   1 
ATOM   536 C CA  . ILE A 1 82  ? 0.261   8.349   -7.201  1.00 51.92  ? 85   ILE A CA  1 
ATOM   537 C C   . ILE A 1 82  ? 1.471   7.947   -7.993  1.00 53.92  ? 85   ILE A C   1 
ATOM   538 O O   . ILE A 1 82  ? 1.455   6.948   -8.682  1.00 55.86  ? 85   ILE A O   1 
ATOM   539 C CB  . ILE A 1 82  ? 0.070   7.382   -6.011  1.00 54.63  ? 85   ILE A CB  1 
ATOM   540 C CG1 . ILE A 1 82  ? -1.342  7.528   -5.424  1.00 51.19  ? 85   ILE A CG1 1 
ATOM   541 C CG2 . ILE A 1 82  ? 1.127   7.633   -4.944  1.00 60.06  ? 85   ILE A CG2 1 
ATOM   542 C CD1 . ILE A 1 82  ? -1.620  6.639   -4.227  1.00 54.93  ? 85   ILE A CD1 1 
ATOM   543 N N   . GLN A 1 83  ? 2.528   8.734   -7.872  1.00 59.18  ? 86   GLN A N   1 
ATOM   544 C CA  . GLN A 1 83  ? 3.789   8.415   -8.507  1.00 66.19  ? 86   GLN A CA  1 
ATOM   545 C C   . GLN A 1 83  ? 4.583   7.468   -7.634  1.00 62.09  ? 86   GLN A C   1 
ATOM   546 O O   . GLN A 1 83  ? 4.765   7.709   -6.451  1.00 55.04  ? 86   GLN A O   1 
ATOM   547 C CB  . GLN A 1 83  ? 4.594   9.686   -8.754  1.00 72.52  ? 86   GLN A CB  1 
ATOM   548 C CG  . GLN A 1 83  ? 3.786   10.807  -9.373  1.00 82.54  ? 86   GLN A CG  1 
ATOM   549 C CD  . GLN A 1 83  ? 3.993   10.904  -10.864 1.00 86.40  ? 86   GLN A CD  1 
ATOM   550 O OE1 . GLN A 1 83  ? 5.108   11.112  -11.333 1.00 88.84  ? 86   GLN A OE1 1 
ATOM   551 N NE2 . GLN A 1 83  ? 2.917   10.748  -11.619 1.00 91.13  ? 86   GLN A NE2 1 
ATOM   552 N N   . LEU A 1 84  ? 5.064   6.392   -8.246  1.00 57.72  ? 87   LEU A N   1 
ATOM   553 C CA  . LEU A 1 84  ? 5.856   5.380   -7.564  1.00 55.14  ? 87   LEU A CA  1 
ATOM   554 C C   . LEU A 1 84  ? 7.138   6.006   -7.047  1.00 54.78  ? 87   LEU A C   1 
ATOM   555 O O   . LEU A 1 84  ? 7.648   5.640   -5.993  1.00 54.57  ? 87   LEU A O   1 
ATOM   556 C CB  . LEU A 1 84  ? 6.146   4.209   -8.496  1.00 56.70  ? 87   LEU A CB  1 
ATOM   557 C CG  . LEU A 1 84  ? 4.896   3.521   -9.049  1.00 56.88  ? 87   LEU A CG  1 
ATOM   558 C CD1 . LEU A 1 84  ? 5.247   2.199   -9.707  1.00 64.85  ? 87   LEU A CD1 1 
ATOM   559 C CD2 . LEU A 1 84  ? 3.857   3.321   -7.959  1.00 53.29  ? 87   LEU A CD2 1 
ATOM   560 N N   . ASP A 1 85  ? 7.633   6.972   -7.805  1.00 50.54  ? 88   ASP A N   1 
ATOM   561 C CA  . ASP A 1 85  ? 8.822   7.722   -7.447  1.00 53.28  ? 88   ASP A CA  1 
ATOM   562 C C   . ASP A 1 85  ? 8.552   8.465   -6.151  1.00 56.53  ? 88   ASP A C   1 
ATOM   563 O O   . ASP A 1 85  ? 9.429   8.617   -5.310  1.00 60.05  ? 88   ASP A O   1 
ATOM   564 C CB  . ASP A 1 85  ? 9.205   8.702   -8.561  1.00 56.02  ? 88   ASP A CB  1 
ATOM   565 C CG  . ASP A 1 85  ? 8.007   9.174   -9.371  1.00 68.72  ? 88   ASP A CG  1 
ATOM   566 O OD1 . ASP A 1 85  ? 7.430   8.359   -10.121 1.00 71.53  ? 88   ASP A OD1 1 
ATOM   567 O OD2 . ASP A 1 85  ? 7.645   10.363  -9.259  1.00 61.97  ? 88   ASP A OD2 1 
ATOM   568 N N   . ASP A 1 86  ? 7.326   8.948   -6.018  1.00 56.55  ? 89   ASP A N   1 
ATOM   569 C CA  . ASP A 1 86  ? 6.907   9.704   -4.842  1.00 63.10  ? 89   ASP A CA  1 
ATOM   570 C C   . ASP A 1 86  ? 6.979   8.949   -3.512  1.00 60.44  ? 89   ASP A C   1 
ATOM   571 O O   . ASP A 1 86  ? 7.261   9.548   -2.483  1.00 67.33  ? 89   ASP A O   1 
ATOM   572 C CB  . ASP A 1 86  ? 5.513   10.300  -5.038  1.00 64.58  ? 89   ASP A CB  1 
ATOM   573 C CG  . ASP A 1 86  ? 5.347   11.624  -4.322  1.00 70.84  ? 89   ASP A CG  1 
ATOM   574 O OD1 . ASP A 1 86  ? 6.370   12.247  -3.979  1.00 64.87  ? 89   ASP A OD1 1 
ATOM   575 O OD2 . ASP A 1 86  ? 4.194   12.043  -4.101  1.00 72.42  ? 89   ASP A OD2 1 
ATOM   576 N N   . ILE A 1 87  ? 6.744   7.640   -3.531  1.00 55.95  ? 90   ILE A N   1 
ATOM   577 C CA  . ILE A 1 87  ? 6.608   6.890   -2.289  1.00 52.27  ? 90   ILE A CA  1 
ATOM   578 C C   . ILE A 1 87  ? 7.881   6.985   -1.471  1.00 51.40  ? 90   ILE A C   1 
ATOM   579 O O   . ILE A 1 87  ? 8.961   6.706   -1.966  1.00 49.56  ? 90   ILE A O   1 
ATOM   580 C CB  . ILE A 1 87  ? 6.362   5.399   -2.576  1.00 56.56  ? 90   ILE A CB  1 
ATOM   581 C CG1 . ILE A 1 87  ? 5.349   5.222   -3.708  1.00 57.76  ? 90   ILE A CG1 1 
ATOM   582 C CG2 . ILE A 1 87  ? 5.929   4.672   -1.315  1.00 62.84  ? 90   ILE A CG2 1 
ATOM   583 C CD1 . ILE A 1 87  ? 3.907   5.211   -3.257  1.00 60.49  ? 90   ILE A CD1 1 
ATOM   584 N N   . ALA A 1 88  ? 7.744   7.348   -0.201  1.00 51.77  ? 91   ALA A N   1 
ATOM   585 C CA  . ALA A 1 88  ? 8.909   7.540   0.652   1.00 50.41  ? 91   ALA A CA  1 
ATOM   586 C C   . ALA A 1 88  ? 9.028   6.526   1.782   1.00 51.08  ? 91   ALA A C   1 
ATOM   587 O O   . ALA A 1 88  ? 10.128  6.208   2.223   1.00 49.49  ? 91   ALA A O   1 
ATOM   588 C CB  . ALA A 1 88  ? 8.910   8.952   1.214   1.00 52.23  ? 91   ALA A CB  1 
ATOM   589 N N   . ALA A 1 89  ? 7.895   6.026   2.254   1.00 50.65  ? 92   ALA A N   1 
ATOM   590 C CA  . ALA A 1 89  ? 7.901   5.088   3.364   1.00 51.01  ? 92   ALA A CA  1 
ATOM   591 C C   . ALA A 1 89  ? 6.725   4.130   3.330   1.00 48.46  ? 92   ALA A C   1 
ATOM   592 O O   . ALA A 1 89  ? 5.679   4.431   2.770   1.00 49.59  ? 92   ALA A O   1 
ATOM   593 C CB  . ALA A 1 89  ? 7.931   5.837   4.685   1.00 51.99  ? 92   ALA A CB  1 
ATOM   594 N N   . VAL A 1 90  ? 6.913   2.979   3.958   1.00 54.14  ? 93   VAL A N   1 
ATOM   595 C CA  . VAL A 1 90  ? 5.864   2.002   4.133   1.00 51.28  ? 93   VAL A CA  1 
ATOM   596 C C   . VAL A 1 90  ? 5.728   1.753   5.621   1.00 47.37  ? 93   VAL A C   1 
ATOM   597 O O   . VAL A 1 90  ? 6.717   1.559   6.311   1.00 45.66  ? 93   VAL A O   1 
ATOM   598 C CB  . VAL A 1 90  ? 6.193   0.693   3.398   1.00 54.60  ? 93   VAL A CB  1 
ATOM   599 C CG1 . VAL A 1 90  ? 7.510   0.129   3.884   1.00 57.64  ? 93   VAL A CG1 1 
ATOM   600 C CG2 . VAL A 1 90  ? 5.075   -0.315  3.567   1.00 52.05  ? 93   VAL A CG2 1 
ATOM   601 N N   . LEU A 1 91  ? 4.511   1.801   6.139   1.00 47.51  ? 94   LEU A N   1 
ATOM   602 C CA  . LEU A 1 91  ? 4.333   1.561   7.558   1.00 49.62  ? 94   LEU A CA  1 
ATOM   603 C C   . LEU A 1 91  ? 3.582   0.267   7.789   1.00 48.88  ? 94   LEU A C   1 
ATOM   604 O O   . LEU A 1 91  ? 2.406   0.164   7.484   1.00 43.27  ? 94   LEU A O   1 
ATOM   605 C CB  . LEU A 1 91  ? 3.607   2.734   8.196   1.00 50.07  ? 94   LEU A CB  1 
ATOM   606 C CG  . LEU A 1 91  ? 4.186   4.078   7.773   1.00 53.49  ? 94   LEU A CG  1 
ATOM   607 C CD1 . LEU A 1 91  ? 3.135   5.164   7.804   1.00 54.07  ? 94   LEU A CD1 1 
ATOM   608 C CD2 . LEU A 1 91  ? 5.375   4.446   8.635   1.00 55.52  ? 94   LEU A CD2 1 
ATOM   609 N N   . TYR A 1 92  ? 4.287   -0.717  8.332   1.00 44.08  ? 95   TYR A N   1 
ATOM   610 C CA  . TYR A 1 92  ? 3.716   -2.030  8.555   1.00 47.47  ? 95   TYR A CA  1 
ATOM   611 C C   . TYR A 1 92  ? 4.396   -2.804  9.675   1.00 49.87  ? 95   TYR A C   1 
ATOM   612 O O   . TYR A 1 92  ? 5.102   -3.764  9.419   1.00 49.63  ? 95   TYR A O   1 
ATOM   613 C CB  . TYR A 1 92  ? 3.761   -2.832  7.263   1.00 48.07  ? 95   TYR A CB  1 
ATOM   614 C CG  . TYR A 1 92  ? 2.803   -3.981  7.237   1.00 50.44  ? 95   TYR A CG  1 
ATOM   615 C CD1 . TYR A 1 92  ? 1.460   -3.779  6.993   1.00 47.79  ? 95   TYR A CD1 1 
ATOM   616 C CD2 . TYR A 1 92  ? 3.240   -5.270  7.464   1.00 54.14  ? 95   TYR A CD2 1 
ATOM   617 C CE1 . TYR A 1 92  ? 0.575   -4.830  6.972   1.00 49.69  ? 95   TYR A CE1 1 
ATOM   618 C CE2 . TYR A 1 92  ? 2.360   -6.330  7.443   1.00 58.83  ? 95   TYR A CE2 1 
ATOM   619 C CZ  . TYR A 1 92  ? 1.030   -6.101  7.198   1.00 55.23  ? 95   TYR A CZ  1 
ATOM   620 O OH  . TYR A 1 92  ? 0.156   -7.147  7.179   1.00 48.70  ? 95   TYR A OH  1 
ATOM   621 N N   . GLY A 1 93  ? 4.186   -2.393  10.914  1.00 51.64  ? 96   GLY A N   1 
ATOM   622 C CA  . GLY A 1 93  ? 4.715   -3.127  12.044  1.00 53.09  ? 96   GLY A CA  1 
ATOM   623 C C   . GLY A 1 93  ? 6.165   -2.853  12.391  1.00 54.89  ? 96   GLY A C   1 
ATOM   624 O O   . GLY A 1 93  ? 6.831   -2.055  11.749  1.00 45.44  ? 96   GLY A O   1 
ATOM   625 N N   . SER A 1 94  ? 6.648   -3.549  13.412  1.00 53.86  ? 97   SER A N   1 
ATOM   626 C CA  . SER A 1 94  ? 8.004   -3.359  13.941  1.00 67.85  ? 97   SER A CA  1 
ATOM   627 C C   . SER A 1 94  ? 8.816   -4.634  13.757  1.00 62.35  ? 97   SER A C   1 
ATOM   628 O O   . SER A 1 94  ? 8.426   -5.495  12.988  1.00 70.93  ? 97   SER A O   1 
ATOM   629 C CB  . SER A 1 94  ? 7.953   -2.998  15.438  1.00 65.33  ? 97   SER A CB  1 
ATOM   630 O OG  . SER A 1 94  ? 7.666   -1.623  15.633  1.00 66.70  ? 97   SER A OG  1 
ATOM   631 N N   . LYS A 1 105 ? -0.174  0.637   24.016  1.00 76.59  ? 108  LYS A N   1 
ATOM   632 C CA  . LYS A 1 105 ? -0.454  -0.459  23.097  1.00 85.78  ? 108  LYS A CA  1 
ATOM   633 C C   . LYS A 1 105 ? -0.710  0.025   21.667  1.00 81.79  ? 108  LYS A C   1 
ATOM   634 O O   . LYS A 1 105 ? -1.804  0.479   21.350  1.00 64.91  ? 108  LYS A O   1 
ATOM   635 C CB  . LYS A 1 105 ? -1.647  -1.272  23.597  1.00 85.67  ? 108  LYS A CB  1 
ATOM   636 C CG  . LYS A 1 105 ? -1.977  -2.482  22.746  1.00 88.46  ? 108  LYS A CG  1 
ATOM   637 C CD  . LYS A 1 105 ? -3.304  -3.096  23.155  1.00 96.08  ? 108  LYS A CD  1 
ATOM   638 C CE  . LYS A 1 105 ? -3.602  -4.352  22.353  1.00 93.66  ? 108  LYS A CE  1 
ATOM   639 N NZ  . LYS A 1 105 ? -2.680  -5.464  22.711  1.00 90.83  ? 108  LYS A NZ  1 
ATOM   640 N N   . MET A 1 106 ? 0.276   -0.144  20.791  1.00 71.16  ? 109  MET A N   1 
ATOM   641 C CA  . MET A 1 106 ? 0.131   0.245   19.391  1.00 62.28  ? 109  MET A CA  1 
ATOM   642 C C   . MET A 1 106 ? -0.141  -0.973  18.508  1.00 52.80  ? 109  MET A C   1 
ATOM   643 O O   . MET A 1 106 ? 0.601   -1.943  18.544  1.00 53.90  ? 109  MET A O   1 
ATOM   644 C CB  . MET A 1 106 ? 1.388   0.973   18.913  1.00 68.26  ? 109  MET A CB  1 
ATOM   645 C CG  . MET A 1 106 ? 1.398   2.464   19.212  1.00 70.92  ? 109  MET A CG  1 
ATOM   646 S SD  . MET A 1 106 ? 2.894   3.294   18.644  1.00 81.33  ? 109  MET A SD  1 
ATOM   647 C CE  . MET A 1 106 ? 2.781   3.053   16.876  1.00 70.85  ? 109  MET A CE  1 
ATOM   648 N N   . LEU A 1 107 ? -1.213  -0.912  17.723  1.00 54.28  ? 110  LEU A N   1 
ATOM   649 C CA  . LEU A 1 107 ? -1.662  -2.052  16.926  1.00 46.17  ? 110  LEU A CA  1 
ATOM   650 C C   . LEU A 1 107 ? -1.965  -1.706  15.472  1.00 51.60  ? 110  LEU A C   1 
ATOM   651 O O   . LEU A 1 107 ? -2.420  -0.611  15.165  1.00 49.54  ? 110  LEU A O   1 
ATOM   652 C CB  . LEU A 1 107 ? -2.929  -2.650  17.536  1.00 52.97  ? 110  LEU A CB  1 
ATOM   653 C CG  . LEU A 1 107 ? -2.906  -3.305  18.915  1.00 58.20  ? 110  LEU A CG  1 
ATOM   654 C CD1 . LEU A 1 107 ? -2.256  -2.402  19.947  1.00 54.86  ? 110  LEU A CD1 1 
ATOM   655 C CD2 . LEU A 1 107 ? -4.317  -3.674  19.329  1.00 61.62  ? 110  LEU A CD2 1 
ATOM   656 N N   . ARG A 1 108 ? -1.713  -2.657  14.579  1.00 50.44  ? 111  ARG A N   1 
ATOM   657 C CA  . ARG A 1 108 ? -2.161  -2.557  13.197  1.00 48.17  ? 111  ARG A CA  1 
ATOM   658 C C   . ARG A 1 108 ? -2.845  -3.839  12.728  1.00 42.34  ? 111  ARG A C   1 
ATOM   659 O O   . ARG A 1 108 ? -2.297  -4.921  12.884  1.00 44.13  ? 111  ARG A O   1 
ATOM   660 C CB  . ARG A 1 108 ? -0.984  -2.232  12.275  1.00 49.66  ? 111  ARG A CB  1 
ATOM   661 C CG  . ARG A 1 108 ? -1.314  -2.325  10.798  1.00 46.26  ? 111  ARG A CG  1 
ATOM   662 C CD  . ARG A 1 108 ? -0.136  -1.919  9.932   1.00 45.02  ? 111  ARG A CD  1 
ATOM   663 N NE  . ARG A 1 108 ? 0.338   -0.579  10.247  1.00 50.91  ? 111  ARG A NE  1 
ATOM   664 C CZ  . ARG A 1 108 ? -0.094  0.526   9.653   1.00 46.52  ? 111  ARG A CZ  1 
ATOM   665 N NH1 . ARG A 1 108 ? -1.013  0.455   8.707   1.00 46.49  ? 111  ARG A NH1 1 
ATOM   666 N NH2 . ARG A 1 108 ? 0.397   1.702   10.003  1.00 65.03  ? 111  ARG A NH2 1 
ATOM   667 N N   . ASN A 1 109 ? -4.022  -3.723  12.124  1.00 46.94  ? 112  ASN A N   1 
ATOM   668 C CA  . ASN A 1 109 ? -4.626  -4.865  11.462  1.00 46.20  ? 112  ASN A CA  1 
ATOM   669 C C   . ASN A 1 109 ? -3.753  -5.163  10.268  1.00 48.53  ? 112  ASN A C   1 
ATOM   670 O O   . ASN A 1 109 ? -3.382  -4.255  9.542   1.00 49.17  ? 112  ASN A O   1 
ATOM   671 C CB  . ASN A 1 109 ? -6.042  -4.543  11.007  1.00 45.38  ? 112  ASN A CB  1 
ATOM   672 C CG  . ASN A 1 109 ? -6.701  -5.696  10.282  1.00 54.39  ? 112  ASN A CG  1 
ATOM   673 O OD1 . ASN A 1 109 ? -6.559  -5.850  9.079   1.00 63.01  ? 112  ASN A OD1 1 
ATOM   674 N ND2 . ASN A 1 109 ? -7.437  -6.506  11.015  1.00 66.25  ? 112  ASN A ND2 1 
ATOM   675 N N   . PRO A 1 110 ? -3.476  -6.443  10.074  1.00 54.70  ? 113  PRO A N   1 
ATOM   676 C CA  . PRO A 1 110 ? -2.532  -6.959  9.083   1.00 54.40  ? 113  PRO A CA  1 
ATOM   677 C C   . PRO A 1 110 ? -2.949  -6.626  7.666   1.00 51.41  ? 113  PRO A C   1 
ATOM   678 O O   . PRO A 1 110 ? -2.111  -6.516  6.788   1.00 53.65  ? 113  PRO A O   1 
ATOM   679 C CB  . PRO A 1 110 ? -2.601  -8.461  9.308   1.00 57.77  ? 113  PRO A CB  1 
ATOM   680 C CG  . PRO A 1 110 ? -2.939  -8.609  10.744  1.00 52.25  ? 113  PRO A CG  1 
ATOM   681 C CD  . PRO A 1 110 ? -3.671  -7.380  11.189  1.00 49.66  ? 113  PRO A CD  1 
HETATM 682 N N   . CSX A 1 111 ? -4.249  -6.535  7.447   1.00 52.23  ? 114  CSX A N   1 
HETATM 683 C CA  . CSX A 1 111 ? -4.808  -6.138  6.176   1.00 48.54  ? 114  CSX A CA  1 
HETATM 684 C CB  . CSX A 1 111 ? -6.300  -6.426  6.198   1.00 53.76  ? 114  CSX A CB  1 
HETATM 685 S SG  . CSX A 1 111 ? -6.504  -8.088  5.890   1.00 65.14  ? 114  CSX A SG  1 
HETATM 686 C C   . CSX A 1 111 ? -4.515  -4.703  5.803   1.00 45.88  ? 114  CSX A C   1 
HETATM 687 O O   . CSX A 1 111 ? -4.644  -4.374  4.618   1.00 45.11  ? 114  CSX A O   1 
HETATM 688 O OD  . CSX A 1 111 ? -6.760  -8.793  7.155   1.00 52.05  ? 114  CSX A OD  1 
ATOM   689 N N   . VAL A 1 112 ? -4.125  -3.856  6.749   1.00 41.73  ? 115  VAL A N   1 
ATOM   690 C CA  . VAL A 1 112 ? -3.982  -2.434  6.463   1.00 43.48  ? 115  VAL A CA  1 
ATOM   691 C C   . VAL A 1 112 ? -2.532  -1.962  6.371   1.00 42.90  ? 115  VAL A C   1 
ATOM   692 O O   . VAL A 1 112 ? -1.748  -2.138  7.284   1.00 43.10  ? 115  VAL A O   1 
ATOM   693 C CB  . VAL A 1 112 ? -4.785  -1.582  7.474   1.00 48.31  ? 115  VAL A CB  1 
ATOM   694 C CG1 . VAL A 1 112 ? -4.598  -2.107  8.878   1.00 52.52  ? 115  VAL A CG1 1 
ATOM   695 C CG2 . VAL A 1 112 ? -4.437  -0.104  7.390   1.00 46.86  ? 115  VAL A CG2 1 
ATOM   696 N N   . VAL A 1 113 ? -2.212  -1.338  5.247   1.00 42.22  ? 116  VAL A N   1 
ATOM   697 C CA  . VAL A 1 113 ? -0.879  -0.841  4.973   1.00 40.91  ? 116  VAL A CA  1 
ATOM   698 C C   . VAL A 1 113 ? -0.889  0.664   4.815   1.00 38.49  ? 116  VAL A C   1 
ATOM   699 O O   . VAL A 1 113 ? -1.678  1.208   4.062   1.00 39.45  ? 116  VAL A O   1 
ATOM   700 C CB  . VAL A 1 113 ? -0.324  -1.435  3.676   1.00 46.57  ? 116  VAL A CB  1 
ATOM   701 C CG1 . VAL A 1 113 ? 1.150   -1.121  3.542   1.00 52.16  ? 116  VAL A CG1 1 
ATOM   702 C CG2 . VAL A 1 113 ? -0.572  -2.926  3.630   1.00 48.17  ? 116  VAL A CG2 1 
ATOM   703 N N   . GLY A 1 114 ? 0.014   1.327   5.516   1.00 36.61  ? 117  GLY A N   1 
ATOM   704 C CA  . GLY A 1 114 ? 0.127   2.765   5.460   1.00 34.73  ? 117  GLY A CA  1 
ATOM   705 C C   . GLY A 1 114 ? 1.410   3.131   4.763   1.00 35.51  ? 117  GLY A C   1 
ATOM   706 O O   . GLY A 1 114 ? 2.380   2.405   4.846   1.00 40.18  ? 117  GLY A O   1 
ATOM   707 N N   . PHE A 1 115 ? 1.406   4.235   4.039   1.00 35.57  ? 118  PHE A N   1 
ATOM   708 C CA  . PHE A 1 115 ? 2.609   4.681   3.367   1.00 43.62  ? 118  PHE A CA  1 
ATOM   709 C C   . PHE A 1 115 ? 2.603   6.188   3.266   1.00 46.60  ? 118  PHE A C   1 
ATOM   710 O O   . PHE A 1 115 ? 1.567   6.837   3.413   1.00 46.04  ? 118  PHE A O   1 
ATOM   711 C CB  . PHE A 1 115 ? 2.785   4.024   1.993   1.00 40.01  ? 118  PHE A CB  1 
ATOM   712 C CG  . PHE A 1 115 ? 1.657   4.276   1.037   1.00 37.86  ? 118  PHE A CG  1 
ATOM   713 C CD1 . PHE A 1 115 ? 0.476   3.588   1.165   1.00 36.27  ? 118  PHE A CD1 1 
ATOM   714 C CD2 . PHE A 1 115 ? 1.803   5.167   -0.021  1.00 41.20  ? 118  PHE A CD2 1 
ATOM   715 C CE1 . PHE A 1 115 ? -0.569  3.787   0.310   1.00 34.89  ? 118  PHE A CE1 1 
ATOM   716 C CE2 . PHE A 1 115 ? 0.740   5.412   -0.877  1.00 42.47  ? 118  PHE A CE2 1 
ATOM   717 C CZ  . PHE A 1 115 ? -0.444  4.695   -0.729  1.00 42.29  ? 118  PHE A CZ  1 
ATOM   718 N N   . ARG A 1 116 ? 3.785   6.753   3.125   1.00 52.10  ? 119  ARG A N   1 
ATOM   719 C CA  . ARG A 1 116 ? 3.912   8.177   3.111   1.00 47.57  ? 119  ARG A CA  1 
ATOM   720 C C   . ARG A 1 116 ? 4.469   8.658   1.768   1.00 49.24  ? 119  ARG A C   1 
ATOM   721 O O   . ARG A 1 116 ? 5.380   8.031   1.196   1.00 44.93  ? 119  ARG A O   1 
ATOM   722 C CB  . ARG A 1 116 ? 4.809   8.606   4.250   1.00 51.04  ? 119  ARG A CB  1 
ATOM   723 C CG  . ARG A 1 116 ? 4.840   10.110  4.450   1.00 64.40  ? 119  ARG A CG  1 
ATOM   724 C CD  . ARG A 1 116 ? 5.751   10.459  5.598   1.00 64.62  ? 119  ARG A CD  1 
ATOM   725 N NE  . ARG A 1 116 ? 5.383   9.697   6.792   1.00 73.61  ? 119  ARG A NE  1 
ATOM   726 C CZ  . ARG A 1 116 ? 6.155   8.780   7.373   1.00 71.46  ? 119  ARG A CZ  1 
ATOM   727 N NH1 . ARG A 1 116 ? 7.363   8.510   6.888   1.00 71.23  ? 119  ARG A NH1 1 
ATOM   728 N NH2 . ARG A 1 116 ? 5.728   8.158   8.468   1.00 76.36  ? 119  ARG A NH2 1 
ATOM   729 N N   . LEU A 1 117 ? 3.914   9.771   1.280   1.00 49.39  ? 120  LEU A N   1 
ATOM   730 C CA  . LEU A 1 117 ? 4.377   10.426  0.067   1.00 42.31  ? 120  LEU A CA  1 
ATOM   731 C C   . LEU A 1 117 ? 5.359   11.573  0.375   1.00 42.93  ? 120  LEU A C   1 
ATOM   732 O O   . LEU A 1 117 ? 5.122   12.385  1.273   1.00 45.39  ? 120  LEU A O   1 
ATOM   733 C CB  . LEU A 1 117 ? 3.191   10.988  -0.689  1.00 50.28  ? 120  LEU A CB  1 
ATOM   734 C CG  . LEU A 1 117 ? 2.070   10.014  -1.063  1.00 53.21  ? 120  LEU A CG  1 
ATOM   735 C CD1 . LEU A 1 117 ? 0.978   10.766  -1.794  1.00 59.49  ? 120  LEU A CD1 1 
ATOM   736 C CD2 . LEU A 1 117 ? 2.576   8.875   -1.916  1.00 55.25  ? 120  LEU A CD2 1 
ATOM   737 N N   . ALA A 1 118 ? 6.421   11.654  -0.429  1.00 41.12  ? 121  ALA A N   1 
ATOM   738 C CA  . ALA A 1 118 ? 7.500   12.614  -0.264  1.00 45.98  ? 121  ALA A CA  1 
ATOM   739 C C   . ALA A 1 118 ? 7.032   14.021  -0.556  1.00 51.36  ? 121  ALA A C   1 
ATOM   740 O O   . ALA A 1 118 ? 7.494   14.980  0.079   1.00 55.72  ? 121  ALA A O   1 
ATOM   741 C CB  . ALA A 1 118 ? 8.649   12.262  -1.203  1.00 46.90  ? 121  ALA A CB  1 
ATOM   742 N N   . SER A 1 119 ? 6.133   14.137  -1.532  1.00 53.85  ? 122  SER A N   1 
ATOM   743 C CA  . SER A 1 119 ? 5.714   15.432  -2.075  1.00 60.95  ? 122  SER A CA  1 
ATOM   744 C C   . SER A 1 119 ? 4.805   16.164  -1.117  1.00 58.52  ? 122  SER A C   1 
ATOM   745 O O   . SER A 1 119 ? 4.956   17.361  -0.892  1.00 58.79  ? 122  SER A O   1 
ATOM   746 C CB  . SER A 1 119 ? 4.946   15.221  -3.375  1.00 64.25  ? 122  SER A CB  1 
ATOM   747 O OG  . SER A 1 119 ? 3.783   14.433  -3.136  1.00 61.22  ? 122  SER A OG  1 
ATOM   748 N N   . SER A 1 120 ? 3.805   15.445  -0.616  1.00 58.11  ? 123  SER A N   1 
ATOM   749 C CA  . SER A 1 120 ? 2.846   15.996  0.323   1.00 54.15  ? 123  SER A CA  1 
ATOM   750 C C   . SER A 1 120 ? 3.301   15.846  1.760   1.00 43.94  ? 123  SER A C   1 
ATOM   751 O O   . SER A 1 120 ? 2.807   16.534  2.633   1.00 48.26  ? 123  SER A O   1 
ATOM   752 C CB  . SER A 1 120 ? 1.498   15.313  0.157   1.00 54.56  ? 123  SER A CB  1 
ATOM   753 O OG  . SER A 1 120 ? 1.621   13.932  0.348   1.00 59.38  ? 123  SER A OG  1 
ATOM   754 N N   . GLY A 1 121 ? 4.197   14.907  2.005   1.00 44.05  ? 124  GLY A N   1 
ATOM   755 C CA  . GLY A 1 121 ? 4.525   14.492  3.370   1.00 45.54  ? 124  GLY A CA  1 
ATOM   756 C C   . GLY A 1 121 ? 3.380   13.788  4.086   1.00 47.41  ? 124  GLY A C   1 
ATOM   757 O O   . GLY A 1 121 ? 3.421   13.592  5.308   1.00 47.25  ? 124  GLY A O   1 
ATOM   758 N N   . ARG A 1 122 ? 2.337   13.450  3.339   1.00 50.10  ? 125  ARG A N   1 
ATOM   759 C CA  . ARG A 1 122 ? 1.155   12.786  3.886   1.00 54.22  ? 125  ARG A CA  1 
ATOM   760 C C   . ARG A 1 122 ? 1.207   11.256  3.952   1.00 57.67  ? 125  ARG A C   1 
ATOM   761 O O   . ARG A 1 122 ? 1.932   10.607  3.204   1.00 48.95  ? 125  ARG A O   1 
ATOM   762 C CB  . ARG A 1 122 ? -0.107  13.241  3.160   1.00 63.67  ? 125  ARG A CB  1 
ATOM   763 C CG  . ARG A 1 122 ? -0.391  14.717  3.339   1.00 71.06  ? 125  ARG A CG  1 
ATOM   764 C CD  . ARG A 1 122 ? -1.869  15.031  3.264   1.00 80.30  ? 125  ARG A CD  1 
ATOM   765 N NE  . ARG A 1 122 ? -2.492  15.019  4.581   1.00 90.03  ? 125  ARG A NE  1 
ATOM   766 C CZ  . ARG A 1 122 ? -3.453  15.853  4.955   1.00 88.73  ? 125  ARG A CZ  1 
ATOM   767 N NH1 . ARG A 1 122 ? -3.893  16.770  4.110   1.00 91.81  ? 125  ARG A NH1 1 
ATOM   768 N NH2 . ARG A 1 122 ? -3.971  15.772  6.170   1.00 90.16  ? 125  ARG A NH2 1 
ATOM   769 N N   . ALA A 1 123 ? 0.404   10.703  4.851   1.00 52.31  ? 126  ALA A N   1 
ATOM   770 C CA  . ALA A 1 123 ? 0.313   9.267   5.060   1.00 55.63  ? 126  ALA A CA  1 
ATOM   771 C C   . ALA A 1 123 ? -1.031  8.743   4.587   1.00 47.75  ? 126  ALA A C   1 
ATOM   772 O O   . ALA A 1 123 ? -2.060  9.350   4.829   1.00 49.48  ? 126  ALA A O   1 
ATOM   773 C CB  . ALA A 1 123 ? 0.525   8.930   6.520   1.00 54.28  ? 126  ALA A CB  1 
ATOM   774 N N   . ILE A 1 124 ? -1.007  7.622   3.886   1.00 49.60  ? 127  ILE A N   1 
ATOM   775 C CA  . ILE A 1 124 ? -2.208  7.068   3.298   1.00 48.25  ? 127  ILE A CA  1 
ATOM   776 C C   . ILE A 1 124 ? -2.301  5.652   3.761   1.00 46.93  ? 127  ILE A C   1 
ATOM   777 O O   . ILE A 1 124 ? -1.282  4.994   3.941   1.00 47.03  ? 127  ILE A O   1 
ATOM   778 C CB  . ILE A 1 124 ? -2.123  7.073   1.772   1.00 49.71  ? 127  ILE A CB  1 
ATOM   779 C CG1 . ILE A 1 124 ? -1.665  8.470   1.289   1.00 54.88  ? 127  ILE A CG1 1 
ATOM   780 C CG2 . ILE A 1 124 ? -3.468  6.668   1.171   1.00 51.76  ? 127  ILE A CG2 1 
ATOM   781 C CD1 . ILE A 1 124 ? -1.432  8.576   -0.202  1.00 53.98  ? 127  ILE A CD1 1 
ATOM   782 N N   . ALA A 1 125 ? -3.512  5.177   3.977   1.00 42.91  ? 128  ALA A N   1 
ATOM   783 C CA  . ALA A 1 125 ? -3.700  3.810   4.374   1.00 43.02  ? 128  ALA A CA  1 
ATOM   784 C C   . ALA A 1 125 ? -4.596  3.127   3.377   1.00 49.14  ? 128  ALA A C   1 
ATOM   785 O O   . ALA A 1 125 ? -5.703  3.633   3.075   1.00 39.51  ? 128  ALA A O   1 
ATOM   786 C CB  . ALA A 1 125 ? -4.298  3.731   5.769   1.00 41.14  ? 128  ALA A CB  1 
ATOM   787 N N   . PHE A 1 126 ? -4.087  2.005   2.834   1.00 42.47  ? 129  PHE A N   1 
ATOM   788 C CA  . PHE A 1 126 ? -4.876  1.048   2.042   1.00 42.23  ? 129  PHE A CA  1 
ATOM   789 C C   . PHE A 1 126 ? -5.166  -0.193  2.892   1.00 43.95  ? 129  PHE A C   1 
ATOM   790 O O   . PHE A 1 126 ? -4.309  -0.666  3.614   1.00 49.04  ? 129  PHE A O   1 
ATOM   791 C CB  . PHE A 1 126 ? -4.083  0.609   0.801   1.00 39.62  ? 129  PHE A CB  1 
ATOM   792 C CG  . PHE A 1 126 ? -3.917  1.688   -0.241  1.00 41.69  ? 129  PHE A CG  1 
ATOM   793 C CD1 . PHE A 1 126 ? -4.556  2.921   -0.117  1.00 40.74  ? 129  PHE A CD1 1 
ATOM   794 C CD2 . PHE A 1 126 ? -3.140  1.461   -1.359  1.00 41.42  ? 129  PHE A CD2 1 
ATOM   795 C CE1 . PHE A 1 126 ? -4.412  3.896   -1.087  1.00 45.45  ? 129  PHE A CE1 1 
ATOM   796 C CE2 . PHE A 1 126 ? -3.004  2.425   -2.338  1.00 42.57  ? 129  PHE A CE2 1 
ATOM   797 C CZ  . PHE A 1 126 ? -3.648  3.647   -2.202  1.00 44.81  ? 129  PHE A CZ  1 
ATOM   798 N N   . SER A 1 127 ? -6.384  -0.697  2.784   1.00 44.42  ? 130  SER A N   1 
ATOM   799 C CA  . SER A 1 127 ? -6.779  -1.944  3.387   1.00 48.03  ? 130  SER A CA  1 
ATOM   800 C C   . SER A 1 127 ? -7.088  -2.970  2.285   1.00 47.07  ? 130  SER A C   1 
ATOM   801 O O   . SER A 1 127 ? -7.823  -2.680  1.329   1.00 44.23  ? 130  SER A O   1 
ATOM   802 C CB  . SER A 1 127 ? -8.014  -1.741  4.255   1.00 48.91  ? 130  SER A CB  1 
ATOM   803 O OG  . SER A 1 127 ? -8.372  -2.956  4.893   1.00 51.22  ? 130  SER A OG  1 
ATOM   804 N N   . PHE A 1 128 ? -6.470  -4.143  2.389   1.00 45.60  ? 131  PHE A N   1 
ATOM   805 C CA  . PHE A 1 128 ? -6.566  -5.154  1.323   1.00 42.57  ? 131  PHE A CA  1 
ATOM   806 C C   . PHE A 1 128 ? -7.422  -6.298  1.774   1.00 48.10  ? 131  PHE A C   1 
ATOM   807 O O   . PHE A 1 128 ? -7.724  -6.429  2.974   1.00 49.11  ? 131  PHE A O   1 
ATOM   808 C CB  . PHE A 1 128 ? -5.178  -5.661  0.911   1.00 46.33  ? 131  PHE A CB  1 
ATOM   809 C CG  . PHE A 1 128 ? -4.382  -4.650  0.150   1.00 45.24  ? 131  PHE A CG  1 
ATOM   810 C CD1 . PHE A 1 128 ? -3.621  -3.704  0.830   1.00 43.49  ? 131  PHE A CD1 1 
ATOM   811 C CD2 . PHE A 1 128 ? -4.525  -4.539  -1.228  1.00 38.56  ? 131  PHE A CD2 1 
ATOM   812 C CE1 . PHE A 1 128 ? -2.958  -2.724  0.139   1.00 38.98  ? 131  PHE A CE1 1 
ATOM   813 C CE2 . PHE A 1 128 ? -3.855  -3.561  -1.923  1.00 41.54  ? 131  PHE A CE2 1 
ATOM   814 C CZ  . PHE A 1 128 ? -3.088  -2.640  -1.236  1.00 43.54  ? 131  PHE A CZ  1 
ATOM   815 N N   . LYS A 1 129 ? -7.831  -7.129  0.809   1.00 50.35  ? 132  LYS A N   1 
ATOM   816 C CA  . LYS A 1 129 ? -8.934  -8.056  1.028   1.00 56.24  ? 132  LYS A CA  1 
ATOM   817 C C   . LYS A 1 129 ? -8.480  -9.191  1.961   1.00 57.97  ? 132  LYS A C   1 
ATOM   818 O O   . LYS A 1 129 ? -9.291  -9.773  2.668   1.00 61.03  ? 132  LYS A O   1 
ATOM   819 C CB  . LYS A 1 129 ? -9.465  -8.583  -0.308  1.00 61.27  ? 132  LYS A CB  1 
ATOM   820 C CG  . LYS A 1 129 ? -10.667 -9.503  -0.166  1.00 78.46  ? 132  LYS A CG  1 
ATOM   821 C CD  . LYS A 1 129 ? -11.220 -9.986  -1.511  1.00 84.40  ? 132  LYS A CD  1 
ATOM   822 C CE  . LYS A 1 129 ? -12.406 -10.924 -1.316  1.00 91.34  ? 132  LYS A CE  1 
ATOM   823 N NZ  . LYS A 1 129 ? -12.951 -11.398 -2.628  1.00 110.82 ? 132  LYS A NZ  1 
ATOM   824 N N   . ASP A 1 130 ? -7.168  -9.432  2.017   1.00 56.76  ? 133  ASP A N   1 
ATOM   825 C CA  . ASP A 1 130 ? -6.582  -10.387 2.960   1.00 58.61  ? 133  ASP A CA  1 
ATOM   826 C C   . ASP A 1 130 ? -5.120  -10.026 3.281   1.00 54.43  ? 133  ASP A C   1 
ATOM   827 O O   . ASP A 1 130 ? -4.550  -9.117  2.675   1.00 55.27  ? 133  ASP A O   1 
ATOM   828 C CB  . ASP A 1 130 ? -6.652  -11.811 2.377   1.00 63.82  ? 133  ASP A CB  1 
ATOM   829 C CG  . ASP A 1 130 ? -5.855  -11.960 1.085   1.00 62.26  ? 133  ASP A CG  1 
ATOM   830 O OD1 . ASP A 1 130 ? -4.853  -11.251 0.910   1.00 70.58  ? 133  ASP A OD1 1 
ATOM   831 O OD2 . ASP A 1 130 ? -6.233  -12.782 0.241   1.00 63.95  ? 133  ASP A OD2 1 
ATOM   832 N N   . ILE A 1 131 ? -4.511  -10.793 4.181   1.00 51.23  ? 134  ILE A N   1 
ATOM   833 C CA  . ILE A 1 131 ? -3.207  -10.464 4.747   1.00 56.40  ? 134  ILE A CA  1 
ATOM   834 C C   . ILE A 1 131 ? -2.134  -10.573 3.693   1.00 59.96  ? 134  ILE A C   1 
ATOM   835 O O   . ILE A 1 131 ? -1.216  -9.748  3.613   1.00 60.00  ? 134  ILE A O   1 
ATOM   836 C CB  . ILE A 1 131 ? -2.846  -11.418 5.893   1.00 55.54  ? 134  ILE A CB  1 
ATOM   837 C CG1 . ILE A 1 131 ? -3.937  -11.377 6.963   1.00 64.31  ? 134  ILE A CG1 1 
ATOM   838 C CG2 . ILE A 1 131 ? -1.507  -11.025 6.495   1.00 59.21  ? 134  ILE A CG2 1 
ATOM   839 C CD1 . ILE A 1 131 ? -3.564  -12.018 8.292   1.00 66.18  ? 134  ILE A CD1 1 
ATOM   840 N N   . THR A 1 132 ? -2.253  -11.632 2.914   1.00 55.52  ? 135  THR A N   1 
ATOM   841 C CA  . THR A 1 132 ? -1.340  -11.948 1.856   1.00 53.38  ? 135  THR A CA  1 
ATOM   842 C C   . THR A 1 132 ? -1.202  -10.798 0.879   1.00 46.06  ? 135  THR A C   1 
ATOM   843 O O   . THR A 1 132 ? -0.085  -10.400 0.515   1.00 45.09  ? 135  THR A O   1 
ATOM   844 C CB  . THR A 1 132 ? -1.873  -13.182 1.105   1.00 59.80  ? 135  THR A CB  1 
ATOM   845 O OG1 . THR A 1 132 ? -1.709  -14.337 1.943   1.00 53.25  ? 135  THR A OG1 1 
ATOM   846 C CG2 . THR A 1 132 ? -1.163  -13.375 -0.264  1.00 54.78  ? 135  THR A CG2 1 
ATOM   847 N N   . ASP A 1 133 ? -2.339  -10.322 0.399   1.00 40.68  ? 136  ASP A N   1 
ATOM   848 C CA  . ASP A 1 133 ? -2.393  -9.153  -0.470  1.00 44.37  ? 136  ASP A CA  1 
ATOM   849 C C   . ASP A 1 133 ? -1.736  -7.924  0.155   1.00 47.53  ? 136  ASP A C   1 
ATOM   850 O O   . ASP A 1 133 ? -1.018  -7.180  -0.517  1.00 46.11  ? 136  ASP A O   1 
ATOM   851 C CB  . ASP A 1 133 ? -3.837  -8.846  -0.833  1.00 50.90  ? 136  ASP A CB  1 
ATOM   852 C CG  . ASP A 1 133 ? -4.329  -9.689  -1.990  1.00 54.06  ? 136  ASP A CG  1 
ATOM   853 O OD1 . ASP A 1 133 ? -3.546  -10.542 -2.480  1.00 56.82  ? 136  ASP A OD1 1 
ATOM   854 O OD2 . ASP A 1 133 ? -5.464  -9.468  -2.454  1.00 57.26  ? 136  ASP A OD2 1 
ATOM   855 N N   . ALA A 1 134 ? -1.950  -7.742  1.452   1.00 50.90  ? 137  ALA A N   1 
ATOM   856 C CA  . ALA A 1 134 ? -1.418  -6.579  2.153   1.00 48.59  ? 137  ALA A CA  1 
ATOM   857 C C   . ALA A 1 134 ? 0.086   -6.703  2.181   1.00 49.18  ? 137  ALA A C   1 
ATOM   858 O O   . ALA A 1 134 ? 0.803   -5.757  1.900   1.00 51.55  ? 137  ALA A O   1 
ATOM   859 C CB  . ALA A 1 134 ? -1.971  -6.518  3.564   1.00 41.44  ? 137  ALA A CB  1 
ATOM   860 N N   . GLN A 1 135 ? 0.554   -7.911  2.454   1.00 49.89  ? 138  GLN A N   1 
ATOM   861 C CA  . GLN A 1 135 ? 1.978   -8.170  2.541   1.00 52.76  ? 138  GLN A CA  1 
ATOM   862 C C   . GLN A 1 135 ? 2.662   -8.091  1.179   1.00 50.34  ? 138  GLN A C   1 
ATOM   863 O O   . GLN A 1 135 ? 3.817   -7.681  1.097   1.00 53.92  ? 138  GLN A O   1 
ATOM   864 C CB  . GLN A 1 135 ? 2.221   -9.516  3.210   1.00 63.05  ? 138  GLN A CB  1 
ATOM   865 C CG  . GLN A 1 135 ? 1.624   -9.575  4.608   1.00 64.86  ? 138  GLN A CG  1 
ATOM   866 C CD  . GLN A 1 135 ? 2.142   -10.728 5.436   1.00 68.80  ? 138  GLN A CD  1 
ATOM   867 O OE1 . GLN A 1 135 ? 2.578   -11.749 4.906   1.00 69.30  ? 138  GLN A OE1 1 
ATOM   868 N NE2 . GLN A 1 135 ? 2.050   -10.587 6.752   1.00 67.91  ? 138  GLN A NE2 1 
ATOM   869 N N   . CYS A 1 136 ? 1.922   -8.372  0.113   1.00 49.90  ? 139  CYS A N   1 
ATOM   870 C CA  . CYS A 1 136 ? 2.411   -8.122  -1.247  1.00 50.18  ? 139  CYS A CA  1 
ATOM   871 C C   . CYS A 1 136 ? 2.542   -6.647  -1.561  1.00 48.71  ? 139  CYS A C   1 
ATOM   872 O O   . CYS A 1 136 ? 3.476   -6.225  -2.255  1.00 50.74  ? 139  CYS A O   1 
ATOM   873 C CB  . CYS A 1 136 ? 1.487   -8.762  -2.283  1.00 51.31  ? 139  CYS A CB  1 
ATOM   874 S SG  . CYS A 1 136 ? 1.555   -10.564 -2.270  1.00 54.50  ? 139  CYS A SG  1 
ATOM   875 N N   . PHE A 1 137 ? 1.569   -5.855  -1.129  1.00 46.70  ? 140  PHE A N   1 
ATOM   876 C CA  . PHE A 1 137 ? 1.611   -4.433  -1.416  1.00 40.72  ? 140  PHE A CA  1 
ATOM   877 C C   . PHE A 1 137 ? 2.793   -3.854  -0.657  1.00 36.94  ? 140  PHE A C   1 
ATOM   878 O O   . PHE A 1 137 ? 3.593   -3.086  -1.206  1.00 38.89  ? 140  PHE A O   1 
ATOM   879 C CB  . PHE A 1 137 ? 0.303   -3.801  -1.013  1.00 45.21  ? 140  PHE A CB  1 
ATOM   880 C CG  . PHE A 1 137 ? 0.229   -2.347  -1.286  1.00 46.66  ? 140  PHE A CG  1 
ATOM   881 C CD1 . PHE A 1 137 ? 0.253   -1.871  -2.568  1.00 48.61  ? 140  PHE A CD1 1 
ATOM   882 C CD2 . PHE A 1 137 ? 0.113   -1.439  -0.237  1.00 51.71  ? 140  PHE A CD2 1 
ATOM   883 C CE1 . PHE A 1 137 ? 0.194   -0.517  -2.815  1.00 50.07  ? 140  PHE A CE1 1 
ATOM   884 C CE2 . PHE A 1 137 ? 0.031   -0.084  -0.483  1.00 48.09  ? 140  PHE A CE2 1 
ATOM   885 C CZ  . PHE A 1 137 ? 0.063   0.373   -1.771  1.00 46.14  ? 140  PHE A CZ  1 
ATOM   886 N N   . VAL A 1 138 ? 3.011   -4.365  0.549   1.00 36.59  ? 141  VAL A N   1 
ATOM   887 C CA  . VAL A 1 138 ? 4.182   -3.974  1.327   1.00 44.49  ? 141  VAL A CA  1 
ATOM   888 C C   . VAL A 1 138 ? 5.510   -4.246  0.552   1.00 47.74  ? 141  VAL A C   1 
ATOM   889 O O   . VAL A 1 138 ? 6.406   -3.380  0.482   1.00 51.45  ? 141  VAL A O   1 
ATOM   890 C CB  . VAL A 1 138 ? 4.192   -4.653  2.732   1.00 48.17  ? 141  VAL A CB  1 
ATOM   891 C CG1 . VAL A 1 138 ? 5.508   -4.392  3.456   1.00 49.26  ? 141  VAL A CG1 1 
ATOM   892 C CG2 . VAL A 1 138 ? 3.054   -4.129  3.599   1.00 51.99  ? 141  VAL A CG2 1 
ATOM   893 N N   . SER A 1 139 ? 5.610   -5.412  -0.070  1.00 52.69  ? 142  SER A N   1 
ATOM   894 C CA  . SER A 1 139 ? 6.824   -5.785  -0.801  1.00 53.10  ? 142  SER A CA  1 
ATOM   895 C C   . SER A 1 139 ? 6.956   -4.973  -2.062  1.00 45.82  ? 142  SER A C   1 
ATOM   896 O O   . SER A 1 139 ? 8.050   -4.561  -2.423  1.00 52.66  ? 142  SER A O   1 
ATOM   897 C CB  . SER A 1 139 ? 6.812   -7.266  -1.133  1.00 54.04  ? 142  SER A CB  1 
ATOM   898 O OG  . SER A 1 139 ? 7.093   -8.009  0.034   1.00 66.96  ? 142  SER A OG  1 
ATOM   899 N N   . PHE A 1 140 ? 5.836   -4.716  -2.724  1.00 42.73  ? 143  PHE A N   1 
ATOM   900 C CA  . PHE A 1 140 ? 5.857   -3.892  -3.916  1.00 45.44  ? 143  PHE A CA  1 
ATOM   901 C C   . PHE A 1 140 ? 6.330   -2.485  -3.567  1.00 51.09  ? 143  PHE A C   1 
ATOM   902 O O   . PHE A 1 140 ? 7.156   -1.907  -4.266  1.00 63.01  ? 143  PHE A O   1 
ATOM   903 C CB  . PHE A 1 140 ? 4.463   -3.849  -4.542  1.00 44.47  ? 143  PHE A CB  1 
ATOM   904 C CG  . PHE A 1 140 ? 4.274   -2.739  -5.529  1.00 50.34  ? 143  PHE A CG  1 
ATOM   905 C CD1 . PHE A 1 140 ? 5.014   -2.698  -6.690  1.00 49.24  ? 143  PHE A CD1 1 
ATOM   906 C CD2 . PHE A 1 140 ? 3.359   -1.734  -5.287  1.00 58.86  ? 143  PHE A CD2 1 
ATOM   907 C CE1 . PHE A 1 140 ? 4.845   -1.676  -7.600  1.00 55.79  ? 143  PHE A CE1 1 
ATOM   908 C CE2 . PHE A 1 140 ? 3.182   -0.707  -6.192  1.00 60.13  ? 143  PHE A CE2 1 
ATOM   909 C CZ  . PHE A 1 140 ? 3.927   -0.679  -7.350  1.00 60.55  ? 143  PHE A CZ  1 
ATOM   910 N N   . LEU A 1 141 ? 5.819   -1.954  -2.464  1.00 56.43  ? 144  LEU A N   1 
ATOM   911 C CA  . LEU A 1 141 ? 6.194   -0.625  -2.004  1.00 52.22  ? 144  LEU A CA  1 
ATOM   912 C C   . LEU A 1 141 ? 7.667   -0.583  -1.647  1.00 48.49  ? 144  LEU A C   1 
ATOM   913 O O   . LEU A 1 141 ? 8.352   0.396   -1.913  1.00 56.99  ? 144  LEU A O   1 
ATOM   914 C CB  . LEU A 1 141 ? 5.347   -0.205  -0.803  1.00 48.94  ? 144  LEU A CB  1 
ATOM   915 C CG  . LEU A 1 141 ? 3.901   0.189   -1.096  1.00 50.23  ? 144  LEU A CG  1 
ATOM   916 C CD1 . LEU A 1 141 ? 3.251   0.793   0.136   1.00 50.52  ? 144  LEU A CD1 1 
ATOM   917 C CD2 . LEU A 1 141 ? 3.836   1.152   -2.267  1.00 47.32  ? 144  LEU A CD2 1 
ATOM   918 N N   . ASP A 1 142 ? 8.149   -1.654  -1.034  1.00 48.92  ? 145  ASP A N   1 
ATOM   919 C CA  . ASP A 1 142 ? 9.533   -1.723  -0.609  1.00 56.57  ? 145  ASP A CA  1 
ATOM   920 C C   . ASP A 1 142 ? 10.471  -1.626  -1.800  1.00 59.95  ? 145  ASP A C   1 
ATOM   921 O O   . ASP A 1 142 ? 11.485  -0.941  -1.740  1.00 59.15  ? 145  ASP A O   1 
ATOM   922 C CB  . ASP A 1 142 ? 9.787   -3.032  0.129   1.00 67.08  ? 145  ASP A CB  1 
ATOM   923 C CG  . ASP A 1 142 ? 10.368  -2.819  1.503   1.00 81.64  ? 145  ASP A CG  1 
ATOM   924 O OD1 . ASP A 1 142 ? 11.488  -2.280  1.596   1.00 86.95  ? 145  ASP A OD1 1 
ATOM   925 O OD2 . ASP A 1 142 ? 9.705   -3.194  2.491   1.00 85.15  ? 145  ASP A OD2 1 
ATOM   926 N N   . ASP A 1 143 ? 10.127  -2.307  -2.886  1.00 53.86  ? 146  ASP A N   1 
ATOM   927 C CA  . ASP A 1 143 ? 10.945  -2.267  -4.088  1.00 54.50  ? 146  ASP A CA  1 
ATOM   928 C C   . ASP A 1 143 ? 11.005  -0.868  -4.681  1.00 54.59  ? 146  ASP A C   1 
ATOM   929 O O   . ASP A 1 143 ? 12.061  -0.413  -5.105  1.00 59.09  ? 146  ASP A O   1 
ATOM   930 C CB  . ASP A 1 143 ? 10.409  -3.245  -5.131  1.00 54.47  ? 146  ASP A CB  1 
ATOM   931 C CG  . ASP A 1 143 ? 10.518  -4.681  -4.686  1.00 57.55  ? 146  ASP A CG  1 
ATOM   932 O OD1 . ASP A 1 143 ? 11.402  -4.982  -3.863  1.00 69.82  ? 146  ASP A OD1 1 
ATOM   933 O OD2 . ASP A 1 143 ? 9.718   -5.511  -5.159  1.00 70.78  ? 146  ASP A OD2 1 
ATOM   934 N N   . GLU A 1 144 ? 9.866   -0.188  -4.699  1.00 57.35  ? 147  GLU A N   1 
ATOM   935 C CA  . GLU A 1 144 ? 9.777   1.149   -5.279  1.00 58.90  ? 147  GLU A CA  1 
ATOM   936 C C   . GLU A 1 144 ? 10.594  2.129   -4.484  1.00 53.06  ? 147  GLU A C   1 
ATOM   937 O O   . GLU A 1 144 ? 11.287  2.958   -5.039  1.00 58.51  ? 147  GLU A O   1 
ATOM   938 C CB  . GLU A 1 144 ? 8.331   1.602   -5.312  1.00 60.07  ? 147  GLU A CB  1 
ATOM   939 C CG  . GLU A 1 144 ? 7.487   0.755   -6.236  1.00 68.66  ? 147  GLU A CG  1 
ATOM   940 C CD  . GLU A 1 144 ? 8.047   0.717   -7.657  1.00 72.40  ? 147  GLU A CD  1 
ATOM   941 O OE1 . GLU A 1 144 ? 8.692   1.718   -8.065  1.00 62.34  ? 147  GLU A OE1 1 
ATOM   942 O OE2 . GLU A 1 144 ? 7.835   -0.309  -8.364  1.00 67.55  ? 147  GLU A OE2 1 
ATOM   943 N N   . ILE A 1 145 ? 10.555  1.974   -3.174  1.00 54.42  ? 148  ILE A N   1 
ATOM   944 C CA  . ILE A 1 145 ? 11.283  2.842   -2.260  1.00 62.81  ? 148  ILE A CA  1 
ATOM   945 C C   . ILE A 1 145 ? 12.801  2.694   -2.404  1.00 67.05  ? 148  ILE A C   1 
ATOM   946 O O   . ILE A 1 145 ? 13.526  3.681   -2.412  1.00 69.62  ? 148  ILE A O   1 
ATOM   947 C CB  . ILE A 1 145 ? 10.883  2.532   -0.813  1.00 56.42  ? 148  ILE A CB  1 
ATOM   948 C CG1 . ILE A 1 145 ? 9.473   3.049   -0.561  1.00 54.35  ? 148  ILE A CG1 1 
ATOM   949 C CG2 . ILE A 1 145 ? 11.875  3.147   0.174   1.00 53.24  ? 148  ILE A CG2 1 
ATOM   950 C CD1 . ILE A 1 145 ? 8.856   2.518   0.704   1.00 51.51  ? 148  ILE A CD1 1 
ATOM   951 N N   . LYS A 1 146 ? 13.266  1.450   -2.490  1.00 73.78  ? 149  LYS A N   1 
ATOM   952 C CA  . LYS A 1 146 ? 14.671  1.164   -2.729  1.00 74.80  ? 149  LYS A CA  1 
ATOM   953 C C   . LYS A 1 146 ? 15.118  1.789   -4.043  1.00 73.89  ? 149  LYS A C   1 
ATOM   954 O O   . LYS A 1 146 ? 16.100  2.531   -4.075  1.00 72.96  ? 149  LYS A O   1 
ATOM   955 C CB  . LYS A 1 146 ? 14.909  -0.345  -2.743  1.00 82.11  ? 149  LYS A CB  1 
ATOM   956 C CG  . LYS A 1 146 ? 14.970  -0.961  -1.349  1.00 98.07  ? 149  LYS A CG  1 
ATOM   957 C CD  . LYS A 1 146 ? 14.529  -2.429  -1.316  1.00 114.34 ? 149  LYS A CD  1 
ATOM   958 C CE  . LYS A 1 146 ? 15.629  -3.385  -1.785  1.00 115.27 ? 149  LYS A CE  1 
ATOM   959 N NZ  . LYS A 1 146 ? 15.535  -4.732  -1.147  1.00 109.56 ? 149  LYS A NZ  1 
ATOM   960 N N   . LYS A 1 147 ? 14.383  1.498   -5.114  1.00 64.30  ? 150  LYS A N   1 
ATOM   961 C CA  . LYS A 1 147 ? 14.584  2.167   -6.405  1.00 72.91  ? 150  LYS A CA  1 
ATOM   962 C C   . LYS A 1 147 ? 14.743  3.663   -6.233  1.00 75.12  ? 150  LYS A C   1 
ATOM   963 O O   . LYS A 1 147 ? 15.712  4.251   -6.709  1.00 97.43  ? 150  LYS A O   1 
ATOM   964 C CB  . LYS A 1 147 ? 13.381  1.936   -7.310  1.00 70.05  ? 150  LYS A CB  1 
ATOM   965 C CG  . LYS A 1 147 ? 13.617  0.948   -8.418  1.00 72.72  ? 150  LYS A CG  1 
ATOM   966 C CD  . LYS A 1 147 ? 12.573  1.102   -9.510  1.00 74.91  ? 150  LYS A CD  1 
ATOM   967 C CE  . LYS A 1 147 ? 11.378  0.202   -9.251  1.00 77.62  ? 150  LYS A CE  1 
ATOM   968 N NZ  . LYS A 1 147 ? 10.154  0.713   -9.933  1.00 87.87  ? 150  LYS A NZ  1 
ATOM   969 N N   . ASN A 1 148 ? 13.769  4.278   -5.568  1.00 75.52  ? 151  ASN A N   1 
ATOM   970 C CA  . ASN A 1 148 ? 13.679  5.729   -5.460  1.00 73.24  ? 151  ASN A CA  1 
ATOM   971 C C   . ASN A 1 148 ? 14.880  6.318   -4.751  1.00 78.75  ? 151  ASN A C   1 
ATOM   972 O O   . ASN A 1 148 ? 15.384  7.375   -5.122  1.00 81.54  ? 151  ASN A O   1 
ATOM   973 C CB  . ASN A 1 148 ? 12.402  6.127   -4.725  1.00 72.80  ? 151  ASN A CB  1 
ATOM   974 C CG  . ASN A 1 148 ? 11.151  5.766   -5.493  1.00 67.99  ? 151  ASN A CG  1 
ATOM   975 O OD1 . ASN A 1 148 ? 11.218  5.344   -6.643  1.00 73.91  ? 151  ASN A OD1 1 
ATOM   976 N ND2 . ASN A 1 148 ? 10.002  5.930   -4.860  1.00 71.72  ? 151  ASN A ND2 1 
ATOM   977 N N   . GLN A 1 149 ? 15.329  5.622   -3.720  1.00 85.44  ? 152  GLN A N   1 
ATOM   978 C CA  . GLN A 1 149 ? 16.532  5.989   -3.003  1.00 84.74  ? 152  GLN A CA  1 
ATOM   979 C C   . GLN A 1 149 ? 17.711  5.691   -3.914  1.00 88.89  ? 152  GLN A C   1 
ATOM   980 O O   . GLN A 1 149 ? 18.842  6.091   -3.646  1.00 80.29  ? 152  GLN A O   1 
ATOM   981 C CB  . GLN A 1 149 ? 16.623  5.203   -1.700  1.00 89.23  ? 152  GLN A CB  1 
ATOM   982 C CG  . GLN A 1 149 ? 15.312  5.182   -0.929  1.00 90.34  ? 152  GLN A CG  1 
ATOM   983 C CD  . GLN A 1 149 ? 15.440  4.533   0.433   1.00 96.49  ? 152  GLN A CD  1 
ATOM   984 O OE1 . GLN A 1 149 ? 14.969  5.069   1.435   1.00 100.16 ? 152  GLN A OE1 1 
ATOM   985 N NE2 . GLN A 1 149 ? 16.076  3.370   0.476   1.00 93.77  ? 152  GLN A NE2 1 
ATOM   986 N N   . GLU A 1 150 ? 17.429  4.952   -4.981  1.00 98.74  ? 153  GLU A N   1 
ATOM   987 C CA  . GLU A 1 150 ? 18.454  4.475   -5.902  1.00 92.49  ? 153  GLU A CA  1 
ATOM   988 C C   . GLU A 1 150 ? 19.401  3.525   -5.190  1.00 94.24  ? 153  GLU A C   1 
ATOM   989 O O   . GLU A 1 150 ? 19.412  3.460   -3.964  1.00 95.10  ? 153  GLU A O   1 
ATOM   990 C CB  . GLU A 1 150 ? 19.237  5.641   -6.498  1.00 89.53  ? 153  GLU A CB  1 
ATOM   991 C CG  . GLU A 1 150 ? 18.368  6.759   -7.042  1.00 89.61  ? 153  GLU A CG  1 
ATOM   992 C CD  . GLU A 1 150 ? 18.849  8.127   -6.607  1.00 97.60  ? 153  GLU A CD  1 
ATOM   993 O OE1 . GLU A 1 150 ? 19.738  8.192   -5.734  1.00 87.53  ? 153  GLU A OE1 1 
ATOM   994 O OE2 . GLU A 1 150 ? 18.340  9.135   -7.139  1.00 92.81  ? 153  GLU A OE2 1 
HETATM 995 O O   . HOH B 2 .   ? 2.724   -3.064  21.576  1.00 56.85  ? 2001 HOH A O   1 
HETATM 996 O O   . HOH B 2 .   ? 6.960   -0.603  9.406   1.00 46.26  ? 2002 HOH A O   1 
HETATM 997 O O   . HOH B 2 .   ? 2.926   4.566   12.225  1.00 38.38  ? 2003 HOH A O   1 
HETATM 998 O O   . HOH B 2 .   ? -0.728  12.545  7.275   1.00 42.85  ? 2004 HOH A O   1 
# 
